data_1IJZ
# 
_entry.id   1IJZ 
# 
_audit_conform.dict_name       mmcif_pdbx.dic 
_audit_conform.dict_version    5.397 
_audit_conform.dict_location   http://mmcif.pdb.org/dictionaries/ascii/mmcif_pdbx.dic 
# 
loop_
_database_2.database_id 
_database_2.database_code 
_database_2.pdbx_database_accession 
_database_2.pdbx_DOI 
PDB   1IJZ         pdb_00001ijz 10.2210/pdb1ijz/pdb 
RCSB  RCSB013350   ?            ?                   
WWPDB D_1000013350 ?            ?                   
# 
loop_
_pdbx_audit_revision_history.ordinal 
_pdbx_audit_revision_history.data_content_type 
_pdbx_audit_revision_history.major_revision 
_pdbx_audit_revision_history.minor_revision 
_pdbx_audit_revision_history.revision_date 
1 'Structure model' 1 0 2002-05-01 
2 'Structure model' 1 1 2008-04-27 
3 'Structure model' 1 2 2011-07-13 
4 'Structure model' 1 3 2022-02-23 
5 'Structure model' 1 4 2024-10-30 
# 
_pdbx_audit_revision_details.ordinal             1 
_pdbx_audit_revision_details.revision_ordinal    1 
_pdbx_audit_revision_details.data_content_type   'Structure model' 
_pdbx_audit_revision_details.provider            repository 
_pdbx_audit_revision_details.type                'Initial release' 
_pdbx_audit_revision_details.description         ? 
_pdbx_audit_revision_details.details             ? 
# 
loop_
_pdbx_audit_revision_group.ordinal 
_pdbx_audit_revision_group.revision_ordinal 
_pdbx_audit_revision_group.data_content_type 
_pdbx_audit_revision_group.group 
1 2 'Structure model' 'Version format compliance' 
2 3 'Structure model' 'Version format compliance' 
3 4 'Structure model' 'Data collection'           
4 4 'Structure model' 'Database references'       
5 4 'Structure model' 'Derived calculations'      
6 5 'Structure model' 'Data collection'           
7 5 'Structure model' 'Structure summary'         
# 
loop_
_pdbx_audit_revision_category.ordinal 
_pdbx_audit_revision_category.revision_ordinal 
_pdbx_audit_revision_category.data_content_type 
_pdbx_audit_revision_category.category 
1  4 'Structure model' database_2                
2  4 'Structure model' pdbx_nmr_software         
3  4 'Structure model' pdbx_nmr_spectrometer     
4  4 'Structure model' pdbx_struct_assembly      
5  4 'Structure model' pdbx_struct_oper_list     
6  4 'Structure model' struct_ref_seq_dif        
7  5 'Structure model' chem_comp_atom            
8  5 'Structure model' chem_comp_bond            
9  5 'Structure model' pdbx_entry_details        
10 5 'Structure model' pdbx_modification_feature 
# 
loop_
_pdbx_audit_revision_item.ordinal 
_pdbx_audit_revision_item.revision_ordinal 
_pdbx_audit_revision_item.data_content_type 
_pdbx_audit_revision_item.item 
1 4 'Structure model' '_database_2.pdbx_DOI'                
2 4 'Structure model' '_database_2.pdbx_database_accession' 
3 4 'Structure model' '_pdbx_nmr_software.name'             
4 4 'Structure model' '_pdbx_nmr_spectrometer.model'        
5 4 'Structure model' '_struct_ref_seq_dif.details'         
# 
_pdbx_database_status.status_code                     REL 
_pdbx_database_status.entry_id                        1IJZ 
_pdbx_database_status.recvd_initial_deposition_date   2001-05-01 
_pdbx_database_status.deposit_site                    RCSB 
_pdbx_database_status.process_site                    RCSB 
_pdbx_database_status.status_code_mr                  REL 
_pdbx_database_status.SG_entry                        . 
_pdbx_database_status.pdb_format_compatible           Y 
_pdbx_database_status.status_code_sf                  ? 
_pdbx_database_status.status_code_cs                  ? 
_pdbx_database_status.status_code_nmr_data            ? 
_pdbx_database_status.methods_development_category    ? 
# 
_pdbx_database_related.db_name        PDB 
_pdbx_database_related.db_id          1IK0 
_pdbx_database_related.details        '1IK0 contains the ensemble structures for IL-13' 
_pdbx_database_related.content_type   unspecified 
# 
loop_
_audit_author.name 
_audit_author.pdbx_ordinal 
'Moy, F.J.'    1 
'Diblasio, E.' 2 
'Wilhelm, J.'  3 
'Powers, R.'   4 
# 
_citation.id                        primary 
_citation.title                     'Solution structure of human IL-13 and implication for receptor binding.' 
_citation.journal_abbrev            J.Mol.Biol. 
_citation.journal_volume            310 
_citation.page_first                219 
_citation.page_last                 230 
_citation.year                      2001 
_citation.journal_id_ASTM           JMOBAK 
_citation.country                   UK 
_citation.journal_id_ISSN           0022-2836 
_citation.journal_id_CSD            0070 
_citation.book_publisher            ? 
_citation.pdbx_database_id_PubMed   11419948 
_citation.pdbx_database_id_DOI      10.1006/jmbi.2001.4764 
# 
loop_
_citation_author.citation_id 
_citation_author.name 
_citation_author.ordinal 
_citation_author.identifier_ORCID 
primary 'Moy, F.J.'    1 ? 
primary 'Diblasio, E.' 2 ? 
primary 'Wilhelm, J.'  3 ? 
primary 'Powers, R.'   4 ? 
# 
_entity.id                         1 
_entity.type                       polymer 
_entity.src_method                 man 
_entity.pdbx_description           INTERLEUKIN-13 
_entity.formula_weight             12490.583 
_entity.pdbx_number_of_molecules   1 
_entity.pdbx_ec                    ? 
_entity.pdbx_mutation              ? 
_entity.pdbx_fragment              ? 
_entity.details                    ? 
# 
_entity_name_com.entity_id   1 
_entity_name_com.name        IL-13 
# 
_entity_poly.entity_id                      1 
_entity_poly.type                           'polypeptide(L)' 
_entity_poly.nstd_linkage                   no 
_entity_poly.nstd_monomer                   no 
_entity_poly.pdbx_seq_one_letter_code       
;MGPVPPSTALRELIEELVNITQNQKAPLCNGSMVWSINLTAGMYCAALESLINVSGCSAIEKTQRMLSGFCPHKVSAGQF
SSLHVRDTKIEVAQFVKDLLLHLKKLFREGRFN
;
_entity_poly.pdbx_seq_one_letter_code_can   
;MGPVPPSTALRELIEELVNITQNQKAPLCNGSMVWSINLTAGMYCAALESLINVSGCSAIEKTQRMLSGFCPHKVSAGQF
SSLHVRDTKIEVAQFVKDLLLHLKKLFREGRFN
;
_entity_poly.pdbx_strand_id                 A 
_entity_poly.pdbx_target_identifier         ? 
# 
loop_
_entity_poly_seq.entity_id 
_entity_poly_seq.num 
_entity_poly_seq.mon_id 
_entity_poly_seq.hetero 
1 1   MET n 
1 2   GLY n 
1 3   PRO n 
1 4   VAL n 
1 5   PRO n 
1 6   PRO n 
1 7   SER n 
1 8   THR n 
1 9   ALA n 
1 10  LEU n 
1 11  ARG n 
1 12  GLU n 
1 13  LEU n 
1 14  ILE n 
1 15  GLU n 
1 16  GLU n 
1 17  LEU n 
1 18  VAL n 
1 19  ASN n 
1 20  ILE n 
1 21  THR n 
1 22  GLN n 
1 23  ASN n 
1 24  GLN n 
1 25  LYS n 
1 26  ALA n 
1 27  PRO n 
1 28  LEU n 
1 29  CYS n 
1 30  ASN n 
1 31  GLY n 
1 32  SER n 
1 33  MET n 
1 34  VAL n 
1 35  TRP n 
1 36  SER n 
1 37  ILE n 
1 38  ASN n 
1 39  LEU n 
1 40  THR n 
1 41  ALA n 
1 42  GLY n 
1 43  MET n 
1 44  TYR n 
1 45  CYS n 
1 46  ALA n 
1 47  ALA n 
1 48  LEU n 
1 49  GLU n 
1 50  SER n 
1 51  LEU n 
1 52  ILE n 
1 53  ASN n 
1 54  VAL n 
1 55  SER n 
1 56  GLY n 
1 57  CYS n 
1 58  SER n 
1 59  ALA n 
1 60  ILE n 
1 61  GLU n 
1 62  LYS n 
1 63  THR n 
1 64  GLN n 
1 65  ARG n 
1 66  MET n 
1 67  LEU n 
1 68  SER n 
1 69  GLY n 
1 70  PHE n 
1 71  CYS n 
1 72  PRO n 
1 73  HIS n 
1 74  LYS n 
1 75  VAL n 
1 76  SER n 
1 77  ALA n 
1 78  GLY n 
1 79  GLN n 
1 80  PHE n 
1 81  SER n 
1 82  SER n 
1 83  LEU n 
1 84  HIS n 
1 85  VAL n 
1 86  ARG n 
1 87  ASP n 
1 88  THR n 
1 89  LYS n 
1 90  ILE n 
1 91  GLU n 
1 92  VAL n 
1 93  ALA n 
1 94  GLN n 
1 95  PHE n 
1 96  VAL n 
1 97  LYS n 
1 98  ASP n 
1 99  LEU n 
1 100 LEU n 
1 101 LEU n 
1 102 HIS n 
1 103 LEU n 
1 104 LYS n 
1 105 LYS n 
1 106 LEU n 
1 107 PHE n 
1 108 ARG n 
1 109 GLU n 
1 110 GLY n 
1 111 ARG n 
1 112 PHE n 
1 113 ASN n 
# 
_entity_src_gen.entity_id                          1 
_entity_src_gen.pdbx_src_id                        1 
_entity_src_gen.pdbx_alt_source_flag               sample 
_entity_src_gen.pdbx_seq_type                      ? 
_entity_src_gen.pdbx_beg_seq_num                   ? 
_entity_src_gen.pdbx_end_seq_num                   ? 
_entity_src_gen.gene_src_common_name               human 
_entity_src_gen.gene_src_genus                     Homo 
_entity_src_gen.pdbx_gene_src_gene                 ? 
_entity_src_gen.gene_src_species                   ? 
_entity_src_gen.gene_src_strain                    ? 
_entity_src_gen.gene_src_tissue                    ? 
_entity_src_gen.gene_src_tissue_fraction           ? 
_entity_src_gen.gene_src_details                   ? 
_entity_src_gen.pdbx_gene_src_fragment             ? 
_entity_src_gen.pdbx_gene_src_scientific_name      'Homo sapiens' 
_entity_src_gen.pdbx_gene_src_ncbi_taxonomy_id     9606 
_entity_src_gen.pdbx_gene_src_variant              ? 
_entity_src_gen.pdbx_gene_src_cell_line            ? 
_entity_src_gen.pdbx_gene_src_atcc                 ? 
_entity_src_gen.pdbx_gene_src_organ                ? 
_entity_src_gen.pdbx_gene_src_organelle            ? 
_entity_src_gen.pdbx_gene_src_cell                 ? 
_entity_src_gen.pdbx_gene_src_cellular_location    ? 
_entity_src_gen.host_org_common_name               ? 
_entity_src_gen.pdbx_host_org_scientific_name      'Escherichia coli BL21(DE3)' 
_entity_src_gen.pdbx_host_org_ncbi_taxonomy_id     469008 
_entity_src_gen.host_org_genus                     Escherichia 
_entity_src_gen.pdbx_host_org_gene                 ? 
_entity_src_gen.pdbx_host_org_organ                ? 
_entity_src_gen.host_org_species                   'Escherichia coli' 
_entity_src_gen.pdbx_host_org_tissue               ? 
_entity_src_gen.pdbx_host_org_tissue_fraction      ? 
_entity_src_gen.pdbx_host_org_strain               'BL21(DE3)' 
_entity_src_gen.pdbx_host_org_variant              ? 
_entity_src_gen.pdbx_host_org_cell_line            ? 
_entity_src_gen.pdbx_host_org_atcc                 ? 
_entity_src_gen.pdbx_host_org_culture_collection   ? 
_entity_src_gen.pdbx_host_org_cell                 ? 
_entity_src_gen.pdbx_host_org_organelle            ? 
_entity_src_gen.pdbx_host_org_cellular_location    ? 
_entity_src_gen.pdbx_host_org_vector_type          plasmid 
_entity_src_gen.pdbx_host_org_vector               ? 
_entity_src_gen.host_org_details                   ? 
_entity_src_gen.expression_system_id               ? 
_entity_src_gen.plasmid_name                       pRSET 
_entity_src_gen.plasmid_details                    ? 
_entity_src_gen.pdbx_description                   ? 
# 
loop_
_chem_comp.id 
_chem_comp.type 
_chem_comp.mon_nstd_flag 
_chem_comp.name 
_chem_comp.pdbx_synonyms 
_chem_comp.formula 
_chem_comp.formula_weight 
ALA 'L-peptide linking' y ALANINE         ? 'C3 H7 N O2'     89.093  
ARG 'L-peptide linking' y ARGININE        ? 'C6 H15 N4 O2 1' 175.209 
ASN 'L-peptide linking' y ASPARAGINE      ? 'C4 H8 N2 O3'    132.118 
ASP 'L-peptide linking' y 'ASPARTIC ACID' ? 'C4 H7 N O4'     133.103 
CYS 'L-peptide linking' y CYSTEINE        ? 'C3 H7 N O2 S'   121.158 
GLN 'L-peptide linking' y GLUTAMINE       ? 'C5 H10 N2 O3'   146.144 
GLU 'L-peptide linking' y 'GLUTAMIC ACID' ? 'C5 H9 N O4'     147.129 
GLY 'peptide linking'   y GLYCINE         ? 'C2 H5 N O2'     75.067  
HIS 'L-peptide linking' y HISTIDINE       ? 'C6 H10 N3 O2 1' 156.162 
ILE 'L-peptide linking' y ISOLEUCINE      ? 'C6 H13 N O2'    131.173 
LEU 'L-peptide linking' y LEUCINE         ? 'C6 H13 N O2'    131.173 
LYS 'L-peptide linking' y LYSINE          ? 'C6 H15 N2 O2 1' 147.195 
MET 'L-peptide linking' y METHIONINE      ? 'C5 H11 N O2 S'  149.211 
PHE 'L-peptide linking' y PHENYLALANINE   ? 'C9 H11 N O2'    165.189 
PRO 'L-peptide linking' y PROLINE         ? 'C5 H9 N O2'     115.130 
SER 'L-peptide linking' y SERINE          ? 'C3 H7 N O3'     105.093 
THR 'L-peptide linking' y THREONINE       ? 'C4 H9 N O3'     119.119 
TRP 'L-peptide linking' y TRYPTOPHAN      ? 'C11 H12 N2 O2'  204.225 
TYR 'L-peptide linking' y TYROSINE        ? 'C9 H11 N O3'    181.189 
VAL 'L-peptide linking' y VALINE          ? 'C5 H11 N O2'    117.146 
# 
loop_
_pdbx_poly_seq_scheme.asym_id 
_pdbx_poly_seq_scheme.entity_id 
_pdbx_poly_seq_scheme.seq_id 
_pdbx_poly_seq_scheme.mon_id 
_pdbx_poly_seq_scheme.ndb_seq_num 
_pdbx_poly_seq_scheme.pdb_seq_num 
_pdbx_poly_seq_scheme.auth_seq_num 
_pdbx_poly_seq_scheme.pdb_mon_id 
_pdbx_poly_seq_scheme.auth_mon_id 
_pdbx_poly_seq_scheme.pdb_strand_id 
_pdbx_poly_seq_scheme.pdb_ins_code 
_pdbx_poly_seq_scheme.hetero 
A 1 1   MET 1   1   1   MET MET A . n 
A 1 2   GLY 2   2   2   GLY GLY A . n 
A 1 3   PRO 3   3   3   PRO PRO A . n 
A 1 4   VAL 4   4   4   VAL VAL A . n 
A 1 5   PRO 5   5   5   PRO PRO A . n 
A 1 6   PRO 6   6   6   PRO PRO A . n 
A 1 7   SER 7   7   7   SER SER A . n 
A 1 8   THR 8   8   8   THR THR A . n 
A 1 9   ALA 9   9   9   ALA ALA A . n 
A 1 10  LEU 10  10  10  LEU LEU A . n 
A 1 11  ARG 11  11  11  ARG ARG A . n 
A 1 12  GLU 12  12  12  GLU GLU A . n 
A 1 13  LEU 13  13  13  LEU LEU A . n 
A 1 14  ILE 14  14  14  ILE ILE A . n 
A 1 15  GLU 15  15  15  GLU GLU A . n 
A 1 16  GLU 16  16  16  GLU GLU A . n 
A 1 17  LEU 17  17  17  LEU LEU A . n 
A 1 18  VAL 18  18  18  VAL VAL A . n 
A 1 19  ASN 19  19  19  ASN ASN A . n 
A 1 20  ILE 20  20  20  ILE ILE A . n 
A 1 21  THR 21  21  21  THR THR A . n 
A 1 22  GLN 22  22  22  GLN GLN A . n 
A 1 23  ASN 23  23  23  ASN ASN A . n 
A 1 24  GLN 24  24  24  GLN GLN A . n 
A 1 25  LYS 25  25  25  LYS LYS A . n 
A 1 26  ALA 26  26  26  ALA ALA A . n 
A 1 27  PRO 27  27  27  PRO PRO A . n 
A 1 28  LEU 28  28  28  LEU LEU A . n 
A 1 29  CYS 29  29  29  CYS CYS A . n 
A 1 30  ASN 30  30  30  ASN ASN A . n 
A 1 31  GLY 31  31  31  GLY GLY A . n 
A 1 32  SER 32  32  32  SER SER A . n 
A 1 33  MET 33  33  33  MET MET A . n 
A 1 34  VAL 34  34  34  VAL VAL A . n 
A 1 35  TRP 35  35  35  TRP TRP A . n 
A 1 36  SER 36  36  36  SER SER A . n 
A 1 37  ILE 37  37  37  ILE ILE A . n 
A 1 38  ASN 38  38  38  ASN ASN A . n 
A 1 39  LEU 39  39  39  LEU LEU A . n 
A 1 40  THR 40  40  40  THR THR A . n 
A 1 41  ALA 41  41  41  ALA ALA A . n 
A 1 42  GLY 42  42  42  GLY GLY A . n 
A 1 43  MET 43  43  43  MET MET A . n 
A 1 44  TYR 44  44  44  TYR TYR A . n 
A 1 45  CYS 45  45  45  CYS CYS A . n 
A 1 46  ALA 46  46  46  ALA ALA A . n 
A 1 47  ALA 47  47  47  ALA ALA A . n 
A 1 48  LEU 48  48  48  LEU LEU A . n 
A 1 49  GLU 49  49  49  GLU GLU A . n 
A 1 50  SER 50  50  50  SER SER A . n 
A 1 51  LEU 51  51  51  LEU LEU A . n 
A 1 52  ILE 52  52  52  ILE ILE A . n 
A 1 53  ASN 53  53  53  ASN ASN A . n 
A 1 54  VAL 54  54  54  VAL VAL A . n 
A 1 55  SER 55  55  55  SER SER A . n 
A 1 56  GLY 56  56  56  GLY GLY A . n 
A 1 57  CYS 57  57  57  CYS CYS A . n 
A 1 58  SER 58  58  58  SER SER A . n 
A 1 59  ALA 59  59  59  ALA ALA A . n 
A 1 60  ILE 60  60  60  ILE ILE A . n 
A 1 61  GLU 61  61  61  GLU GLU A . n 
A 1 62  LYS 62  62  62  LYS LYS A . n 
A 1 63  THR 63  63  63  THR THR A . n 
A 1 64  GLN 64  64  64  GLN GLN A . n 
A 1 65  ARG 65  65  65  ARG ARG A . n 
A 1 66  MET 66  66  66  MET MET A . n 
A 1 67  LEU 67  67  67  LEU LEU A . n 
A 1 68  SER 68  68  68  SER SER A . n 
A 1 69  GLY 69  69  69  GLY GLY A . n 
A 1 70  PHE 70  70  70  PHE PHE A . n 
A 1 71  CYS 71  71  71  CYS CYS A . n 
A 1 72  PRO 72  72  72  PRO PRO A . n 
A 1 73  HIS 73  73  73  HIS HIS A . n 
A 1 74  LYS 74  74  74  LYS LYS A . n 
A 1 75  VAL 75  75  75  VAL VAL A . n 
A 1 76  SER 76  76  76  SER SER A . n 
A 1 77  ALA 77  77  77  ALA ALA A . n 
A 1 78  GLY 78  78  78  GLY GLY A . n 
A 1 79  GLN 79  79  79  GLN GLN A . n 
A 1 80  PHE 80  80  80  PHE PHE A . n 
A 1 81  SER 81  81  81  SER SER A . n 
A 1 82  SER 82  82  82  SER SER A . n 
A 1 83  LEU 83  83  83  LEU LEU A . n 
A 1 84  HIS 84  84  84  HIS HIS A . n 
A 1 85  VAL 85  85  85  VAL VAL A . n 
A 1 86  ARG 86  86  86  ARG ARG A . n 
A 1 87  ASP 87  87  87  ASP ASP A . n 
A 1 88  THR 88  88  88  THR THR A . n 
A 1 89  LYS 89  89  89  LYS LYS A . n 
A 1 90  ILE 90  90  90  ILE ILE A . n 
A 1 91  GLU 91  91  91  GLU GLU A . n 
A 1 92  VAL 92  92  92  VAL VAL A . n 
A 1 93  ALA 93  93  93  ALA ALA A . n 
A 1 94  GLN 94  94  94  GLN GLN A . n 
A 1 95  PHE 95  95  95  PHE PHE A . n 
A 1 96  VAL 96  96  96  VAL VAL A . n 
A 1 97  LYS 97  97  97  LYS LYS A . n 
A 1 98  ASP 98  98  98  ASP ASP A . n 
A 1 99  LEU 99  99  99  LEU LEU A . n 
A 1 100 LEU 100 100 100 LEU LEU A . n 
A 1 101 LEU 101 101 101 LEU LEU A . n 
A 1 102 HIS 102 102 102 HIS HIS A . n 
A 1 103 LEU 103 103 103 LEU LEU A . n 
A 1 104 LYS 104 104 104 LYS LYS A . n 
A 1 105 LYS 105 105 105 LYS LYS A . n 
A 1 106 LEU 106 106 106 LEU LEU A . n 
A 1 107 PHE 107 107 107 PHE PHE A . n 
A 1 108 ARG 108 108 108 ARG ARG A . n 
A 1 109 GLU 109 109 109 GLU GLU A . n 
A 1 110 GLY 110 110 110 GLY GLY A . n 
A 1 111 ARG 111 111 111 ARG ARG A . n 
A 1 112 PHE 112 112 112 PHE PHE A . n 
A 1 113 ASN 113 113 113 ASN ASN A . n 
# 
_exptl.entry_id          1IJZ 
_exptl.method            'SOLUTION NMR' 
_exptl.crystals_number   ? 
# 
_exptl_crystal.id                    1 
_exptl_crystal.density_meas          ? 
_exptl_crystal.density_Matthews      ? 
_exptl_crystal.density_percent_sol   ? 
_exptl_crystal.description           ? 
# 
_diffrn.id                     1 
_diffrn.ambient_temp           ? 
_diffrn.ambient_temp_details   ? 
_diffrn.crystal_id             1 
# 
_diffrn_radiation.diffrn_id                        1 
_diffrn_radiation.wavelength_id                    1 
_diffrn_radiation.pdbx_monochromatic_or_laue_m_l   M 
_diffrn_radiation.monochromator                    ? 
_diffrn_radiation.pdbx_diffrn_protocol             'SINGLE WAVELENGTH' 
_diffrn_radiation.pdbx_scattering_type             ? 
# 
_diffrn_radiation_wavelength.id           1 
_diffrn_radiation_wavelength.wavelength   . 
_diffrn_radiation_wavelength.wt           1.0 
# 
_struct.entry_id                  1IJZ 
_struct.title                     'Solution Structure of Human IL-13' 
_struct.pdbx_model_details        ? 
_struct.pdbx_CASP_flag            ? 
_struct.pdbx_model_type_details   ? 
# 
_struct_keywords.entry_id        1IJZ 
_struct_keywords.pdbx_keywords   CYTOKINE 
_struct_keywords.text            'left-handed four-helix bundle, CYTOKINE' 
# 
_struct_asym.id                            A 
_struct_asym.pdbx_blank_PDB_chainid_flag   N 
_struct_asym.pdbx_modified                 N 
_struct_asym.entity_id                     1 
_struct_asym.details                       ? 
# 
_struct_ref.id                         1 
_struct_ref.db_name                    UNP 
_struct_ref.db_code                    IL13_HUMAN 
_struct_ref.entity_id                  1 
_struct_ref.pdbx_db_accession          P35225 
_struct_ref.pdbx_align_begin           21 
_struct_ref.pdbx_seq_one_letter_code   
;GPVPPSTALRELIEELVNITQNQKAPLCNGSMVWSINLTAGMYCAALESLINVSGCSAIEKTQRMLSGFCPHKVSAGQFS
SLHVRDTKIEVAQFVKDLLLHLKKLFREGRFN
;
_struct_ref.pdbx_db_isoform            ? 
# 
_struct_ref_seq.align_id                      1 
_struct_ref_seq.ref_id                        1 
_struct_ref_seq.pdbx_PDB_id_code              1IJZ 
_struct_ref_seq.pdbx_strand_id                A 
_struct_ref_seq.seq_align_beg                 2 
_struct_ref_seq.pdbx_seq_align_beg_ins_code   ? 
_struct_ref_seq.seq_align_end                 113 
_struct_ref_seq.pdbx_seq_align_end_ins_code   ? 
_struct_ref_seq.pdbx_db_accession             P35225 
_struct_ref_seq.db_align_beg                  21 
_struct_ref_seq.pdbx_db_align_beg_ins_code    ? 
_struct_ref_seq.db_align_end                  132 
_struct_ref_seq.pdbx_db_align_end_ins_code    ? 
_struct_ref_seq.pdbx_auth_seq_align_beg       2 
_struct_ref_seq.pdbx_auth_seq_align_end       113 
# 
_struct_ref_seq_dif.align_id                     1 
_struct_ref_seq_dif.pdbx_pdb_id_code             1IJZ 
_struct_ref_seq_dif.mon_id                       MET 
_struct_ref_seq_dif.pdbx_pdb_strand_id           A 
_struct_ref_seq_dif.seq_num                      1 
_struct_ref_seq_dif.pdbx_pdb_ins_code            ? 
_struct_ref_seq_dif.pdbx_seq_db_name             UNP 
_struct_ref_seq_dif.pdbx_seq_db_accession_code   P35225 
_struct_ref_seq_dif.db_mon_id                    ? 
_struct_ref_seq_dif.pdbx_seq_db_seq_num          ? 
_struct_ref_seq_dif.details                      'cloning artifact' 
_struct_ref_seq_dif.pdbx_auth_seq_num            1 
_struct_ref_seq_dif.pdbx_ordinal                 1 
# 
_pdbx_struct_assembly.id                   1 
_pdbx_struct_assembly.details              author_defined_assembly 
_pdbx_struct_assembly.method_details       ? 
_pdbx_struct_assembly.oligomeric_details   monomeric 
_pdbx_struct_assembly.oligomeric_count     1 
# 
_pdbx_struct_assembly_gen.assembly_id       1 
_pdbx_struct_assembly_gen.oper_expression   1 
_pdbx_struct_assembly_gen.asym_id_list      A 
# 
_pdbx_struct_oper_list.id                   1 
_pdbx_struct_oper_list.type                 'identity operation' 
_pdbx_struct_oper_list.name                 1_555 
_pdbx_struct_oper_list.symmetry_operation   x,y,z 
_pdbx_struct_oper_list.matrix[1][1]         1.0000000000 
_pdbx_struct_oper_list.matrix[1][2]         0.0000000000 
_pdbx_struct_oper_list.matrix[1][3]         0.0000000000 
_pdbx_struct_oper_list.vector[1]            0.0000000000 
_pdbx_struct_oper_list.matrix[2][1]         0.0000000000 
_pdbx_struct_oper_list.matrix[2][2]         1.0000000000 
_pdbx_struct_oper_list.matrix[2][3]         0.0000000000 
_pdbx_struct_oper_list.vector[2]            0.0000000000 
_pdbx_struct_oper_list.matrix[3][1]         0.0000000000 
_pdbx_struct_oper_list.matrix[3][2]         0.0000000000 
_pdbx_struct_oper_list.matrix[3][3]         1.0000000000 
_pdbx_struct_oper_list.vector[3]            0.0000000000 
# 
_struct_biol.id   1 
# 
loop_
_struct_conf.conf_type_id 
_struct_conf.id 
_struct_conf.pdbx_PDB_helix_id 
_struct_conf.beg_label_comp_id 
_struct_conf.beg_label_asym_id 
_struct_conf.beg_label_seq_id 
_struct_conf.pdbx_beg_PDB_ins_code 
_struct_conf.end_label_comp_id 
_struct_conf.end_label_asym_id 
_struct_conf.end_label_seq_id 
_struct_conf.pdbx_end_PDB_ins_code 
_struct_conf.beg_auth_comp_id 
_struct_conf.beg_auth_asym_id 
_struct_conf.beg_auth_seq_id 
_struct_conf.end_auth_comp_id 
_struct_conf.end_auth_asym_id 
_struct_conf.end_auth_seq_id 
_struct_conf.pdbx_PDB_helix_class 
_struct_conf.details 
_struct_conf.pdbx_PDB_helix_length 
HELX_P HELX_P1 1 PRO A 5  ? ASN A 23  ? PRO A 5  ASN A 23  1 ? 19 
HELX_P HELX_P2 2 GLY A 42 ? ILE A 52  ? GLY A 42 ILE A 52  1 ? 11 
HELX_P HELX_P3 3 CYS A 57 ? ALA A 59  ? CYS A 57 ALA A 59  5 ? 3  
HELX_P HELX_P4 4 ILE A 60 ? CYS A 71  ? ILE A 60 CYS A 71  1 ? 12 
HELX_P HELX_P5 5 VAL A 92 ? GLY A 110 ? VAL A 92 GLY A 110 1 ? 19 
# 
_struct_conf_type.id          HELX_P 
_struct_conf_type.criteria    ? 
_struct_conf_type.reference   ? 
# 
loop_
_struct_conn.id 
_struct_conn.conn_type_id 
_struct_conn.pdbx_leaving_atom_flag 
_struct_conn.pdbx_PDB_id 
_struct_conn.ptnr1_label_asym_id 
_struct_conn.ptnr1_label_comp_id 
_struct_conn.ptnr1_label_seq_id 
_struct_conn.ptnr1_label_atom_id 
_struct_conn.pdbx_ptnr1_label_alt_id 
_struct_conn.pdbx_ptnr1_PDB_ins_code 
_struct_conn.pdbx_ptnr1_standard_comp_id 
_struct_conn.ptnr1_symmetry 
_struct_conn.ptnr2_label_asym_id 
_struct_conn.ptnr2_label_comp_id 
_struct_conn.ptnr2_label_seq_id 
_struct_conn.ptnr2_label_atom_id 
_struct_conn.pdbx_ptnr2_label_alt_id 
_struct_conn.pdbx_ptnr2_PDB_ins_code 
_struct_conn.ptnr1_auth_asym_id 
_struct_conn.ptnr1_auth_comp_id 
_struct_conn.ptnr1_auth_seq_id 
_struct_conn.ptnr2_auth_asym_id 
_struct_conn.ptnr2_auth_comp_id 
_struct_conn.ptnr2_auth_seq_id 
_struct_conn.ptnr2_symmetry 
_struct_conn.pdbx_ptnr3_label_atom_id 
_struct_conn.pdbx_ptnr3_label_seq_id 
_struct_conn.pdbx_ptnr3_label_comp_id 
_struct_conn.pdbx_ptnr3_label_asym_id 
_struct_conn.pdbx_ptnr3_label_alt_id 
_struct_conn.pdbx_ptnr3_PDB_ins_code 
_struct_conn.details 
_struct_conn.pdbx_dist_value 
_struct_conn.pdbx_value_order 
_struct_conn.pdbx_role 
disulf1 disulf ? ? A CYS 29 SG ? ? ? 1_555 A CYS 57 SG ? ? A CYS 29 A CYS 57 1_555 ? ? ? ? ? ? ? 2.020 ? ? 
disulf2 disulf ? ? A CYS 45 SG ? ? ? 1_555 A CYS 71 SG ? ? A CYS 45 A CYS 71 1_555 ? ? ? ? ? ? ? 2.021 ? ? 
# 
_struct_conn_type.id          disulf 
_struct_conn_type.criteria    ? 
_struct_conn_type.reference   ? 
# 
loop_
_pdbx_modification_feature.ordinal 
_pdbx_modification_feature.label_comp_id 
_pdbx_modification_feature.label_asym_id 
_pdbx_modification_feature.label_seq_id 
_pdbx_modification_feature.label_alt_id 
_pdbx_modification_feature.modified_residue_label_comp_id 
_pdbx_modification_feature.modified_residue_label_asym_id 
_pdbx_modification_feature.modified_residue_label_seq_id 
_pdbx_modification_feature.modified_residue_label_alt_id 
_pdbx_modification_feature.auth_comp_id 
_pdbx_modification_feature.auth_asym_id 
_pdbx_modification_feature.auth_seq_id 
_pdbx_modification_feature.PDB_ins_code 
_pdbx_modification_feature.symmetry 
_pdbx_modification_feature.modified_residue_auth_comp_id 
_pdbx_modification_feature.modified_residue_auth_asym_id 
_pdbx_modification_feature.modified_residue_auth_seq_id 
_pdbx_modification_feature.modified_residue_PDB_ins_code 
_pdbx_modification_feature.modified_residue_symmetry 
_pdbx_modification_feature.comp_id_linking_atom 
_pdbx_modification_feature.modified_residue_id_linking_atom 
_pdbx_modification_feature.modified_residue_id 
_pdbx_modification_feature.ref_pcm_id 
_pdbx_modification_feature.ref_comp_id 
_pdbx_modification_feature.type 
_pdbx_modification_feature.category 
1 CYS A 29 ? CYS A 57 ? CYS A 29 ? 1_555 CYS A 57 ? 1_555 SG SG . . . None 'Disulfide bridge' 
2 CYS A 45 ? CYS A 71 ? CYS A 45 ? 1_555 CYS A 71 ? 1_555 SG SG . . . None 'Disulfide bridge' 
# 
_struct_sheet.id               A 
_struct_sheet.type             ? 
_struct_sheet.number_strands   2 
_struct_sheet.details          ? 
# 
_struct_sheet_order.sheet_id     A 
_struct_sheet_order.range_id_1   1 
_struct_sheet_order.range_id_2   2 
_struct_sheet_order.offset       ? 
_struct_sheet_order.sense        anti-parallel 
# 
loop_
_struct_sheet_range.sheet_id 
_struct_sheet_range.id 
_struct_sheet_range.beg_label_comp_id 
_struct_sheet_range.beg_label_asym_id 
_struct_sheet_range.beg_label_seq_id 
_struct_sheet_range.pdbx_beg_PDB_ins_code 
_struct_sheet_range.end_label_comp_id 
_struct_sheet_range.end_label_asym_id 
_struct_sheet_range.end_label_seq_id 
_struct_sheet_range.pdbx_end_PDB_ins_code 
_struct_sheet_range.beg_auth_comp_id 
_struct_sheet_range.beg_auth_asym_id 
_struct_sheet_range.beg_auth_seq_id 
_struct_sheet_range.end_auth_comp_id 
_struct_sheet_range.end_auth_asym_id 
_struct_sheet_range.end_auth_seq_id 
A 1 MET A 33 ? TRP A 35 ? MET A 33 TRP A 35 
A 2 LYS A 89 ? GLU A 91 ? LYS A 89 GLU A 91 
# 
_pdbx_struct_sheet_hbond.sheet_id                A 
_pdbx_struct_sheet_hbond.range_id_1              1 
_pdbx_struct_sheet_hbond.range_id_2              2 
_pdbx_struct_sheet_hbond.range_1_label_atom_id   O 
_pdbx_struct_sheet_hbond.range_1_label_comp_id   VAL 
_pdbx_struct_sheet_hbond.range_1_label_asym_id   A 
_pdbx_struct_sheet_hbond.range_1_label_seq_id    34 
_pdbx_struct_sheet_hbond.range_1_PDB_ins_code    ? 
_pdbx_struct_sheet_hbond.range_1_auth_atom_id    O 
_pdbx_struct_sheet_hbond.range_1_auth_comp_id    VAL 
_pdbx_struct_sheet_hbond.range_1_auth_asym_id    A 
_pdbx_struct_sheet_hbond.range_1_auth_seq_id     34 
_pdbx_struct_sheet_hbond.range_2_label_atom_id   N 
_pdbx_struct_sheet_hbond.range_2_label_comp_id   ILE 
_pdbx_struct_sheet_hbond.range_2_label_asym_id   A 
_pdbx_struct_sheet_hbond.range_2_label_seq_id    90 
_pdbx_struct_sheet_hbond.range_2_PDB_ins_code    ? 
_pdbx_struct_sheet_hbond.range_2_auth_atom_id    N 
_pdbx_struct_sheet_hbond.range_2_auth_comp_id    ILE 
_pdbx_struct_sheet_hbond.range_2_auth_asym_id    A 
_pdbx_struct_sheet_hbond.range_2_auth_seq_id     90 
# 
_pdbx_entry_details.entry_id                   1IJZ 
_pdbx_entry_details.compound_details           ? 
_pdbx_entry_details.source_details             ? 
_pdbx_entry_details.nonpolymer_details         ? 
_pdbx_entry_details.sequence_details           ? 
_pdbx_entry_details.has_ligand_of_interest     ? 
_pdbx_entry_details.has_protein_modification   Y 
# 
loop_
_pdbx_validate_close_contact.id 
_pdbx_validate_close_contact.PDB_model_num 
_pdbx_validate_close_contact.auth_atom_id_1 
_pdbx_validate_close_contact.auth_asym_id_1 
_pdbx_validate_close_contact.auth_comp_id_1 
_pdbx_validate_close_contact.auth_seq_id_1 
_pdbx_validate_close_contact.PDB_ins_code_1 
_pdbx_validate_close_contact.label_alt_id_1 
_pdbx_validate_close_contact.auth_atom_id_2 
_pdbx_validate_close_contact.auth_asym_id_2 
_pdbx_validate_close_contact.auth_comp_id_2 
_pdbx_validate_close_contact.auth_seq_id_2 
_pdbx_validate_close_contact.PDB_ins_code_2 
_pdbx_validate_close_contact.label_alt_id_2 
_pdbx_validate_close_contact.dist 
1 1 O A CYS 29 ? ? H A GLY 31 ? ? 1.54 
2 1 O A ALA 41 ? ? H A MET 43 ? ? 1.59 
# 
loop_
_pdbx_validate_torsion.id 
_pdbx_validate_torsion.PDB_model_num 
_pdbx_validate_torsion.auth_comp_id 
_pdbx_validate_torsion.auth_asym_id 
_pdbx_validate_torsion.auth_seq_id 
_pdbx_validate_torsion.PDB_ins_code 
_pdbx_validate_torsion.label_alt_id 
_pdbx_validate_torsion.phi 
_pdbx_validate_torsion.psi 
1 1 LYS A 25 ? ? -88.19  -80.01  
2 1 ASN A 30 ? ? -69.06  54.63   
3 1 THR A 40 ? ? -138.29 -100.03 
4 1 ALA A 41 ? ? -109.95 -64.82  
5 1 ALA A 77 ? ? -64.44  0.13    
# 
_pdbx_nmr_ensemble.entry_id                             1IJZ 
_pdbx_nmr_ensemble.conformers_calculated_total_number   ? 
_pdbx_nmr_ensemble.conformers_submitted_total_number    1 
_pdbx_nmr_ensemble.conformer_selection_criteria         ? 
# 
loop_
_pdbx_nmr_sample_details.solution_id 
_pdbx_nmr_sample_details.contents 
_pdbx_nmr_sample_details.solvent_system 
1 '1mM interleukin-13  U-15N; 40mM phosphate buffer; 2mM NaN3; 40 mM NaCl 90% H2O, 10% D2O; pH 6.0'       '90% H2O/10% D2O' 
2 '1mM interleukin-13  U-15N,U-13C; 40mM phosphate buffer; 2mM NaN3; 40 mM NaCl 90% H2O, 10% D2O; pH 6.0' '90% H2O/10% D2O' 
3 '1mM interleukin-13  U-15N,U-13C; 40mM phosphate buffer; 2mM NaN3; 40 mM NaCl; 100% D2O; pH 6.0'        '100% D2O'        
# 
loop_
_pdbx_nmr_exptl_sample_conditions.conditions_id 
_pdbx_nmr_exptl_sample_conditions.temperature 
_pdbx_nmr_exptl_sample_conditions.pressure 
_pdbx_nmr_exptl_sample_conditions.pH 
_pdbx_nmr_exptl_sample_conditions.ionic_strength 
_pdbx_nmr_exptl_sample_conditions.pressure_units 
_pdbx_nmr_exptl_sample_conditions.temperature_units 
1 298 ambient 6.0 '40 mM sodium phosphate, 2 mM NaN3, 40 mM NaCl' ? K 
2 298 ambient 6.0 '40 mM sodium phosphate, 2 mM NaN3, 40 mM NaCl' ? K 
3 298 ambient 6.0 '40 mM sodium phosphate, 2 mM NaN3, 40 mM NaCl' ? K 
# 
loop_
_pdbx_nmr_exptl.experiment_id 
_pdbx_nmr_exptl.solution_id 
_pdbx_nmr_exptl.conditions_id 
_pdbx_nmr_exptl.type 
1 1 1 3D_15N-separated_NOESY 
2 3 3 3D_13C-separated_NOESY 
3 2 2 HNCA-J                 
4 2 2 HNHA                   
# 
_pdbx_nmr_details.entry_id   1IJZ 
_pdbx_nmr_details.text       'The structure was determined using triple-resonance NMR spectroscopy.' 
# 
_pdbx_nmr_refine.entry_id           1IJZ 
_pdbx_nmr_refine.method             'simulated annealing' 
_pdbx_nmr_refine.details            
;The structures are based on a total of 2848 restraints, 2248 are NOE-derived 
distance constraints, 299 dihedral angle restraints,50 distance restraints  
from hydrogen bonds, 205 Ca/Cb constraints, 96 coupling constant constraints.   
Additionally, a ramachandran conformational database and radius of gyration 
target function was used during the refinement.
;
_pdbx_nmr_refine.software_ordinal   1 
# 
loop_
_pdbx_nmr_software.name 
_pdbx_nmr_software.version 
_pdbx_nmr_software.classification 
_pdbx_nmr_software.authors 
_pdbx_nmr_software.ordinal 
XwinNMR 2.0          collection      Bruker   1 
NMRPipe 97.231.15.18 processing      Delaglio 2 
X-PLOR  3.84         refinement      Brumger  3 
PIPP    4.2.8        'data analysis' Garrett  4 
# 
loop_
_chem_comp_atom.comp_id 
_chem_comp_atom.atom_id 
_chem_comp_atom.type_symbol 
_chem_comp_atom.pdbx_aromatic_flag 
_chem_comp_atom.pdbx_stereo_config 
_chem_comp_atom.pdbx_ordinal 
ALA N    N N N 1   
ALA CA   C N S 2   
ALA C    C N N 3   
ALA O    O N N 4   
ALA CB   C N N 5   
ALA OXT  O N N 6   
ALA H    H N N 7   
ALA H2   H N N 8   
ALA HA   H N N 9   
ALA HB1  H N N 10  
ALA HB2  H N N 11  
ALA HB3  H N N 12  
ALA HXT  H N N 13  
ARG N    N N N 14  
ARG CA   C N S 15  
ARG C    C N N 16  
ARG O    O N N 17  
ARG CB   C N N 18  
ARG CG   C N N 19  
ARG CD   C N N 20  
ARG NE   N N N 21  
ARG CZ   C N N 22  
ARG NH1  N N N 23  
ARG NH2  N N N 24  
ARG OXT  O N N 25  
ARG H    H N N 26  
ARG H2   H N N 27  
ARG HA   H N N 28  
ARG HB2  H N N 29  
ARG HB3  H N N 30  
ARG HG2  H N N 31  
ARG HG3  H N N 32  
ARG HD2  H N N 33  
ARG HD3  H N N 34  
ARG HE   H N N 35  
ARG HH11 H N N 36  
ARG HH12 H N N 37  
ARG HH21 H N N 38  
ARG HH22 H N N 39  
ARG HXT  H N N 40  
ASN N    N N N 41  
ASN CA   C N S 42  
ASN C    C N N 43  
ASN O    O N N 44  
ASN CB   C N N 45  
ASN CG   C N N 46  
ASN OD1  O N N 47  
ASN ND2  N N N 48  
ASN OXT  O N N 49  
ASN H    H N N 50  
ASN H2   H N N 51  
ASN HA   H N N 52  
ASN HB2  H N N 53  
ASN HB3  H N N 54  
ASN HD21 H N N 55  
ASN HD22 H N N 56  
ASN HXT  H N N 57  
ASP N    N N N 58  
ASP CA   C N S 59  
ASP C    C N N 60  
ASP O    O N N 61  
ASP CB   C N N 62  
ASP CG   C N N 63  
ASP OD1  O N N 64  
ASP OD2  O N N 65  
ASP OXT  O N N 66  
ASP H    H N N 67  
ASP H2   H N N 68  
ASP HA   H N N 69  
ASP HB2  H N N 70  
ASP HB3  H N N 71  
ASP HD2  H N N 72  
ASP HXT  H N N 73  
CYS N    N N N 74  
CYS CA   C N R 75  
CYS C    C N N 76  
CYS O    O N N 77  
CYS CB   C N N 78  
CYS SG   S N N 79  
CYS OXT  O N N 80  
CYS H    H N N 81  
CYS H2   H N N 82  
CYS HA   H N N 83  
CYS HB2  H N N 84  
CYS HB3  H N N 85  
CYS HG   H N N 86  
CYS HXT  H N N 87  
GLN N    N N N 88  
GLN CA   C N S 89  
GLN C    C N N 90  
GLN O    O N N 91  
GLN CB   C N N 92  
GLN CG   C N N 93  
GLN CD   C N N 94  
GLN OE1  O N N 95  
GLN NE2  N N N 96  
GLN OXT  O N N 97  
GLN H    H N N 98  
GLN H2   H N N 99  
GLN HA   H N N 100 
GLN HB2  H N N 101 
GLN HB3  H N N 102 
GLN HG2  H N N 103 
GLN HG3  H N N 104 
GLN HE21 H N N 105 
GLN HE22 H N N 106 
GLN HXT  H N N 107 
GLU N    N N N 108 
GLU CA   C N S 109 
GLU C    C N N 110 
GLU O    O N N 111 
GLU CB   C N N 112 
GLU CG   C N N 113 
GLU CD   C N N 114 
GLU OE1  O N N 115 
GLU OE2  O N N 116 
GLU OXT  O N N 117 
GLU H    H N N 118 
GLU H2   H N N 119 
GLU HA   H N N 120 
GLU HB2  H N N 121 
GLU HB3  H N N 122 
GLU HG2  H N N 123 
GLU HG3  H N N 124 
GLU HE2  H N N 125 
GLU HXT  H N N 126 
GLY N    N N N 127 
GLY CA   C N N 128 
GLY C    C N N 129 
GLY O    O N N 130 
GLY OXT  O N N 131 
GLY H    H N N 132 
GLY H2   H N N 133 
GLY HA2  H N N 134 
GLY HA3  H N N 135 
GLY HXT  H N N 136 
HIS N    N N N 137 
HIS CA   C N S 138 
HIS C    C N N 139 
HIS O    O N N 140 
HIS CB   C N N 141 
HIS CG   C Y N 142 
HIS ND1  N Y N 143 
HIS CD2  C Y N 144 
HIS CE1  C Y N 145 
HIS NE2  N Y N 146 
HIS OXT  O N N 147 
HIS H    H N N 148 
HIS H2   H N N 149 
HIS HA   H N N 150 
HIS HB2  H N N 151 
HIS HB3  H N N 152 
HIS HD1  H N N 153 
HIS HD2  H N N 154 
HIS HE1  H N N 155 
HIS HE2  H N N 156 
HIS HXT  H N N 157 
ILE N    N N N 158 
ILE CA   C N S 159 
ILE C    C N N 160 
ILE O    O N N 161 
ILE CB   C N S 162 
ILE CG1  C N N 163 
ILE CG2  C N N 164 
ILE CD1  C N N 165 
ILE OXT  O N N 166 
ILE H    H N N 167 
ILE H2   H N N 168 
ILE HA   H N N 169 
ILE HB   H N N 170 
ILE HG12 H N N 171 
ILE HG13 H N N 172 
ILE HG21 H N N 173 
ILE HG22 H N N 174 
ILE HG23 H N N 175 
ILE HD11 H N N 176 
ILE HD12 H N N 177 
ILE HD13 H N N 178 
ILE HXT  H N N 179 
LEU N    N N N 180 
LEU CA   C N S 181 
LEU C    C N N 182 
LEU O    O N N 183 
LEU CB   C N N 184 
LEU CG   C N N 185 
LEU CD1  C N N 186 
LEU CD2  C N N 187 
LEU OXT  O N N 188 
LEU H    H N N 189 
LEU H2   H N N 190 
LEU HA   H N N 191 
LEU HB2  H N N 192 
LEU HB3  H N N 193 
LEU HG   H N N 194 
LEU HD11 H N N 195 
LEU HD12 H N N 196 
LEU HD13 H N N 197 
LEU HD21 H N N 198 
LEU HD22 H N N 199 
LEU HD23 H N N 200 
LEU HXT  H N N 201 
LYS N    N N N 202 
LYS CA   C N S 203 
LYS C    C N N 204 
LYS O    O N N 205 
LYS CB   C N N 206 
LYS CG   C N N 207 
LYS CD   C N N 208 
LYS CE   C N N 209 
LYS NZ   N N N 210 
LYS OXT  O N N 211 
LYS H    H N N 212 
LYS H2   H N N 213 
LYS HA   H N N 214 
LYS HB2  H N N 215 
LYS HB3  H N N 216 
LYS HG2  H N N 217 
LYS HG3  H N N 218 
LYS HD2  H N N 219 
LYS HD3  H N N 220 
LYS HE2  H N N 221 
LYS HE3  H N N 222 
LYS HZ1  H N N 223 
LYS HZ2  H N N 224 
LYS HZ3  H N N 225 
LYS HXT  H N N 226 
MET N    N N N 227 
MET CA   C N S 228 
MET C    C N N 229 
MET O    O N N 230 
MET CB   C N N 231 
MET CG   C N N 232 
MET SD   S N N 233 
MET CE   C N N 234 
MET OXT  O N N 235 
MET H    H N N 236 
MET H2   H N N 237 
MET HA   H N N 238 
MET HB2  H N N 239 
MET HB3  H N N 240 
MET HG2  H N N 241 
MET HG3  H N N 242 
MET HE1  H N N 243 
MET HE2  H N N 244 
MET HE3  H N N 245 
MET HXT  H N N 246 
PHE N    N N N 247 
PHE CA   C N S 248 
PHE C    C N N 249 
PHE O    O N N 250 
PHE CB   C N N 251 
PHE CG   C Y N 252 
PHE CD1  C Y N 253 
PHE CD2  C Y N 254 
PHE CE1  C Y N 255 
PHE CE2  C Y N 256 
PHE CZ   C Y N 257 
PHE OXT  O N N 258 
PHE H    H N N 259 
PHE H2   H N N 260 
PHE HA   H N N 261 
PHE HB2  H N N 262 
PHE HB3  H N N 263 
PHE HD1  H N N 264 
PHE HD2  H N N 265 
PHE HE1  H N N 266 
PHE HE2  H N N 267 
PHE HZ   H N N 268 
PHE HXT  H N N 269 
PRO N    N N N 270 
PRO CA   C N S 271 
PRO C    C N N 272 
PRO O    O N N 273 
PRO CB   C N N 274 
PRO CG   C N N 275 
PRO CD   C N N 276 
PRO OXT  O N N 277 
PRO H    H N N 278 
PRO HA   H N N 279 
PRO HB2  H N N 280 
PRO HB3  H N N 281 
PRO HG2  H N N 282 
PRO HG3  H N N 283 
PRO HD2  H N N 284 
PRO HD3  H N N 285 
PRO HXT  H N N 286 
SER N    N N N 287 
SER CA   C N S 288 
SER C    C N N 289 
SER O    O N N 290 
SER CB   C N N 291 
SER OG   O N N 292 
SER OXT  O N N 293 
SER H    H N N 294 
SER H2   H N N 295 
SER HA   H N N 296 
SER HB2  H N N 297 
SER HB3  H N N 298 
SER HG   H N N 299 
SER HXT  H N N 300 
THR N    N N N 301 
THR CA   C N S 302 
THR C    C N N 303 
THR O    O N N 304 
THR CB   C N R 305 
THR OG1  O N N 306 
THR CG2  C N N 307 
THR OXT  O N N 308 
THR H    H N N 309 
THR H2   H N N 310 
THR HA   H N N 311 
THR HB   H N N 312 
THR HG1  H N N 313 
THR HG21 H N N 314 
THR HG22 H N N 315 
THR HG23 H N N 316 
THR HXT  H N N 317 
TRP N    N N N 318 
TRP CA   C N S 319 
TRP C    C N N 320 
TRP O    O N N 321 
TRP CB   C N N 322 
TRP CG   C Y N 323 
TRP CD1  C Y N 324 
TRP CD2  C Y N 325 
TRP NE1  N Y N 326 
TRP CE2  C Y N 327 
TRP CE3  C Y N 328 
TRP CZ2  C Y N 329 
TRP CZ3  C Y N 330 
TRP CH2  C Y N 331 
TRP OXT  O N N 332 
TRP H    H N N 333 
TRP H2   H N N 334 
TRP HA   H N N 335 
TRP HB2  H N N 336 
TRP HB3  H N N 337 
TRP HD1  H N N 338 
TRP HE1  H N N 339 
TRP HE3  H N N 340 
TRP HZ2  H N N 341 
TRP HZ3  H N N 342 
TRP HH2  H N N 343 
TRP HXT  H N N 344 
TYR N    N N N 345 
TYR CA   C N S 346 
TYR C    C N N 347 
TYR O    O N N 348 
TYR CB   C N N 349 
TYR CG   C Y N 350 
TYR CD1  C Y N 351 
TYR CD2  C Y N 352 
TYR CE1  C Y N 353 
TYR CE2  C Y N 354 
TYR CZ   C Y N 355 
TYR OH   O N N 356 
TYR OXT  O N N 357 
TYR H    H N N 358 
TYR H2   H N N 359 
TYR HA   H N N 360 
TYR HB2  H N N 361 
TYR HB3  H N N 362 
TYR HD1  H N N 363 
TYR HD2  H N N 364 
TYR HE1  H N N 365 
TYR HE2  H N N 366 
TYR HH   H N N 367 
TYR HXT  H N N 368 
VAL N    N N N 369 
VAL CA   C N S 370 
VAL C    C N N 371 
VAL O    O N N 372 
VAL CB   C N N 373 
VAL CG1  C N N 374 
VAL CG2  C N N 375 
VAL OXT  O N N 376 
VAL H    H N N 377 
VAL H2   H N N 378 
VAL HA   H N N 379 
VAL HB   H N N 380 
VAL HG11 H N N 381 
VAL HG12 H N N 382 
VAL HG13 H N N 383 
VAL HG21 H N N 384 
VAL HG22 H N N 385 
VAL HG23 H N N 386 
VAL HXT  H N N 387 
# 
loop_
_chem_comp_bond.comp_id 
_chem_comp_bond.atom_id_1 
_chem_comp_bond.atom_id_2 
_chem_comp_bond.value_order 
_chem_comp_bond.pdbx_aromatic_flag 
_chem_comp_bond.pdbx_stereo_config 
_chem_comp_bond.pdbx_ordinal 
ALA N   CA   sing N N 1   
ALA N   H    sing N N 2   
ALA N   H2   sing N N 3   
ALA CA  C    sing N N 4   
ALA CA  CB   sing N N 5   
ALA CA  HA   sing N N 6   
ALA C   O    doub N N 7   
ALA C   OXT  sing N N 8   
ALA CB  HB1  sing N N 9   
ALA CB  HB2  sing N N 10  
ALA CB  HB3  sing N N 11  
ALA OXT HXT  sing N N 12  
ARG N   CA   sing N N 13  
ARG N   H    sing N N 14  
ARG N   H2   sing N N 15  
ARG CA  C    sing N N 16  
ARG CA  CB   sing N N 17  
ARG CA  HA   sing N N 18  
ARG C   O    doub N N 19  
ARG C   OXT  sing N N 20  
ARG CB  CG   sing N N 21  
ARG CB  HB2  sing N N 22  
ARG CB  HB3  sing N N 23  
ARG CG  CD   sing N N 24  
ARG CG  HG2  sing N N 25  
ARG CG  HG3  sing N N 26  
ARG CD  NE   sing N N 27  
ARG CD  HD2  sing N N 28  
ARG CD  HD3  sing N N 29  
ARG NE  CZ   sing N N 30  
ARG NE  HE   sing N N 31  
ARG CZ  NH1  sing N N 32  
ARG CZ  NH2  doub N N 33  
ARG NH1 HH11 sing N N 34  
ARG NH1 HH12 sing N N 35  
ARG NH2 HH21 sing N N 36  
ARG NH2 HH22 sing N N 37  
ARG OXT HXT  sing N N 38  
ASN N   CA   sing N N 39  
ASN N   H    sing N N 40  
ASN N   H2   sing N N 41  
ASN CA  C    sing N N 42  
ASN CA  CB   sing N N 43  
ASN CA  HA   sing N N 44  
ASN C   O    doub N N 45  
ASN C   OXT  sing N N 46  
ASN CB  CG   sing N N 47  
ASN CB  HB2  sing N N 48  
ASN CB  HB3  sing N N 49  
ASN CG  OD1  doub N N 50  
ASN CG  ND2  sing N N 51  
ASN ND2 HD21 sing N N 52  
ASN ND2 HD22 sing N N 53  
ASN OXT HXT  sing N N 54  
ASP N   CA   sing N N 55  
ASP N   H    sing N N 56  
ASP N   H2   sing N N 57  
ASP CA  C    sing N N 58  
ASP CA  CB   sing N N 59  
ASP CA  HA   sing N N 60  
ASP C   O    doub N N 61  
ASP C   OXT  sing N N 62  
ASP CB  CG   sing N N 63  
ASP CB  HB2  sing N N 64  
ASP CB  HB3  sing N N 65  
ASP CG  OD1  doub N N 66  
ASP CG  OD2  sing N N 67  
ASP OD2 HD2  sing N N 68  
ASP OXT HXT  sing N N 69  
CYS N   CA   sing N N 70  
CYS N   H    sing N N 71  
CYS N   H2   sing N N 72  
CYS CA  C    sing N N 73  
CYS CA  CB   sing N N 74  
CYS CA  HA   sing N N 75  
CYS C   O    doub N N 76  
CYS C   OXT  sing N N 77  
CYS CB  SG   sing N N 78  
CYS CB  HB2  sing N N 79  
CYS CB  HB3  sing N N 80  
CYS SG  HG   sing N N 81  
CYS OXT HXT  sing N N 82  
GLN N   CA   sing N N 83  
GLN N   H    sing N N 84  
GLN N   H2   sing N N 85  
GLN CA  C    sing N N 86  
GLN CA  CB   sing N N 87  
GLN CA  HA   sing N N 88  
GLN C   O    doub N N 89  
GLN C   OXT  sing N N 90  
GLN CB  CG   sing N N 91  
GLN CB  HB2  sing N N 92  
GLN CB  HB3  sing N N 93  
GLN CG  CD   sing N N 94  
GLN CG  HG2  sing N N 95  
GLN CG  HG3  sing N N 96  
GLN CD  OE1  doub N N 97  
GLN CD  NE2  sing N N 98  
GLN NE2 HE21 sing N N 99  
GLN NE2 HE22 sing N N 100 
GLN OXT HXT  sing N N 101 
GLU N   CA   sing N N 102 
GLU N   H    sing N N 103 
GLU N   H2   sing N N 104 
GLU CA  C    sing N N 105 
GLU CA  CB   sing N N 106 
GLU CA  HA   sing N N 107 
GLU C   O    doub N N 108 
GLU C   OXT  sing N N 109 
GLU CB  CG   sing N N 110 
GLU CB  HB2  sing N N 111 
GLU CB  HB3  sing N N 112 
GLU CG  CD   sing N N 113 
GLU CG  HG2  sing N N 114 
GLU CG  HG3  sing N N 115 
GLU CD  OE1  doub N N 116 
GLU CD  OE2  sing N N 117 
GLU OE2 HE2  sing N N 118 
GLU OXT HXT  sing N N 119 
GLY N   CA   sing N N 120 
GLY N   H    sing N N 121 
GLY N   H2   sing N N 122 
GLY CA  C    sing N N 123 
GLY CA  HA2  sing N N 124 
GLY CA  HA3  sing N N 125 
GLY C   O    doub N N 126 
GLY C   OXT  sing N N 127 
GLY OXT HXT  sing N N 128 
HIS N   CA   sing N N 129 
HIS N   H    sing N N 130 
HIS N   H2   sing N N 131 
HIS CA  C    sing N N 132 
HIS CA  CB   sing N N 133 
HIS CA  HA   sing N N 134 
HIS C   O    doub N N 135 
HIS C   OXT  sing N N 136 
HIS CB  CG   sing N N 137 
HIS CB  HB2  sing N N 138 
HIS CB  HB3  sing N N 139 
HIS CG  ND1  sing Y N 140 
HIS CG  CD2  doub Y N 141 
HIS ND1 CE1  doub Y N 142 
HIS ND1 HD1  sing N N 143 
HIS CD2 NE2  sing Y N 144 
HIS CD2 HD2  sing N N 145 
HIS CE1 NE2  sing Y N 146 
HIS CE1 HE1  sing N N 147 
HIS NE2 HE2  sing N N 148 
HIS OXT HXT  sing N N 149 
ILE N   CA   sing N N 150 
ILE N   H    sing N N 151 
ILE N   H2   sing N N 152 
ILE CA  C    sing N N 153 
ILE CA  CB   sing N N 154 
ILE CA  HA   sing N N 155 
ILE C   O    doub N N 156 
ILE C   OXT  sing N N 157 
ILE CB  CG1  sing N N 158 
ILE CB  CG2  sing N N 159 
ILE CB  HB   sing N N 160 
ILE CG1 CD1  sing N N 161 
ILE CG1 HG12 sing N N 162 
ILE CG1 HG13 sing N N 163 
ILE CG2 HG21 sing N N 164 
ILE CG2 HG22 sing N N 165 
ILE CG2 HG23 sing N N 166 
ILE CD1 HD11 sing N N 167 
ILE CD1 HD12 sing N N 168 
ILE CD1 HD13 sing N N 169 
ILE OXT HXT  sing N N 170 
LEU N   CA   sing N N 171 
LEU N   H    sing N N 172 
LEU N   H2   sing N N 173 
LEU CA  C    sing N N 174 
LEU CA  CB   sing N N 175 
LEU CA  HA   sing N N 176 
LEU C   O    doub N N 177 
LEU C   OXT  sing N N 178 
LEU CB  CG   sing N N 179 
LEU CB  HB2  sing N N 180 
LEU CB  HB3  sing N N 181 
LEU CG  CD1  sing N N 182 
LEU CG  CD2  sing N N 183 
LEU CG  HG   sing N N 184 
LEU CD1 HD11 sing N N 185 
LEU CD1 HD12 sing N N 186 
LEU CD1 HD13 sing N N 187 
LEU CD2 HD21 sing N N 188 
LEU CD2 HD22 sing N N 189 
LEU CD2 HD23 sing N N 190 
LEU OXT HXT  sing N N 191 
LYS N   CA   sing N N 192 
LYS N   H    sing N N 193 
LYS N   H2   sing N N 194 
LYS CA  C    sing N N 195 
LYS CA  CB   sing N N 196 
LYS CA  HA   sing N N 197 
LYS C   O    doub N N 198 
LYS C   OXT  sing N N 199 
LYS CB  CG   sing N N 200 
LYS CB  HB2  sing N N 201 
LYS CB  HB3  sing N N 202 
LYS CG  CD   sing N N 203 
LYS CG  HG2  sing N N 204 
LYS CG  HG3  sing N N 205 
LYS CD  CE   sing N N 206 
LYS CD  HD2  sing N N 207 
LYS CD  HD3  sing N N 208 
LYS CE  NZ   sing N N 209 
LYS CE  HE2  sing N N 210 
LYS CE  HE3  sing N N 211 
LYS NZ  HZ1  sing N N 212 
LYS NZ  HZ2  sing N N 213 
LYS NZ  HZ3  sing N N 214 
LYS OXT HXT  sing N N 215 
MET N   CA   sing N N 216 
MET N   H    sing N N 217 
MET N   H2   sing N N 218 
MET CA  C    sing N N 219 
MET CA  CB   sing N N 220 
MET CA  HA   sing N N 221 
MET C   O    doub N N 222 
MET C   OXT  sing N N 223 
MET CB  CG   sing N N 224 
MET CB  HB2  sing N N 225 
MET CB  HB3  sing N N 226 
MET CG  SD   sing N N 227 
MET CG  HG2  sing N N 228 
MET CG  HG3  sing N N 229 
MET SD  CE   sing N N 230 
MET CE  HE1  sing N N 231 
MET CE  HE2  sing N N 232 
MET CE  HE3  sing N N 233 
MET OXT HXT  sing N N 234 
PHE N   CA   sing N N 235 
PHE N   H    sing N N 236 
PHE N   H2   sing N N 237 
PHE CA  C    sing N N 238 
PHE CA  CB   sing N N 239 
PHE CA  HA   sing N N 240 
PHE C   O    doub N N 241 
PHE C   OXT  sing N N 242 
PHE CB  CG   sing N N 243 
PHE CB  HB2  sing N N 244 
PHE CB  HB3  sing N N 245 
PHE CG  CD1  doub Y N 246 
PHE CG  CD2  sing Y N 247 
PHE CD1 CE1  sing Y N 248 
PHE CD1 HD1  sing N N 249 
PHE CD2 CE2  doub Y N 250 
PHE CD2 HD2  sing N N 251 
PHE CE1 CZ   doub Y N 252 
PHE CE1 HE1  sing N N 253 
PHE CE2 CZ   sing Y N 254 
PHE CE2 HE2  sing N N 255 
PHE CZ  HZ   sing N N 256 
PHE OXT HXT  sing N N 257 
PRO N   CA   sing N N 258 
PRO N   CD   sing N N 259 
PRO N   H    sing N N 260 
PRO CA  C    sing N N 261 
PRO CA  CB   sing N N 262 
PRO CA  HA   sing N N 263 
PRO C   O    doub N N 264 
PRO C   OXT  sing N N 265 
PRO CB  CG   sing N N 266 
PRO CB  HB2  sing N N 267 
PRO CB  HB3  sing N N 268 
PRO CG  CD   sing N N 269 
PRO CG  HG2  sing N N 270 
PRO CG  HG3  sing N N 271 
PRO CD  HD2  sing N N 272 
PRO CD  HD3  sing N N 273 
PRO OXT HXT  sing N N 274 
SER N   CA   sing N N 275 
SER N   H    sing N N 276 
SER N   H2   sing N N 277 
SER CA  C    sing N N 278 
SER CA  CB   sing N N 279 
SER CA  HA   sing N N 280 
SER C   O    doub N N 281 
SER C   OXT  sing N N 282 
SER CB  OG   sing N N 283 
SER CB  HB2  sing N N 284 
SER CB  HB3  sing N N 285 
SER OG  HG   sing N N 286 
SER OXT HXT  sing N N 287 
THR N   CA   sing N N 288 
THR N   H    sing N N 289 
THR N   H2   sing N N 290 
THR CA  C    sing N N 291 
THR CA  CB   sing N N 292 
THR CA  HA   sing N N 293 
THR C   O    doub N N 294 
THR C   OXT  sing N N 295 
THR CB  OG1  sing N N 296 
THR CB  CG2  sing N N 297 
THR CB  HB   sing N N 298 
THR OG1 HG1  sing N N 299 
THR CG2 HG21 sing N N 300 
THR CG2 HG22 sing N N 301 
THR CG2 HG23 sing N N 302 
THR OXT HXT  sing N N 303 
TRP N   CA   sing N N 304 
TRP N   H    sing N N 305 
TRP N   H2   sing N N 306 
TRP CA  C    sing N N 307 
TRP CA  CB   sing N N 308 
TRP CA  HA   sing N N 309 
TRP C   O    doub N N 310 
TRP C   OXT  sing N N 311 
TRP CB  CG   sing N N 312 
TRP CB  HB2  sing N N 313 
TRP CB  HB3  sing N N 314 
TRP CG  CD1  doub Y N 315 
TRP CG  CD2  sing Y N 316 
TRP CD1 NE1  sing Y N 317 
TRP CD1 HD1  sing N N 318 
TRP CD2 CE2  doub Y N 319 
TRP CD2 CE3  sing Y N 320 
TRP NE1 CE2  sing Y N 321 
TRP NE1 HE1  sing N N 322 
TRP CE2 CZ2  sing Y N 323 
TRP CE3 CZ3  doub Y N 324 
TRP CE3 HE3  sing N N 325 
TRP CZ2 CH2  doub Y N 326 
TRP CZ2 HZ2  sing N N 327 
TRP CZ3 CH2  sing Y N 328 
TRP CZ3 HZ3  sing N N 329 
TRP CH2 HH2  sing N N 330 
TRP OXT HXT  sing N N 331 
TYR N   CA   sing N N 332 
TYR N   H    sing N N 333 
TYR N   H2   sing N N 334 
TYR CA  C    sing N N 335 
TYR CA  CB   sing N N 336 
TYR CA  HA   sing N N 337 
TYR C   O    doub N N 338 
TYR C   OXT  sing N N 339 
TYR CB  CG   sing N N 340 
TYR CB  HB2  sing N N 341 
TYR CB  HB3  sing N N 342 
TYR CG  CD1  doub Y N 343 
TYR CG  CD2  sing Y N 344 
TYR CD1 CE1  sing Y N 345 
TYR CD1 HD1  sing N N 346 
TYR CD2 CE2  doub Y N 347 
TYR CD2 HD2  sing N N 348 
TYR CE1 CZ   doub Y N 349 
TYR CE1 HE1  sing N N 350 
TYR CE2 CZ   sing Y N 351 
TYR CE2 HE2  sing N N 352 
TYR CZ  OH   sing N N 353 
TYR OH  HH   sing N N 354 
TYR OXT HXT  sing N N 355 
VAL N   CA   sing N N 356 
VAL N   H    sing N N 357 
VAL N   H2   sing N N 358 
VAL CA  C    sing N N 359 
VAL CA  CB   sing N N 360 
VAL CA  HA   sing N N 361 
VAL C   O    doub N N 362 
VAL C   OXT  sing N N 363 
VAL CB  CG1  sing N N 364 
VAL CB  CG2  sing N N 365 
VAL CB  HB   sing N N 366 
VAL CG1 HG11 sing N N 367 
VAL CG1 HG12 sing N N 368 
VAL CG1 HG13 sing N N 369 
VAL CG2 HG21 sing N N 370 
VAL CG2 HG22 sing N N 371 
VAL CG2 HG23 sing N N 372 
VAL OXT HXT  sing N N 373 
# 
_pdbx_nmr_spectrometer.spectrometer_id   1 
_pdbx_nmr_spectrometer.type              ? 
_pdbx_nmr_spectrometer.manufacturer      Bruker 
_pdbx_nmr_spectrometer.model             AVANCE 
_pdbx_nmr_spectrometer.field_strength    600 
# 
_atom_sites.entry_id                    1IJZ 
_atom_sites.fract_transf_matrix[1][1]   1.000000 
_atom_sites.fract_transf_matrix[1][2]   0.000000 
_atom_sites.fract_transf_matrix[1][3]   0.000000 
_atom_sites.fract_transf_matrix[2][1]   0.000000 
_atom_sites.fract_transf_matrix[2][2]   1.000000 
_atom_sites.fract_transf_matrix[2][3]   0.000000 
_atom_sites.fract_transf_matrix[3][1]   0.000000 
_atom_sites.fract_transf_matrix[3][2]   0.000000 
_atom_sites.fract_transf_matrix[3][3]   1.000000 
_atom_sites.fract_transf_vector[1]      0.00000 
_atom_sites.fract_transf_vector[2]      0.00000 
_atom_sites.fract_transf_vector[3]      0.00000 
# 
loop_
_atom_type.symbol 
C 
H 
N 
O 
S 
# 
loop_
_atom_site.group_PDB 
_atom_site.id 
_atom_site.type_symbol 
_atom_site.label_atom_id 
_atom_site.label_alt_id 
_atom_site.label_comp_id 
_atom_site.label_asym_id 
_atom_site.label_entity_id 
_atom_site.label_seq_id 
_atom_site.pdbx_PDB_ins_code 
_atom_site.Cartn_x 
_atom_site.Cartn_y 
_atom_site.Cartn_z 
_atom_site.occupancy 
_atom_site.B_iso_or_equiv 
_atom_site.pdbx_formal_charge 
_atom_site.auth_seq_id 
_atom_site.auth_comp_id 
_atom_site.auth_asym_id 
_atom_site.auth_atom_id 
_atom_site.pdbx_PDB_model_num 
ATOM 1    N N    . MET A 1 1   ? 11.036  -19.503 11.990  1.00 2.43 ? 1   MET A N    1 
ATOM 2    C CA   . MET A 1 1   ? 10.079  -20.606 11.695  1.00 2.00 ? 1   MET A CA   1 
ATOM 3    C C    . MET A 1 1   ? 8.664   -20.033 11.638  1.00 1.66 ? 1   MET A C    1 
ATOM 4    O O    . MET A 1 1   ? 8.030   -20.018 10.602  1.00 1.58 ? 1   MET A O    1 
ATOM 5    C CB   . MET A 1 1   ? 10.163  -21.665 12.799  1.00 2.41 ? 1   MET A CB   1 
ATOM 6    C CG   . MET A 1 1   ? 11.573  -22.258 12.828  1.00 2.86 ? 1   MET A CG   1 
ATOM 7    S SD   . MET A 1 1   ? 12.717  -21.032 13.538  1.00 3.84 ? 1   MET A SD   1 
ATOM 8    C CE   . MET A 1 1   ? 14.266  -21.490 12.699  1.00 4.23 ? 1   MET A CE   1 
ATOM 9    H H1   . MET A 1 1   ? 11.071  -19.338 13.017  1.00 2.81 ? 1   MET A H1   1 
ATOM 10   H H2   . MET A 1 1   ? 10.724  -18.635 11.509  1.00 2.72 ? 1   MET A H2   1 
ATOM 11   H H3   . MET A 1 1   ? 11.984  -19.765 11.652  1.00 2.88 ? 1   MET A H3   1 
ATOM 12   H HA   . MET A 1 1   ? 10.326  -21.054 10.744  1.00 2.52 ? 1   MET A HA   1 
ATOM 13   H HB2  . MET A 1 1   ? 9.942   -21.208 13.754  1.00 2.73 ? 1   MET A HB2  1 
ATOM 14   H HB3  . MET A 1 1   ? 9.448   -22.449 12.601  1.00 2.85 ? 1   MET A HB3  1 
ATOM 15   H HG2  . MET A 1 1   ? 11.574  -23.152 13.436  1.00 3.19 ? 1   MET A HG2  1 
ATOM 16   H HG3  . MET A 1 1   ? 11.866  -22.507 11.823  1.00 2.93 ? 1   MET A HG3  1 
ATOM 17   H HE1  . MET A 1 1   ? 14.794  -22.219 13.297  1.00 4.26 ? 1   MET A HE1  1 
ATOM 18   H HE2  . MET A 1 1   ? 14.882  -20.612 12.589  1.00 4.46 ? 1   MET A HE2  1 
ATOM 19   H HE3  . MET A 1 1   ? 14.063  -21.897 11.721  1.00 4.75 ? 1   MET A HE3  1 
ATOM 20   N N    . GLY A 1 2   ? 8.167   -19.551 12.744  1.00 1.55 ? 2   GLY A N    1 
ATOM 21   C CA   . GLY A 1 2   ? 6.799   -18.967 12.751  1.00 1.31 ? 2   GLY A CA   1 
ATOM 22   C C    . GLY A 1 2   ? 6.822   -17.638 11.992  1.00 1.04 ? 2   GLY A C    1 
ATOM 23   O O    . GLY A 1 2   ? 7.874   -17.144 11.637  1.00 1.02 ? 2   GLY A O    1 
ATOM 24   H H    . GLY A 1 2   ? 8.700   -19.566 13.567  1.00 1.70 ? 2   GLY A H    1 
ATOM 25   H HA2  . GLY A 1 2   ? 6.116   -19.653 12.271  1.00 1.36 ? 2   GLY A HA2  1 
ATOM 26   H HA3  . GLY A 1 2   ? 6.483   -18.793 13.769  1.00 1.39 ? 2   GLY A HA3  1 
ATOM 27   N N    . PRO A 1 3   ? 5.677   -17.059 11.744  1.00 0.95 ? 3   PRO A N    1 
ATOM 28   C CA   . PRO A 1 3   ? 5.612   -15.765 11.013  1.00 0.85 ? 3   PRO A CA   1 
ATOM 29   C C    . PRO A 1 3   ? 6.467   -14.688 11.685  1.00 0.72 ? 3   PRO A C    1 
ATOM 30   O O    . PRO A 1 3   ? 6.799   -14.787 12.850  1.00 0.73 ? 3   PRO A O    1 
ATOM 31   C CB   . PRO A 1 3   ? 4.127   -15.409 11.091  1.00 0.98 ? 3   PRO A CB   1 
ATOM 32   C CG   . PRO A 1 3   ? 3.379   -16.541 11.810  1.00 1.14 ? 3   PRO A CG   1 
ATOM 33   C CD   . PRO A 1 3   ? 4.380   -17.641 12.176  1.00 1.12 ? 3   PRO A CD   1 
ATOM 34   H HA   . PRO A 1 3   ? 5.903   -15.895 9.984   1.00 0.95 ? 3   PRO A HA   1 
ATOM 35   H HB2  . PRO A 1 3   ? 4.005   -14.486 11.640  1.00 0.96 ? 3   PRO A HB2  1 
ATOM 36   H HB3  . PRO A 1 3   ? 3.729   -15.293 10.094  1.00 1.10 ? 3   PRO A HB3  1 
ATOM 37   H HG2  . PRO A 1 3   ? 2.917   -16.156 12.707  1.00 1.28 ? 3   PRO A HG2  1 
ATOM 38   H HG3  . PRO A 1 3   ? 2.622   -16.947 11.157  1.00 1.29 ? 3   PRO A HG3  1 
ATOM 39   H HD2  . PRO A 1 3   ? 4.372   -17.825 13.243  1.00 1.24 ? 3   PRO A HD2  1 
ATOM 40   H HD3  . PRO A 1 3   ? 4.170   -18.543 11.625  1.00 1.20 ? 3   PRO A HD3  1 
ATOM 41   N N    . VAL A 1 4   ? 6.829   -13.660 10.968  1.00 0.68 ? 4   VAL A N    1 
ATOM 42   C CA   . VAL A 1 4   ? 7.661   -12.593 11.584  1.00 0.62 ? 4   VAL A CA   1 
ATOM 43   C C    . VAL A 1 4   ? 6.744   -11.676 12.431  1.00 0.51 ? 4   VAL A C    1 
ATOM 44   O O    . VAL A 1 4   ? 5.595   -11.491 12.084  1.00 0.50 ? 4   VAL A O    1 
ATOM 45   C CB   . VAL A 1 4   ? 8.338   -11.769 10.476  1.00 0.70 ? 4   VAL A CB   1 
ATOM 46   C CG1  . VAL A 1 4   ? 9.448   -12.583 9.783   1.00 0.89 ? 4   VAL A CG1  1 
ATOM 47   C CG2  . VAL A 1 4   ? 7.283   -11.356 9.441   1.00 0.74 ? 4   VAL A CG2  1 
ATOM 48   H H    . VAL A 1 4   ? 6.557   -13.591 10.031  1.00 0.75 ? 4   VAL A H    1 
ATOM 49   H HA   . VAL A 1 4   ? 8.404   -13.059 12.201  1.00 0.69 ? 4   VAL A HA   1 
ATOM 50   H HB   . VAL A 1 4   ? 8.770   -10.883 10.912  1.00 0.84 ? 4   VAL A HB   1 
ATOM 51   H HG11 . VAL A 1 4   ? 10.153  -11.903 9.326   1.00 1.47 ? 4   VAL A HG11 1 
ATOM 52   H HG12 . VAL A 1 4   ? 9.020   -13.216 9.021   1.00 1.23 ? 4   VAL A HG12 1 
ATOM 53   H HG13 . VAL A 1 4   ? 9.966   -13.195 10.505  1.00 1.44 ? 4   VAL A HG13 1 
ATOM 54   H HG21 . VAL A 1 4   ? 6.918   -12.228 8.919   1.00 1.24 ? 4   VAL A HG21 1 
ATOM 55   H HG22 . VAL A 1 4   ? 7.724   -10.672 8.730   1.00 1.31 ? 4   VAL A HG22 1 
ATOM 56   H HG23 . VAL A 1 4   ? 6.462   -10.871 9.943   1.00 1.29 ? 4   VAL A HG23 1 
ATOM 57   N N    . PRO A 1 5   ? 7.216   -11.102 13.532  1.00 0.50 ? 5   PRO A N    1 
ATOM 58   C CA   . PRO A 1 5   ? 6.336   -10.222 14.361  1.00 0.47 ? 5   PRO A CA   1 
ATOM 59   C C    . PRO A 1 5   ? 5.754   -9.037  13.564  1.00 0.38 ? 5   PRO A C    1 
ATOM 60   O O    . PRO A 1 5   ? 6.253   -8.702  12.508  1.00 0.37 ? 5   PRO A O    1 
ATOM 61   C CB   . PRO A 1 5   ? 7.288   -9.704  15.440  1.00 0.59 ? 5   PRO A CB   1 
ATOM 62   C CG   . PRO A 1 5   ? 8.665   -10.348 15.245  1.00 0.63 ? 5   PRO A CG   1 
ATOM 63   C CD   . PRO A 1 5   ? 8.611   -11.280 14.034  1.00 0.60 ? 5   PRO A CD   1 
ATOM 64   H HA   . PRO A 1 5   ? 5.563   -10.809 14.814  1.00 0.52 ? 5   PRO A HA   1 
ATOM 65   H HB2  . PRO A 1 5   ? 7.377   -8.629  15.357  1.00 0.68 ? 5   PRO A HB2  1 
ATOM 66   H HB3  . PRO A 1 5   ? 6.906   -9.962  16.416  1.00 0.63 ? 5   PRO A HB3  1 
ATOM 67   H HG2  . PRO A 1 5   ? 9.404   -9.579  15.083  1.00 0.68 ? 5   PRO A HG2  1 
ATOM 68   H HG3  . PRO A 1 5   ? 8.923   -10.918 16.124  1.00 0.70 ? 5   PRO A HG3  1 
ATOM 69   H HD2  . PRO A 1 5   ? 9.336   -10.981 13.287  1.00 0.61 ? 5   PRO A HD2  1 
ATOM 70   H HD3  . PRO A 1 5   ? 8.772   -12.299 14.346  1.00 0.69 ? 5   PRO A HD3  1 
ATOM 71   N N    . PRO A 1 6   ? 4.714   -8.391  14.062  1.00 0.41 ? 6   PRO A N    1 
ATOM 72   C CA   . PRO A 1 6   ? 4.117   -7.229  13.345  1.00 0.39 ? 6   PRO A CA   1 
ATOM 73   C C    . PRO A 1 6   ? 5.109   -6.077  13.167  1.00 0.31 ? 6   PRO A C    1 
ATOM 74   O O    . PRO A 1 6   ? 5.234   -5.510  12.100  1.00 0.29 ? 6   PRO A O    1 
ATOM 75   C CB   . PRO A 1 6   ? 2.981   -6.799  14.274  1.00 0.51 ? 6   PRO A CB   1 
ATOM 76   C CG   . PRO A 1 6   ? 3.016   -7.665  15.538  1.00 0.63 ? 6   PRO A CG   1 
ATOM 77   C CD   . PRO A 1 6   ? 4.063   -8.765  15.352  1.00 0.57 ? 6   PRO A CD   1 
ATOM 78   H HA   . PRO A 1 6   ? 3.714   -7.532  12.396  1.00 0.41 ? 6   PRO A HA   1 
ATOM 79   H HB2  . PRO A 1 6   ? 3.112   -5.760  14.543  1.00 0.46 ? 6   PRO A HB2  1 
ATOM 80   H HB3  . PRO A 1 6   ? 2.034   -6.928  13.775  1.00 0.62 ? 6   PRO A HB3  1 
ATOM 81   H HG2  . PRO A 1 6   ? 3.276   -7.053  16.390  1.00 0.68 ? 6   PRO A HG2  1 
ATOM 82   H HG3  . PRO A 1 6   ? 2.047   -8.114  15.695  1.00 0.78 ? 6   PRO A HG3  1 
ATOM 83   H HD2  . PRO A 1 6   ? 4.775   -8.758  16.167  1.00 0.63 ? 6   PRO A HD2  1 
ATOM 84   H HD3  . PRO A 1 6   ? 3.578   -9.724  15.266  1.00 0.64 ? 6   PRO A HD3  1 
ATOM 85   N N    . SER A 1 7   ? 5.806   -5.721  14.210  1.00 0.31 ? 7   SER A N    1 
ATOM 86   C CA   . SER A 1 7   ? 6.779   -4.599  14.104  1.00 0.28 ? 7   SER A CA   1 
ATOM 87   C C    . SER A 1 7   ? 7.870   -4.952  13.094  1.00 0.26 ? 7   SER A C    1 
ATOM 88   O O    . SER A 1 7   ? 8.296   -4.124  12.319  1.00 0.25 ? 7   SER A O    1 
ATOM 89   C CB   . SER A 1 7   ? 7.415   -4.345  15.473  1.00 0.32 ? 7   SER A CB   1 
ATOM 90   O OG   . SER A 1 7   ? 8.277   -5.428  15.798  1.00 0.36 ? 7   SER A OG   1 
ATOM 91   H H    . SER A 1 7   ? 5.682   -6.187  15.062  1.00 0.36 ? 7   SER A H    1 
ATOM 92   H HA   . SER A 1 7   ? 6.264   -3.707  13.780  1.00 0.27 ? 7   SER A HA   1 
ATOM 93   H HB2  . SER A 1 7   ? 7.988   -3.433  15.442  1.00 0.33 ? 7   SER A HB2  1 
ATOM 94   H HB3  . SER A 1 7   ? 6.637   -4.254  16.220  1.00 0.35 ? 7   SER A HB3  1 
ATOM 95   H HG   . SER A 1 7   ? 8.088   -6.150  15.195  1.00 0.98 ? 7   SER A HG   1 
ATOM 96   N N    . THR A 1 8   ? 8.324   -6.175  13.089  1.00 0.28 ? 8   THR A N    1 
ATOM 97   C CA   . THR A 1 8   ? 9.389   -6.565  12.119  1.00 0.29 ? 8   THR A CA   1 
ATOM 98   C C    . THR A 1 8   ? 8.825   -6.563  10.698  1.00 0.26 ? 8   THR A C    1 
ATOM 99   O O    . THR A 1 8   ? 9.460   -6.108  9.770   1.00 0.27 ? 8   THR A O    1 
ATOM 100  C CB   . THR A 1 8   ? 9.906   -7.961  12.465  1.00 0.35 ? 8   THR A CB   1 
ATOM 101  O OG1  . THR A 1 8   ? 10.462  -7.944  13.770  1.00 0.40 ? 8   THR A OG1  1 
ATOM 102  C CG2  . THR A 1 8   ? 10.974  -8.386  11.455  1.00 0.38 ? 8   THR A CG2  1 
ATOM 103  H H    . THR A 1 8   ? 7.966   -6.835  13.720  1.00 0.31 ? 8   THR A H    1 
ATOM 104  H HA   . THR A 1 8   ? 10.204  -5.858  12.180  1.00 0.31 ? 8   THR A HA   1 
ATOM 105  H HB   . THR A 1 8   ? 9.087   -8.664  12.433  1.00 0.35 ? 8   THR A HB   1 
ATOM 106  H HG1  . THR A 1 8   ? 10.693  -7.036  13.982  1.00 0.90 ? 8   THR A HG1  1 
ATOM 107  H HG21 . THR A 1 8   ? 11.239  -7.544  10.833  1.00 1.07 ? 8   THR A HG21 1 
ATOM 108  H HG22 . THR A 1 8   ? 10.587  -9.183  10.837  1.00 1.15 ? 8   THR A HG22 1 
ATOM 109  H HG23 . THR A 1 8   ? 11.850  -8.734  11.982  1.00 1.03 ? 8   THR A HG23 1 
ATOM 110  N N    . ALA A 1 9   ? 7.637   -7.065  10.520  1.00 0.25 ? 9   ALA A N    1 
ATOM 111  C CA   . ALA A 1 9   ? 7.041   -7.089  9.159   1.00 0.26 ? 9   ALA A CA   1 
ATOM 112  C C    . ALA A 1 9   ? 6.919   -5.660  8.638   1.00 0.24 ? 9   ALA A C    1 
ATOM 113  O O    . ALA A 1 9   ? 7.165   -5.386  7.480   1.00 0.26 ? 9   ALA A O    1 
ATOM 114  C CB   . ALA A 1 9   ? 5.650   -7.722  9.222   1.00 0.29 ? 9   ALA A CB   1 
ATOM 115  H H    . ALA A 1 9   ? 7.139   -7.427  11.279  1.00 0.26 ? 9   ALA A H    1 
ATOM 116  H HA   . ALA A 1 9   ? 7.670   -7.662  8.496   1.00 0.29 ? 9   ALA A HA   1 
ATOM 117  H HB1  . ALA A 1 9   ? 4.981   -7.069  9.762   1.00 0.97 ? 9   ALA A HB1  1 
ATOM 118  H HB2  . ALA A 1 9   ? 5.711   -8.671  9.731   1.00 1.09 ? 9   ALA A HB2  1 
ATOM 119  H HB3  . ALA A 1 9   ? 5.276   -7.874  8.221   1.00 1.09 ? 9   ALA A HB3  1 
ATOM 120  N N    . LEU A 1 10  ? 6.520   -4.745  9.479   1.00 0.22 ? 10  LEU A N    1 
ATOM 121  C CA   . LEU A 1 10  ? 6.367   -3.341  9.019   1.00 0.22 ? 10  LEU A CA   1 
ATOM 122  C C    . LEU A 1 10  ? 7.719   -2.765  8.576   1.00 0.21 ? 10  LEU A C    1 
ATOM 123  O O    . LEU A 1 10  ? 7.836   -2.190  7.512   1.00 0.23 ? 10  LEU A O    1 
ATOM 124  C CB   . LEU A 1 10  ? 5.770   -2.485  10.147  1.00 0.22 ? 10  LEU A CB   1 
ATOM 125  C CG   . LEU A 1 10  ? 5.688   -1.011  9.718   1.00 0.33 ? 10  LEU A CG   1 
ATOM 126  C CD1  . LEU A 1 10  ? 4.895   -0.869  8.415   1.00 0.48 ? 10  LEU A CD1  1 
ATOM 127  C CD2  . LEU A 1 10  ? 4.993   -0.225  10.829  1.00 0.82 ? 10  LEU A CD2  1 
ATOM 128  H H    . LEU A 1 10  ? 6.313   -4.985  10.406  1.00 0.22 ? 10  LEU A H    1 
ATOM 129  H HA   . LEU A 1 10  ? 5.691   -3.341  8.179   1.00 0.23 ? 10  LEU A HA   1 
ATOM 130  H HB2  . LEU A 1 10  ? 4.777   -2.844  10.378  1.00 0.29 ? 10  LEU A HB2  1 
ATOM 131  H HB3  . LEU A 1 10  ? 6.393   -2.563  11.037  1.00 0.23 ? 10  LEU A HB3  1 
ATOM 132  H HG   . LEU A 1 10  ? 6.682   -0.621  9.581   1.00 0.78 ? 10  LEU A HG   1 
ATOM 133  H HD11 . LEU A 1 10  ? 4.571   0.148   8.310   1.00 1.16 ? 10  LEU A HD11 1 
ATOM 134  H HD12 . LEU A 1 10  ? 4.035   -1.521  8.439   1.00 1.04 ? 10  LEU A HD12 1 
ATOM 135  H HD13 . LEU A 1 10  ? 5.522   -1.125  7.576   1.00 1.13 ? 10  LEU A HD13 1 
ATOM 136  H HD21 . LEU A 1 10  ? 4.010   0.094   10.517  1.00 1.40 ? 10  LEU A HD21 1 
ATOM 137  H HD22 . LEU A 1 10  ? 5.587   0.635   11.089  1.00 1.41 ? 10  LEU A HD22 1 
ATOM 138  H HD23 . LEU A 1 10  ? 4.898   -0.862  11.676  1.00 1.37 ? 10  LEU A HD23 1 
ATOM 139  N N    . ARG A 1 11  ? 8.737   -2.895  9.387   1.00 0.23 ? 11  ARG A N    1 
ATOM 140  C CA   . ARG A 1 11  ? 10.067  -2.331  9.006   1.00 0.25 ? 11  ARG A CA   1 
ATOM 141  C C    . ARG A 1 11  ? 10.531  -2.979  7.709   1.00 0.25 ? 11  ARG A C    1 
ATOM 142  O O    . ARG A 1 11  ? 11.007  -2.321  6.805   1.00 0.27 ? 11  ARG A O    1 
ATOM 143  C CB   . ARG A 1 11  ? 11.086  -2.647  10.098  1.00 0.29 ? 11  ARG A CB   1 
ATOM 144  C CG   . ARG A 1 11  ? 10.614  -2.048  11.426  1.00 0.33 ? 11  ARG A CG   1 
ATOM 145  C CD   . ARG A 1 11  ? 11.468  -2.583  12.585  1.00 0.95 ? 11  ARG A CD   1 
ATOM 146  N NE   . ARG A 1 11  ? 12.742  -1.816  12.658  1.00 1.53 ? 11  ARG A NE   1 
ATOM 147  C CZ   . ARG A 1 11  ? 13.504  -1.925  13.710  1.00 2.18 ? 11  ARG A CZ   1 
ATOM 148  N NH1  . ARG A 1 11  ? 13.178  -2.753  14.666  1.00 2.48 ? 11  ARG A NH1  1 
ATOM 149  N NH2  . ARG A 1 11  ? 14.595  -1.216  13.804  1.00 3.10 ? 11  ARG A NH2  1 
ATOM 150  H H    . ARG A 1 11  ? 8.625   -3.349  10.247  1.00 0.23 ? 11  ARG A H    1 
ATOM 151  H HA   . ARG A 1 11  ? 9.991   -1.262  8.875   1.00 0.26 ? 11  ARG A HA   1 
ATOM 152  H HB2  . ARG A 1 11  ? 11.184  -3.717  10.184  1.00 0.30 ? 11  ARG A HB2  1 
ATOM 153  H HB3  . ARG A 1 11  ? 12.042  -2.218  9.831   1.00 0.32 ? 11  ARG A HB3  1 
ATOM 154  H HG2  . ARG A 1 11  ? 10.706  -0.971  11.384  1.00 0.76 ? 11  ARG A HG2  1 
ATOM 155  H HG3  . ARG A 1 11  ? 9.583   -2.308  11.590  1.00 0.68 ? 11  ARG A HG3  1 
ATOM 156  H HD2  . ARG A 1 11  ? 10.932  -2.464  13.509  1.00 1.65 ? 11  ARG A HD2  1 
ATOM 157  H HD3  . ARG A 1 11  ? 11.681  -3.631  12.436  1.00 1.64 ? 11  ARG A HD3  1 
ATOM 158  H HE   . ARG A 1 11  ? 12.996  -1.214  11.927  1.00 2.05 ? 11  ARG A HE   1 
ATOM 159  H HH11 . ARG A 1 11  ? 12.346  -3.303  14.588  1.00 2.43 ? 11  ARG A HH11 1 
ATOM 160  H HH12 . ARG A 1 11  ? 13.762  -2.840  15.472  1.00 3.15 ? 11  ARG A HH12 1 
ATOM 161  H HH21 . ARG A 1 11  ? 14.847  -0.588  13.069  1.00 3.51 ? 11  ARG A HH21 1 
ATOM 162  H HH22 . ARG A 1 11  ? 15.178  -1.300  14.612  1.00 3.62 ? 11  ARG A HH22 1 
ATOM 163  N N    . GLU A 1 12  ? 10.385  -4.268  7.606   1.00 0.25 ? 12  GLU A N    1 
ATOM 164  C CA   . GLU A 1 12  ? 10.805  -4.954  6.361   1.00 0.28 ? 12  GLU A CA   1 
ATOM 165  C C    . GLU A 1 12  ? 10.000  -4.369  5.202   1.00 0.26 ? 12  GLU A C    1 
ATOM 166  O O    . GLU A 1 12  ? 10.506  -4.182  4.114   1.00 0.29 ? 12  GLU A O    1 
ATOM 167  C CB   . GLU A 1 12  ? 10.562  -6.465  6.485   1.00 0.30 ? 12  GLU A CB   1 
ATOM 168  C CG   . GLU A 1 12  ? 11.574  -7.079  7.464   1.00 0.34 ? 12  GLU A CG   1 
ATOM 169  C CD   . GLU A 1 12  ? 11.562  -8.603  7.327   1.00 1.14 ? 12  GLU A CD   1 
ATOM 170  O OE1  . GLU A 1 12  ? 10.579  -9.127  6.829   1.00 1.92 ? 12  GLU A OE1  1 
ATOM 171  O OE2  . GLU A 1 12  ? 12.543  -9.220  7.709   1.00 1.81 ? 12  GLU A OE2  1 
ATOM 172  H H    . GLU A 1 12  ? 9.992   -4.781  8.342   1.00 0.24 ? 12  GLU A H    1 
ATOM 173  H HA   . GLU A 1 12  ? 11.856  -4.765  6.188   1.00 0.30 ? 12  GLU A HA   1 
ATOM 174  H HB2  . GLU A 1 12  ? 9.560   -6.638  6.855   1.00 0.29 ? 12  GLU A HB2  1 
ATOM 175  H HB3  . GLU A 1 12  ? 10.674  -6.930  5.517   1.00 0.33 ? 12  GLU A HB3  1 
ATOM 176  H HG2  . GLU A 1 12  ? 12.566  -6.710  7.249   1.00 0.89 ? 12  GLU A HG2  1 
ATOM 177  H HG3  . GLU A 1 12  ? 11.303  -6.812  8.475   1.00 0.83 ? 12  GLU A HG3  1 
ATOM 178  N N    . LEU A 1 13  ? 8.751   -4.067  5.431   1.00 0.23 ? 13  LEU A N    1 
ATOM 179  C CA   . LEU A 1 13  ? 7.920   -3.479  4.345   1.00 0.24 ? 13  LEU A CA   1 
ATOM 180  C C    . LEU A 1 13  ? 8.402   -2.048  4.051   1.00 0.22 ? 13  LEU A C    1 
ATOM 181  O O    . LEU A 1 13  ? 8.599   -1.679  2.910   1.00 0.23 ? 13  LEU A O    1 
ATOM 182  C CB   . LEU A 1 13  ? 6.447   -3.463  4.793   1.00 0.24 ? 13  LEU A CB   1 
ATOM 183  C CG   . LEU A 1 13  ? 5.551   -2.789  3.738   1.00 0.27 ? 13  LEU A CG   1 
ATOM 184  C CD1  . LEU A 1 13  ? 5.611   -3.556  2.414   1.00 0.32 ? 13  LEU A CD1  1 
ATOM 185  C CD2  . LEU A 1 13  ? 4.105   -2.784  4.241   1.00 0.31 ? 13  LEU A CD2  1 
ATOM 186  H H    . LEU A 1 13  ? 8.365   -4.217  6.320   1.00 0.22 ? 13  LEU A H    1 
ATOM 187  H HA   . LEU A 1 13  ? 8.023   -4.084  3.458   1.00 0.27 ? 13  LEU A HA   1 
ATOM 188  H HB2  . LEU A 1 13  ? 6.114   -4.481  4.941   1.00 0.26 ? 13  LEU A HB2  1 
ATOM 189  H HB3  . LEU A 1 13  ? 6.366   -2.925  5.725   1.00 0.22 ? 13  LEU A HB3  1 
ATOM 190  H HG   . LEU A 1 13  ? 5.873   -1.772  3.580   1.00 0.26 ? 13  LEU A HG   1 
ATOM 191  H HD11 . LEU A 1 13  ? 4.750   -3.297  1.813   1.00 1.06 ? 13  LEU A HD11 1 
ATOM 192  H HD12 . LEU A 1 13  ? 5.603   -4.614  2.612   1.00 1.07 ? 13  LEU A HD12 1 
ATOM 193  H HD13 . LEU A 1 13  ? 6.509   -3.294  1.880   1.00 1.01 ? 13  LEU A HD13 1 
ATOM 194  H HD21 . LEU A 1 13  ? 4.090   -2.546  5.294   1.00 1.08 ? 13  LEU A HD21 1 
ATOM 195  H HD22 . LEU A 1 13  ? 3.667   -3.759  4.086   1.00 1.03 ? 13  LEU A HD22 1 
ATOM 196  H HD23 . LEU A 1 13  ? 3.538   -2.043  3.696   1.00 1.07 ? 13  LEU A HD23 1 
ATOM 197  N N    . ILE A 1 14  ? 8.595   -1.235  5.066   1.00 0.21 ? 14  ILE A N    1 
ATOM 198  C CA   . ILE A 1 14  ? 9.062   0.166   4.814   1.00 0.21 ? 14  ILE A CA   1 
ATOM 199  C C    . ILE A 1 14  ? 10.419  0.130   4.105   1.00 0.21 ? 14  ILE A C    1 
ATOM 200  O O    . ILE A 1 14  ? 10.632  0.822   3.132   1.00 0.22 ? 14  ILE A O    1 
ATOM 201  C CB   . ILE A 1 14  ? 9.194   0.947   6.143   1.00 0.21 ? 14  ILE A CB   1 
ATOM 202  C CG1  . ILE A 1 14  ? 7.797   1.120   6.771   1.00 0.23 ? 14  ILE A CG1  1 
ATOM 203  C CG2  . ILE A 1 14  ? 9.828   2.339   5.884   1.00 0.23 ? 14  ILE A CG2  1 
ATOM 204  C CD1  . ILE A 1 14  ? 7.912   1.540   8.248   1.00 0.25 ? 14  ILE A CD1  1 
ATOM 205  H H    . ILE A 1 14  ? 8.433   -1.543  5.981   1.00 0.21 ? 14  ILE A H    1 
ATOM 206  H HA   . ILE A 1 14  ? 8.346   0.667   4.178   1.00 0.22 ? 14  ILE A HA   1 
ATOM 207  H HB   . ILE A 1 14  ? 9.826   0.390   6.821   1.00 0.21 ? 14  ILE A HB   1 
ATOM 208  H HG12 . ILE A 1 14  ? 7.245   1.870   6.224   1.00 0.23 ? 14  ILE A HG12 1 
ATOM 209  H HG13 . ILE A 1 14  ? 7.268   0.181   6.714   1.00 0.23 ? 14  ILE A HG13 1 
ATOM 210  H HG21 . ILE A 1 14  ? 9.915   2.522   4.825   1.00 1.06 ? 14  ILE A HG21 1 
ATOM 211  H HG22 . ILE A 1 14  ? 10.808  2.375   6.334   1.00 1.01 ? 14  ILE A HG22 1 
ATOM 212  H HG23 . ILE A 1 14  ? 9.216   3.112   6.314   1.00 1.03 ? 14  ILE A HG23 1 
ATOM 213  H HD11 . ILE A 1 14  ? 6.934   1.514   8.701   1.00 1.05 ? 14  ILE A HD11 1 
ATOM 214  H HD12 . ILE A 1 14  ? 8.302   2.541   8.326   1.00 0.97 ? 14  ILE A HD12 1 
ATOM 215  H HD13 . ILE A 1 14  ? 8.567   0.859   8.768   1.00 1.12 ? 14  ILE A HD13 1 
ATOM 216  N N    . GLU A 1 15  ? 11.347  -0.640  4.590   1.00 0.23 ? 15  GLU A N    1 
ATOM 217  C CA   . GLU A 1 15  ? 12.683  -0.661  3.939   1.00 0.25 ? 15  GLU A CA   1 
ATOM 218  C C    . GLU A 1 15  ? 12.535  -1.107  2.488   1.00 0.24 ? 15  GLU A C    1 
ATOM 219  O O    . GLU A 1 15  ? 13.181  -0.585  1.602   1.00 0.26 ? 15  GLU A O    1 
ATOM 220  C CB   . GLU A 1 15  ? 13.606  -1.634  4.676   1.00 0.28 ? 15  GLU A CB   1 
ATOM 221  C CG   . GLU A 1 15  ? 13.935  -1.079  6.064   1.00 0.31 ? 15  GLU A CG   1 
ATOM 222  C CD   . GLU A 1 15  ? 15.055  -1.910  6.692   1.00 1.10 ? 15  GLU A CD   1 
ATOM 223  O OE1  . GLU A 1 15  ? 14.744  -2.885  7.355   1.00 1.90 ? 15  GLU A OE1  1 
ATOM 224  O OE2  . GLU A 1 15  ? 16.206  -1.556  6.497   1.00 1.78 ? 15  GLU A OE2  1 
ATOM 225  H H    . GLU A 1 15  ? 11.175  -1.181  5.389   1.00 0.23 ? 15  GLU A H    1 
ATOM 226  H HA   . GLU A 1 15  ? 13.109  0.330   3.965   1.00 0.26 ? 15  GLU A HA   1 
ATOM 227  H HB2  . GLU A 1 15  ? 13.114  -2.590  4.776   1.00 0.29 ? 15  GLU A HB2  1 
ATOM 228  H HB3  . GLU A 1 15  ? 14.520  -1.756  4.114   1.00 0.30 ? 15  GLU A HB3  1 
ATOM 229  H HG2  . GLU A 1 15  ? 14.252  -0.050  5.977   1.00 0.84 ? 15  GLU A HG2  1 
ATOM 230  H HG3  . GLU A 1 15  ? 13.057  -1.134  6.689   1.00 0.85 ? 15  GLU A HG3  1 
ATOM 231  N N    . GLU A 1 16  ? 11.696  -2.070  2.229   1.00 0.24 ? 16  GLU A N    1 
ATOM 232  C CA   . GLU A 1 16  ? 11.533  -2.530  0.827   1.00 0.26 ? 16  GLU A CA   1 
ATOM 233  C C    . GLU A 1 16  ? 10.822  -1.461  -0.008  1.00 0.24 ? 16  GLU A C    1 
ATOM 234  O O    . GLU A 1 16  ? 11.235  -1.170  -1.107  1.00 0.25 ? 16  GLU A O    1 
ATOM 235  C CB   . GLU A 1 16  ? 10.730  -3.830  0.793   1.00 0.27 ? 16  GLU A CB   1 
ATOM 236  C CG   . GLU A 1 16  ? 10.603  -4.302  -0.657  1.00 0.32 ? 16  GLU A CG   1 
ATOM 237  C CD   . GLU A 1 16  ? 10.226  -5.784  -0.685  1.00 0.91 ? 16  GLU A CD   1 
ATOM 238  O OE1  . GLU A 1 16  ? 10.025  -6.344  0.381   1.00 1.68 ? 16  GLU A OE1  1 
ATOM 239  O OE2  . GLU A 1 16  ? 10.150  -6.336  -1.770  1.00 1.56 ? 16  GLU A OE2  1 
ATOM 240  H H    . GLU A 1 16  ? 11.180  -2.485  2.951   1.00 0.24 ? 16  GLU A H    1 
ATOM 241  H HA   . GLU A 1 16  ? 12.510  -2.710  0.404   1.00 0.28 ? 16  GLU A HA   1 
ATOM 242  H HB2  . GLU A 1 16  ? 11.237  -4.583  1.377   1.00 0.29 ? 16  GLU A HB2  1 
ATOM 243  H HB3  . GLU A 1 16  ? 9.746   -3.656  1.202   1.00 0.27 ? 16  GLU A HB3  1 
ATOM 244  H HG2  . GLU A 1 16  ? 9.834   -3.727  -1.155  1.00 0.80 ? 16  GLU A HG2  1 
ATOM 245  H HG3  . GLU A 1 16  ? 11.544  -4.162  -1.167  1.00 0.84 ? 16  GLU A HG3  1 
ATOM 246  N N    . LEU A 1 17  ? 9.764   -0.869  0.497   1.00 0.23 ? 17  LEU A N    1 
ATOM 247  C CA   . LEU A 1 17  ? 9.048   0.176   -0.303  1.00 0.24 ? 17  LEU A CA   1 
ATOM 248  C C    . LEU A 1 17  ? 9.993   1.332   -0.622  1.00 0.23 ? 17  LEU A C    1 
ATOM 249  O O    . LEU A 1 17  ? 10.053  1.808   -1.739  1.00 0.25 ? 17  LEU A O    1 
ATOM 250  C CB   . LEU A 1 17  ? 7.852   0.728   0.486   1.00 0.25 ? 17  LEU A CB   1 
ATOM 251  C CG   . LEU A 1 17  ? 6.744   -0.327  0.600   1.00 0.27 ? 17  LEU A CG   1 
ATOM 252  C CD1  . LEU A 1 17  ? 5.696   0.157   1.604   1.00 0.30 ? 17  LEU A CD1  1 
ATOM 253  C CD2  . LEU A 1 17  ? 6.052   -0.546  -0.757  1.00 0.32 ? 17  LEU A CD2  1 
ATOM 254  H H    . LEU A 1 17  ? 9.442   -1.112  1.390   1.00 0.23 ? 17  LEU A H    1 
ATOM 255  H HA   . LEU A 1 17  ? 8.698   -0.263  -1.219  1.00 0.25 ? 17  LEU A HA   1 
ATOM 256  H HB2  . LEU A 1 17  ? 8.182   1.001   1.478   1.00 0.24 ? 17  LEU A HB2  1 
ATOM 257  H HB3  . LEU A 1 17  ? 7.467   1.607   -0.010  1.00 0.27 ? 17  LEU A HB3  1 
ATOM 258  H HG   . LEU A 1 17  ? 7.170   -1.255  0.945   1.00 0.26 ? 17  LEU A HG   1 
ATOM 259  H HD11 . LEU A 1 17  ? 6.175   0.388   2.542   1.00 1.03 ? 17  LEU A HD11 1 
ATOM 260  H HD12 . LEU A 1 17  ? 4.959   -0.618  1.755   1.00 1.09 ? 17  LEU A HD12 1 
ATOM 261  H HD13 . LEU A 1 17  ? 5.212   1.042   1.218   1.00 1.06 ? 17  LEU A HD13 1 
ATOM 262  H HD21 . LEU A 1 17  ? 4.989   -0.392  -0.640  1.00 1.11 ? 17  LEU A HD21 1 
ATOM 263  H HD22 . LEU A 1 17  ? 6.231   -1.556  -1.092  1.00 0.95 ? 17  LEU A HD22 1 
ATOM 264  H HD23 . LEU A 1 17  ? 6.432   0.148   -1.490  1.00 1.12 ? 17  LEU A HD23 1 
ATOM 265  N N    . VAL A 1 18  ? 10.724  1.794   0.349   1.00 0.23 ? 18  VAL A N    1 
ATOM 266  C CA   . VAL A 1 18  ? 11.655  2.926   0.103   1.00 0.26 ? 18  VAL A CA   1 
ATOM 267  C C    . VAL A 1 18  ? 12.681  2.516   -0.959  1.00 0.26 ? 18  VAL A C    1 
ATOM 268  O O    . VAL A 1 18  ? 12.921  3.223   -1.914  1.00 0.28 ? 18  VAL A O    1 
ATOM 269  C CB   . VAL A 1 18  ? 12.370  3.276   1.417   1.00 0.28 ? 18  VAL A CB   1 
ATOM 270  C CG1  . VAL A 1 18  ? 13.486  4.294   1.165   1.00 0.32 ? 18  VAL A CG1  1 
ATOM 271  C CG2  . VAL A 1 18  ? 11.360  3.878   2.395   1.00 0.29 ? 18  VAL A CG2  1 
ATOM 272  H H    . VAL A 1 18  ? 10.656  1.401   1.244   1.00 0.23 ? 18  VAL A H    1 
ATOM 273  H HA   . VAL A 1 18  ? 11.099  3.783   -0.242  1.00 0.27 ? 18  VAL A HA   1 
ATOM 274  H HB   . VAL A 1 18  ? 12.794  2.379   1.845   1.00 0.29 ? 18  VAL A HB   1 
ATOM 275  H HG11 . VAL A 1 18  ? 14.284  3.834   0.601   1.00 1.07 ? 18  VAL A HG11 1 
ATOM 276  H HG12 . VAL A 1 18  ? 13.873  4.642   2.112   1.00 1.07 ? 18  VAL A HG12 1 
ATOM 277  H HG13 . VAL A 1 18  ? 13.088  5.132   0.613   1.00 1.05 ? 18  VAL A HG13 1 
ATOM 278  H HG21 . VAL A 1 18  ? 10.854  4.705   1.922   1.00 1.10 ? 18  VAL A HG21 1 
ATOM 279  H HG22 . VAL A 1 18  ? 11.876  4.230   3.276   1.00 1.02 ? 18  VAL A HG22 1 
ATOM 280  H HG23 . VAL A 1 18  ? 10.638  3.128   2.675   1.00 0.97 ? 18  VAL A HG23 1 
ATOM 281  N N    . ASN A 1 19  ? 13.291  1.381   -0.787  1.00 0.26 ? 19  ASN A N    1 
ATOM 282  C CA   . ASN A 1 19  ? 14.327  0.917   -1.755  1.00 0.29 ? 19  ASN A CA   1 
ATOM 283  C C    . ASN A 1 19  ? 13.811  0.978   -3.201  1.00 0.29 ? 19  ASN A C    1 
ATOM 284  O O    . ASN A 1 19  ? 14.490  1.461   -4.084  1.00 0.32 ? 19  ASN A O    1 
ATOM 285  C CB   . ASN A 1 19  ? 14.695  -0.531  -1.417  1.00 0.31 ? 19  ASN A CB   1 
ATOM 286  C CG   . ASN A 1 19  ? 16.154  -0.809  -1.787  1.00 1.16 ? 19  ASN A CG   1 
ATOM 287  O OD1  . ASN A 1 19  ? 16.803  -0.003  -2.424  1.00 1.93 ? 19  ASN A OD1  1 
ATOM 288  N ND2  . ASN A 1 19  ? 16.702  -1.930  -1.404  1.00 1.89 ? 19  ASN A ND2  1 
ATOM 289  H H    . ASN A 1 19  ? 13.083  0.833   -0.002  1.00 0.26 ? 19  ASN A H    1 
ATOM 290  H HA   . ASN A 1 19  ? 15.204  1.538   -1.661  1.00 0.32 ? 19  ASN A HA   1 
ATOM 291  H HB2  . ASN A 1 19  ? 14.554  -0.698  -0.359  1.00 0.94 ? 19  ASN A HB2  1 
ATOM 292  H HB3  . ASN A 1 19  ? 14.054  -1.199  -1.973  1.00 0.77 ? 19  ASN A HB3  1 
ATOM 293  H HD21 . ASN A 1 19  ? 16.180  -2.580  -0.888  1.00 2.20 ? 19  ASN A HD21 1 
ATOM 294  H HD22 . ASN A 1 19  ? 17.636  -2.121  -1.629  1.00 2.51 ? 19  ASN A HD22 1 
ATOM 295  N N    . ILE A 1 20  ? 12.638  0.470   -3.462  1.00 0.28 ? 20  ILE A N    1 
ATOM 296  C CA   . ILE A 1 20  ? 12.124  0.480   -4.865  1.00 0.29 ? 20  ILE A CA   1 
ATOM 297  C C    . ILE A 1 20  ? 11.657  1.880   -5.286  1.00 0.26 ? 20  ILE A C    1 
ATOM 298  O O    . ILE A 1 20  ? 11.427  2.121   -6.453  1.00 0.28 ? 20  ILE A O    1 
ATOM 299  C CB   . ILE A 1 20  ? 10.981  -0.539  -5.008  1.00 0.32 ? 20  ILE A CB   1 
ATOM 300  C CG1  . ILE A 1 20  ? 9.842   -0.209  -4.020  1.00 0.29 ? 20  ILE A CG1  1 
ATOM 301  C CG2  . ILE A 1 20  ? 11.553  -1.938  -4.721  1.00 0.39 ? 20  ILE A CG2  1 
ATOM 302  C CD1  . ILE A 1 20  ? 8.547   -0.923  -4.436  1.00 0.40 ? 20  ILE A CD1  1 
ATOM 303  H H    . ILE A 1 20  ? 12.108  0.060   -2.746  1.00 0.27 ? 20  ILE A H    1 
ATOM 304  H HA   . ILE A 1 20  ? 12.929  0.181   -5.521  1.00 0.33 ? 20  ILE A HA   1 
ATOM 305  H HB   . ILE A 1 20  ? 10.604  -0.511  -6.020  1.00 0.37 ? 20  ILE A HB   1 
ATOM 306  H HG12 . ILE A 1 20  ? 10.121  -0.524  -3.038  1.00 0.30 ? 20  ILE A HG12 1 
ATOM 307  H HG13 . ILE A 1 20  ? 9.664   0.853   -4.009  1.00 0.30 ? 20  ILE A HG13 1 
ATOM 308  H HG21 . ILE A 1 20  ? 10.924  -2.466  -4.022  1.00 1.08 ? 20  ILE A HG21 1 
ATOM 309  H HG22 . ILE A 1 20  ? 12.542  -1.838  -4.301  1.00 1.12 ? 20  ILE A HG22 1 
ATOM 310  H HG23 . ILE A 1 20  ? 11.612  -2.495  -5.644  1.00 1.01 ? 20  ILE A HG23 1 
ATOM 311  H HD11 . ILE A 1 20  ? 7.763   -0.677  -3.735  1.00 1.03 ? 20  ILE A HD11 1 
ATOM 312  H HD12 . ILE A 1 20  ? 8.698   -1.990  -4.442  1.00 1.16 ? 20  ILE A HD12 1 
ATOM 313  H HD13 . ILE A 1 20  ? 8.257   -0.596  -5.423  1.00 1.10 ? 20  ILE A HD13 1 
ATOM 314  N N    . THR A 1 21  ? 11.505  2.796   -4.355  1.00 0.24 ? 21  THR A N    1 
ATOM 315  C CA   . THR A 1 21  ? 11.036  4.173   -4.725  1.00 0.25 ? 21  THR A CA   1 
ATOM 316  C C    . THR A 1 21  ? 12.211  5.163   -4.756  1.00 0.27 ? 21  THR A C    1 
ATOM 317  O O    . THR A 1 21  ? 12.079  6.262   -5.259  1.00 0.36 ? 21  THR A O    1 
ATOM 318  C CB   . THR A 1 21  ? 9.994   4.651   -3.709  1.00 0.27 ? 21  THR A CB   1 
ATOM 319  O OG1  . THR A 1 21  ? 10.517  4.527   -2.395  1.00 0.28 ? 21  THR A OG1  1 
ATOM 320  C CG2  . THR A 1 21  ? 8.723   3.809   -3.839  1.00 0.29 ? 21  THR A CG2  1 
ATOM 321  H H    . THR A 1 21  ? 11.688  2.577   -3.418  1.00 0.24 ? 21  THR A H    1 
ATOM 322  H HA   . THR A 1 21  ? 10.579  4.148   -5.700  1.00 0.27 ? 21  THR A HA   1 
ATOM 323  H HB   . THR A 1 21  ? 9.750   5.685   -3.903  1.00 0.30 ? 21  THR A HB   1 
ATOM 324  H HG1  . THR A 1 21  ? 9.879   4.041   -1.867  1.00 0.90 ? 21  THR A HG1  1 
ATOM 325  H HG21 . THR A 1 21  ? 8.457   3.404   -2.873  1.00 1.02 ? 21  THR A HG21 1 
ATOM 326  H HG22 . THR A 1 21  ? 8.895   3.002   -4.534  1.00 1.02 ? 21  THR A HG22 1 
ATOM 327  H HG23 . THR A 1 21  ? 7.917   4.429   -4.203  1.00 1.05 ? 21  THR A HG23 1 
ATOM 328  N N    . GLN A 1 22  ? 13.355  4.807   -4.229  1.00 0.27 ? 22  GLN A N    1 
ATOM 329  C CA   . GLN A 1 22  ? 14.502  5.769   -4.257  1.00 0.31 ? 22  GLN A CA   1 
ATOM 330  C C    . GLN A 1 22  ? 15.266  5.656   -5.577  1.00 0.33 ? 22  GLN A C    1 
ATOM 331  O O    . GLN A 1 22  ? 15.709  6.646   -6.125  1.00 0.38 ? 22  GLN A O    1 
ATOM 332  C CB   . GLN A 1 22  ? 15.478  5.498   -3.103  1.00 0.36 ? 22  GLN A CB   1 
ATOM 333  C CG   . GLN A 1 22  ? 14.848  5.879   -1.758  1.00 0.38 ? 22  GLN A CG   1 
ATOM 334  C CD   . GLN A 1 22  ? 15.951  6.165   -0.740  1.00 1.16 ? 22  GLN A CD   1 
ATOM 335  O OE1  . GLN A 1 22  ? 17.042  5.641   -0.841  1.00 1.92 ? 22  GLN A OE1  1 
ATOM 336  N NE2  . GLN A 1 22  ? 15.708  6.986   0.245   1.00 1.95 ? 22  GLN A NE2  1 
ATOM 337  H H    . GLN A 1 22  ? 13.459  3.921   -3.823  1.00 0.28 ? 22  GLN A H    1 
ATOM 338  H HA   . GLN A 1 22  ? 14.118  6.772   -4.174  1.00 0.33 ? 22  GLN A HA   1 
ATOM 339  H HB2  . GLN A 1 22  ? 15.731  4.447   -3.093  1.00 0.35 ? 22  GLN A HB2  1 
ATOM 340  H HB3  . GLN A 1 22  ? 16.376  6.079   -3.252  1.00 0.41 ? 22  GLN A HB3  1 
ATOM 341  H HG2  . GLN A 1 22  ? 14.228  6.755   -1.868  1.00 0.90 ? 22  GLN A HG2  1 
ATOM 342  H HG3  . GLN A 1 22  ? 14.252  5.062   -1.405  1.00 0.88 ? 22  GLN A HG3  1 
ATOM 343  H HE21 . GLN A 1 22  ? 14.826  7.408   0.324   1.00 2.31 ? 22  GLN A HE21 1 
ATOM 344  H HE22 . GLN A 1 22  ? 16.406  7.182   0.904   1.00 2.56 ? 22  GLN A HE22 1 
ATOM 345  N N    . ASN A 1 23  ? 15.448  4.463   -6.081  1.00 0.36 ? 23  ASN A N    1 
ATOM 346  C CA   . ASN A 1 23  ? 16.215  4.306   -7.353  1.00 0.43 ? 23  ASN A CA   1 
ATOM 347  C C    . ASN A 1 23  ? 15.252  4.271   -8.539  1.00 0.42 ? 23  ASN A C    1 
ATOM 348  O O    . ASN A 1 23  ? 15.639  3.953   -9.645  1.00 0.53 ? 23  ASN A O    1 
ATOM 349  C CB   . ASN A 1 23  ? 17.030  3.002   -7.344  1.00 0.56 ? 23  ASN A CB   1 
ATOM 350  C CG   . ASN A 1 23  ? 17.315  2.531   -5.912  1.00 1.45 ? 23  ASN A CG   1 
ATOM 351  O OD1  . ASN A 1 23  ? 17.211  3.287   -4.966  1.00 2.30 ? 23  ASN A OD1  1 
ATOM 352  N ND2  . ASN A 1 23  ? 17.695  1.297   -5.719  1.00 2.11 ? 23  ASN A ND2  1 
ATOM 353  H H    . ASN A 1 23  ? 15.099  3.676   -5.616  1.00 0.38 ? 23  ASN A H    1 
ATOM 354  H HA   . ASN A 1 23  ? 16.890  5.141   -7.471  1.00 0.46 ? 23  ASN A HA   1 
ATOM 355  H HB2  . ASN A 1 23  ? 16.480  2.235   -7.867  1.00 1.10 ? 23  ASN A HB2  1 
ATOM 356  H HB3  . ASN A 1 23  ? 17.969  3.172   -7.852  1.00 1.17 ? 23  ASN A HB3  1 
ATOM 357  H HD21 . ASN A 1 23  ? 17.795  0.690   -6.482  1.00 2.24 ? 23  ASN A HD21 1 
ATOM 358  H HD22 . ASN A 1 23  ? 17.877  0.976   -4.811  1.00 2.87 ? 23  ASN A HD22 1 
ATOM 359  N N    . GLN A 1 24  ? 14.005  4.598   -8.333  1.00 0.37 ? 24  GLN A N    1 
ATOM 360  C CA   . GLN A 1 24  ? 13.059  4.575   -9.481  1.00 0.40 ? 24  GLN A CA   1 
ATOM 361  C C    . GLN A 1 24  ? 13.216  5.874   -10.266 1.00 0.52 ? 24  GLN A C    1 
ATOM 362  O O    . GLN A 1 24  ? 13.149  6.955   -9.715  1.00 0.59 ? 24  GLN A O    1 
ATOM 363  C CB   . GLN A 1 24  ? 11.609  4.428   -8.978  1.00 0.36 ? 24  GLN A CB   1 
ATOM 364  C CG   . GLN A 1 24  ? 11.049  5.777   -8.496  1.00 0.44 ? 24  GLN A CG   1 
ATOM 365  C CD   . GLN A 1 24  ? 9.714   5.542   -7.782  1.00 1.19 ? 24  GLN A CD   1 
ATOM 366  O OE1  . GLN A 1 24  ? 9.278   4.417   -7.638  1.00 1.80 ? 24  GLN A OE1  1 
ATOM 367  N NE2  . GLN A 1 24  ? 9.040   6.565   -7.333  1.00 1.81 ? 24  GLN A NE2  1 
ATOM 368  H H    . GLN A 1 24  ? 13.699  4.858   -7.440  1.00 0.37 ? 24  GLN A H    1 
ATOM 369  H HA   . GLN A 1 24  ? 13.302  3.740   -10.123 1.00 0.47 ? 24  GLN A HA   1 
ATOM 370  H HB2  . GLN A 1 24  ? 10.991  4.055   -9.781  1.00 0.39 ? 24  GLN A HB2  1 
ATOM 371  H HB3  . GLN A 1 24  ? 11.588  3.726   -8.159  1.00 0.38 ? 24  GLN A HB3  1 
ATOM 372  H HG2  . GLN A 1 24  ? 11.748  6.240   -7.816  1.00 0.92 ? 24  GLN A HG2  1 
ATOM 373  H HG3  . GLN A 1 24  ? 10.877  6.427   -9.340  1.00 0.71 ? 24  GLN A HG3  1 
ATOM 374  H HE21 . GLN A 1 24  ? 9.389   7.473   -7.455  1.00 2.00 ? 24  GLN A HE21 1 
ATOM 375  H HE22 . GLN A 1 24  ? 8.185   6.426   -6.875  1.00 2.37 ? 24  GLN A HE22 1 
ATOM 376  N N    . LYS A 1 25  ? 13.410  5.782   -11.548 1.00 0.65 ? 25  LYS A N    1 
ATOM 377  C CA   . LYS A 1 25  ? 13.553  7.019   -12.363 1.00 0.84 ? 25  LYS A CA   1 
ATOM 378  C C    . LYS A 1 25  ? 12.161  7.461   -12.803 1.00 0.87 ? 25  LYS A C    1 
ATOM 379  O O    . LYS A 1 25  ? 11.559  8.338   -12.215 1.00 0.96 ? 25  LYS A O    1 
ATOM 380  C CB   . LYS A 1 25  ? 14.418  6.718   -13.591 1.00 1.01 ? 25  LYS A CB   1 
ATOM 381  C CG   . LYS A 1 25  ? 14.565  7.980   -14.443 1.00 1.23 ? 25  LYS A CG   1 
ATOM 382  C CD   . LYS A 1 25  ? 15.497  7.696   -15.622 1.00 1.64 ? 25  LYS A CD   1 
ATOM 383  C CE   . LYS A 1 25  ? 15.432  8.860   -16.612 1.00 2.05 ? 25  LYS A CE   1 
ATOM 384  N NZ   . LYS A 1 25  ? 16.813  9.282   -16.976 1.00 2.46 ? 25  LYS A NZ   1 
ATOM 385  H H    . LYS A 1 25  ? 13.452  4.903   -11.978 1.00 0.67 ? 25  LYS A H    1 
ATOM 386  H HA   . LYS A 1 25  ? 14.015  7.794   -11.770 1.00 0.87 ? 25  LYS A HA   1 
ATOM 387  H HB2  . LYS A 1 25  ? 15.394  6.384   -13.271 1.00 1.00 ? 25  LYS A HB2  1 
ATOM 388  H HB3  . LYS A 1 25  ? 13.948  5.943   -14.179 1.00 1.03 ? 25  LYS A HB3  1 
ATOM 389  H HG2  . LYS A 1 25  ? 13.596  8.281   -14.816 1.00 1.32 ? 25  LYS A HG2  1 
ATOM 390  H HG3  . LYS A 1 25  ? 14.981  8.774   -13.842 1.00 1.36 ? 25  LYS A HG3  1 
ATOM 391  H HD2  . LYS A 1 25  ? 16.509  7.583   -15.262 1.00 1.94 ? 25  LYS A HD2  1 
ATOM 392  H HD3  . LYS A 1 25  ? 15.186  6.787   -16.116 1.00 1.95 ? 25  LYS A HD3  1 
ATOM 393  H HE2  . LYS A 1 25  ? 14.906  8.546   -17.502 1.00 2.56 ? 25  LYS A HE2  1 
ATOM 394  H HE3  . LYS A 1 25  ? 14.909  9.689   -16.160 1.00 2.39 ? 25  LYS A HE3  1 
ATOM 395  H HZ1  . LYS A 1 25  ? 16.850  10.318  -17.052 1.00 2.79 ? 25  LYS A HZ1  1 
ATOM 396  H HZ2  . LYS A 1 25  ? 17.075  8.858   -17.890 1.00 2.81 ? 25  LYS A HZ2  1 
ATOM 397  H HZ3  . LYS A 1 25  ? 17.478  8.967   -16.243 1.00 2.82 ? 25  LYS A HZ3  1 
ATOM 398  N N    . ALA A 1 26  ? 11.639  6.842   -13.821 1.00 0.92 ? 26  ALA A N    1 
ATOM 399  C CA   . ALA A 1 26  ? 10.275  7.193   -14.296 1.00 0.95 ? 26  ALA A CA   1 
ATOM 400  C C    . ALA A 1 26  ? 9.259   6.495   -13.380 1.00 0.70 ? 26  ALA A C    1 
ATOM 401  O O    . ALA A 1 26  ? 9.636   5.673   -12.568 1.00 0.55 ? 26  ALA A O    1 
ATOM 402  C CB   . ALA A 1 26  ? 10.120  6.704   -15.737 1.00 1.11 ? 26  ALA A CB   1 
ATOM 403  H H    . ALA A 1 26  ? 12.141  6.127   -14.264 1.00 1.00 ? 26  ALA A H    1 
ATOM 404  H HA   . ALA A 1 26  ? 10.139  8.263   -14.252 1.00 1.08 ? 26  ALA A HA   1 
ATOM 405  H HB1  . ALA A 1 26  ? 9.372   5.927   -15.777 1.00 1.63 ? 26  ALA A HB1  1 
ATOM 406  H HB2  . ALA A 1 26  ? 11.065  6.311   -16.084 1.00 1.48 ? 26  ALA A HB2  1 
ATOM 407  H HB3  . ALA A 1 26  ? 9.822   7.529   -16.368 1.00 1.49 ? 26  ALA A HB3  1 
ATOM 408  N N    . PRO A 1 27  ? 7.986   6.803   -13.483 1.00 0.71 ? 27  PRO A N    1 
ATOM 409  C CA   . PRO A 1 27  ? 6.983   6.145   -12.605 1.00 0.56 ? 27  PRO A CA   1 
ATOM 410  C C    . PRO A 1 27  ? 7.018   4.621   -12.744 1.00 0.41 ? 27  PRO A C    1 
ATOM 411  O O    . PRO A 1 27  ? 7.312   4.092   -13.798 1.00 0.54 ? 27  PRO A O    1 
ATOM 412  C CB   . PRO A 1 27  ? 5.658   6.713   -13.115 1.00 0.65 ? 27  PRO A CB   1 
ATOM 413  C CG   . PRO A 1 27  ? 5.951   7.767   -14.191 1.00 0.88 ? 27  PRO A CG   1 
ATOM 414  C CD   . PRO A 1 27  ? 7.459   7.800   -14.457 1.00 0.93 ? 27  PRO A CD   1 
ATOM 415  H HA   . PRO A 1 27  ? 7.131   6.435   -11.578 1.00 0.61 ? 27  PRO A HA   1 
ATOM 416  H HB2  . PRO A 1 27  ? 5.062   5.917   -13.538 1.00 0.57 ? 27  PRO A HB2  1 
ATOM 417  H HB3  . PRO A 1 27  ? 5.122   7.174   -12.298 1.00 0.74 ? 27  PRO A HB3  1 
ATOM 418  H HG2  . PRO A 1 27  ? 5.426   7.510   -15.100 1.00 0.93 ? 27  PRO A HG2  1 
ATOM 419  H HG3  . PRO A 1 27  ? 5.626   8.737   -13.846 1.00 1.02 ? 27  PRO A HG3  1 
ATOM 420  H HD2  . PRO A 1 27  ? 7.661   7.499   -15.474 1.00 1.03 ? 27  PRO A HD2  1 
ATOM 421  H HD3  . PRO A 1 27  ? 7.862   8.778   -14.253 1.00 1.07 ? 27  PRO A HD3  1 
ATOM 422  N N    . LEU A 1 28  ? 6.727   3.908   -11.690 1.00 0.39 ? 28  LEU A N    1 
ATOM 423  C CA   . LEU A 1 28  ? 6.756   2.421   -11.773 1.00 0.50 ? 28  LEU A CA   1 
ATOM 424  C C    . LEU A 1 28  ? 5.753   1.963   -12.831 1.00 0.43 ? 28  LEU A C    1 
ATOM 425  O O    . LEU A 1 28  ? 6.078   1.213   -13.731 1.00 0.76 ? 28  LEU A O    1 
ATOM 426  C CB   . LEU A 1 28  ? 6.350   1.842   -10.417 1.00 0.72 ? 28  LEU A CB   1 
ATOM 427  C CG   . LEU A 1 28  ? 7.394   2.209   -9.354  1.00 0.81 ? 28  LEU A CG   1 
ATOM 428  C CD1  . LEU A 1 28  ? 6.818   1.825   -7.969  1.00 1.06 ? 28  LEU A CD1  1 
ATOM 429  C CD2  . LEU A 1 28  ? 8.744   1.500   -9.681  1.00 0.91 ? 28  LEU A CD2  1 
ATOM 430  H H    . LEU A 1 28  ? 6.498   4.349   -10.846 1.00 0.49 ? 28  LEU A H    1 
ATOM 431  H HA   . LEU A 1 28  ? 7.745   2.085   -12.033 1.00 0.61 ? 28  LEU A HA   1 
ATOM 432  H HB2  . LEU A 1 28  ? 5.393   2.254   -10.132 1.00 0.75 ? 28  LEU A HB2  1 
ATOM 433  H HB3  . LEU A 1 28  ? 6.266   0.768   -10.491 1.00 0.86 ? 28  LEU A HB3  1 
ATOM 434  H HG   . LEU A 1 28  ? 7.543   3.281   -9.377  1.00 0.71 ? 28  LEU A HG   1 
ATOM 435  H HD11 . LEU A 1 28  ? 7.571   1.405   -7.324  1.00 1.56 ? 28  LEU A HD11 1 
ATOM 436  H HD12 . LEU A 1 28  ? 6.025   1.106   -8.102  1.00 1.35 ? 28  LEU A HD12 1 
ATOM 437  H HD13 . LEU A 1 28  ? 6.412   2.712   -7.505  1.00 1.60 ? 28  LEU A HD13 1 
ATOM 438  H HD21 . LEU A 1 28  ? 8.573   0.672   -10.350 1.00 1.30 ? 28  LEU A HD21 1 
ATOM 439  H HD22 . LEU A 1 28  ? 9.229   1.138   -8.790  1.00 1.42 ? 28  LEU A HD22 1 
ATOM 440  H HD23 . LEU A 1 28  ? 9.399   2.209   -10.166 1.00 1.37 ? 28  LEU A HD23 1 
ATOM 441  N N    . CYS A 1 29  ? 4.540   2.427   -12.735 1.00 0.39 ? 29  CYS A N    1 
ATOM 442  C CA   . CYS A 1 29  ? 3.508   2.042   -13.737 1.00 0.40 ? 29  CYS A CA   1 
ATOM 443  C C    . CYS A 1 29  ? 3.545   3.044   -14.890 1.00 0.36 ? 29  CYS A C    1 
ATOM 444  O O    . CYS A 1 29  ? 4.173   4.080   -14.800 1.00 0.36 ? 29  CYS A O    1 
ATOM 445  C CB   . CYS A 1 29  ? 2.125   2.066   -13.085 1.00 0.40 ? 29  CYS A CB   1 
ATOM 446  S SG   . CYS A 1 29  ? 2.012   0.745   -11.853 1.00 0.47 ? 29  CYS A SG   1 
ATOM 447  H H    . CYS A 1 29  ? 4.310   3.038   -12.006 1.00 0.65 ? 29  CYS A H    1 
ATOM 448  H HA   . CYS A 1 29  ? 3.717   1.050   -14.110 1.00 0.51 ? 29  CYS A HA   1 
ATOM 449  H HB2  . CYS A 1 29  ? 1.970   3.020   -12.604 1.00 0.40 ? 29  CYS A HB2  1 
ATOM 450  H HB3  . CYS A 1 29  ? 1.370   1.917   -13.842 1.00 0.46 ? 29  CYS A HB3  1 
ATOM 451  N N    . ASN A 1 30  ? 2.876   2.753   -15.971 1.00 0.37 ? 30  ASN A N    1 
ATOM 452  C CA   . ASN A 1 30  ? 2.880   3.706   -17.115 1.00 0.38 ? 30  ASN A CA   1 
ATOM 453  C C    . ASN A 1 30  ? 2.099   4.960   -16.723 1.00 0.32 ? 30  ASN A C    1 
ATOM 454  O O    . ASN A 1 30  ? 1.169   5.359   -17.395 1.00 0.36 ? 30  ASN A O    1 
ATOM 455  C CB   . ASN A 1 30  ? 2.217   3.056   -18.331 1.00 0.42 ? 30  ASN A CB   1 
ATOM 456  C CG   . ASN A 1 30  ? 3.108   1.931   -18.857 1.00 1.37 ? 30  ASN A CG   1 
ATOM 457  O OD1  . ASN A 1 30  ? 4.138   1.636   -18.282 1.00 2.17 ? 30  ASN A OD1  1 
ATOM 458  N ND2  . ASN A 1 30  ? 2.759   1.294   -19.940 1.00 2.11 ? 30  ASN A ND2  1 
ATOM 459  H H    . ASN A 1 30  ? 2.370   1.916   -16.027 1.00 0.39 ? 30  ASN A H    1 
ATOM 460  H HA   . ASN A 1 30  ? 3.897   3.975   -17.358 1.00 0.44 ? 30  ASN A HA   1 
ATOM 461  H HB2  . ASN A 1 30  ? 1.257   2.653   -18.043 1.00 1.00 ? 30  ASN A HB2  1 
ATOM 462  H HB3  . ASN A 1 30  ? 2.080   3.796   -19.104 1.00 0.86 ? 30  ASN A HB3  1 
ATOM 463  H HD21 . ASN A 1 30  ? 1.933   1.538   -20.408 1.00 2.37 ? 30  ASN A HD21 1 
ATOM 464  H HD22 . ASN A 1 30  ? 3.323   0.571   -20.286 1.00 2.78 ? 30  ASN A HD22 1 
ATOM 465  N N    . GLY A 1 31  ? 2.463   5.582   -15.637 1.00 0.31 ? 31  GLY A N    1 
ATOM 466  C CA   . GLY A 1 31  ? 1.734   6.804   -15.203 1.00 0.29 ? 31  GLY A CA   1 
ATOM 467  C C    . GLY A 1 31  ? 0.341   6.411   -14.714 1.00 0.23 ? 31  GLY A C    1 
ATOM 468  O O    . GLY A 1 31  ? -0.575  7.210   -14.711 1.00 0.26 ? 31  GLY A O    1 
ATOM 469  H H    . GLY A 1 31  ? 3.212   5.242   -15.103 1.00 0.38 ? 31  GLY A H    1 
ATOM 470  H HA2  . GLY A 1 31  ? 2.277   7.284   -14.401 1.00 0.31 ? 31  GLY A HA2  1 
ATOM 471  H HA3  . GLY A 1 31  ? 1.641   7.485   -16.036 1.00 0.34 ? 31  GLY A HA3  1 
ATOM 472  N N    . SER A 1 32  ? 0.173   5.186   -14.297 1.00 0.22 ? 32  SER A N    1 
ATOM 473  C CA   . SER A 1 32  ? -1.162  4.751   -13.806 1.00 0.22 ? 32  SER A CA   1 
ATOM 474  C C    . SER A 1 32  ? -1.535  5.589   -12.588 1.00 0.21 ? 32  SER A C    1 
ATOM 475  O O    . SER A 1 32  ? -0.678  6.041   -11.851 1.00 0.26 ? 32  SER A O    1 
ATOM 476  C CB   . SER A 1 32  ? -1.121  3.272   -13.421 1.00 0.30 ? 32  SER A CB   1 
ATOM 477  O OG   . SER A 1 32  ? -0.792  2.497   -14.566 1.00 0.35 ? 32  SER A OG   1 
ATOM 478  H H    . SER A 1 32  ? 0.923   4.556   -14.302 1.00 0.26 ? 32  SER A H    1 
ATOM 479  H HA   . SER A 1 32  ? -1.899  4.899   -14.581 1.00 0.26 ? 32  SER A HA   1 
ATOM 480  H HB2  . SER A 1 32  ? -0.375  3.116   -12.661 1.00 0.33 ? 32  SER A HB2  1 
ATOM 481  H HB3  . SER A 1 32  ? -2.088  2.974   -13.038 1.00 0.34 ? 32  SER A HB3  1 
ATOM 482  H HG   . SER A 1 32  ? -1.525  1.903   -14.743 1.00 0.96 ? 32  SER A HG   1 
ATOM 483  N N    . MET A 1 33  ? -2.807  5.804   -12.386 1.00 0.23 ? 33  MET A N    1 
ATOM 484  C CA   . MET A 1 33  ? -3.271  6.616   -11.227 1.00 0.25 ? 33  MET A CA   1 
ATOM 485  C C    . MET A 1 33  ? -4.146  5.740   -10.332 1.00 0.21 ? 33  MET A C    1 
ATOM 486  O O    . MET A 1 33  ? -4.729  4.774   -10.785 1.00 0.22 ? 33  MET A O    1 
ATOM 487  C CB   . MET A 1 33  ? -4.099  7.794   -11.733 1.00 0.35 ? 33  MET A CB   1 
ATOM 488  C CG   . MET A 1 33  ? -3.261  8.667   -12.669 1.00 0.40 ? 33  MET A CG   1 
ATOM 489  S SD   . MET A 1 33  ? -4.287  10.014  -13.319 1.00 0.89 ? 33  MET A SD   1 
ATOM 490  C CE   . MET A 1 33  ? -4.080  11.190  -11.954 1.00 0.67 ? 33  MET A CE   1 
ATOM 491  H H    . MET A 1 33  ? -3.466  5.430   -13.008 1.00 0.27 ? 33  MET A H    1 
ATOM 492  H HA   . MET A 1 33  ? -2.430  6.982   -10.660 1.00 0.28 ? 33  MET A HA   1 
ATOM 493  H HB2  . MET A 1 33  ? -4.969  7.429   -12.257 1.00 0.38 ? 33  MET A HB2  1 
ATOM 494  H HB3  . MET A 1 33  ? -4.406  8.382   -10.891 1.00 0.40 ? 33  MET A HB3  1 
ATOM 495  H HG2  . MET A 1 33  ? -2.426  9.081   -12.125 1.00 0.93 ? 33  MET A HG2  1 
ATOM 496  H HG3  . MET A 1 33  ? -2.896  8.066   -13.489 1.00 0.79 ? 33  MET A HG3  1 
ATOM 497  H HE1  . MET A 1 33  ? -4.959  11.816  -11.885 1.00 1.20 ? 33  MET A HE1  1 
ATOM 498  H HE2  . MET A 1 33  ? -3.217  11.807  -12.137 1.00 1.32 ? 33  MET A HE2  1 
ATOM 499  H HE3  . MET A 1 33  ? -3.943  10.654  -11.027 1.00 1.36 ? 33  MET A HE3  1 
ATOM 500  N N    . VAL A 1 34  ? -4.243  6.076   -9.070  1.00 0.19 ? 34  VAL A N    1 
ATOM 501  C CA   . VAL A 1 34  ? -5.085  5.278   -8.128  1.00 0.18 ? 34  VAL A CA   1 
ATOM 502  C C    . VAL A 1 34  ? -6.005  6.218   -7.357  1.00 0.17 ? 34  VAL A C    1 
ATOM 503  O O    . VAL A 1 34  ? -5.771  7.408   -7.274  1.00 0.17 ? 34  VAL A O    1 
ATOM 504  C CB   . VAL A 1 34  ? -4.195  4.523   -7.144  1.00 0.19 ? 34  VAL A CB   1 
ATOM 505  C CG1  . VAL A 1 34  ? -3.526  3.354   -7.860  1.00 0.25 ? 34  VAL A CG1  1 
ATOM 506  C CG2  . VAL A 1 34  ? -3.126  5.462   -6.593  1.00 0.22 ? 34  VAL A CG2  1 
ATOM 507  H H    . VAL A 1 34  ? -3.762  6.863   -8.741  1.00 0.21 ? 34  VAL A H    1 
ATOM 508  H HA   . VAL A 1 34  ? -5.688  4.572   -8.679  1.00 0.18 ? 34  VAL A HA   1 
ATOM 509  H HB   . VAL A 1 34  ? -4.800  4.146   -6.331  1.00 0.22 ? 34  VAL A HB   1 
ATOM 510  H HG11 . VAL A 1 34  ? -3.082  3.702   -8.782  1.00 1.05 ? 34  VAL A HG11 1 
ATOM 511  H HG12 . VAL A 1 34  ? -4.267  2.603   -8.079  1.00 1.04 ? 34  VAL A HG12 1 
ATOM 512  H HG13 . VAL A 1 34  ? -2.759  2.933   -7.227  1.00 1.02 ? 34  VAL A HG13 1 
ATOM 513  H HG21 . VAL A 1 34  ? -3.506  6.473   -6.580  1.00 1.06 ? 34  VAL A HG21 1 
ATOM 514  H HG22 . VAL A 1 34  ? -2.247  5.415   -7.218  1.00 1.06 ? 34  VAL A HG22 1 
ATOM 515  H HG23 . VAL A 1 34  ? -2.872  5.160   -5.589  1.00 0.99 ? 34  VAL A HG23 1 
ATOM 516  N N    . TRP A 1 35  ? -7.056  5.692   -6.806  1.00 0.18 ? 35  TRP A N    1 
ATOM 517  C CA   . TRP A 1 35  ? -8.008  6.543   -6.050  1.00 0.19 ? 35  TRP A CA   1 
ATOM 518  C C    . TRP A 1 35  ? -7.407  6.942   -4.704  1.00 0.18 ? 35  TRP A C    1 
ATOM 519  O O    . TRP A 1 35  ? -6.860  6.123   -3.992  1.00 0.19 ? 35  TRP A O    1 
ATOM 520  C CB   . TRP A 1 35  ? -9.283  5.757   -5.805  1.00 0.22 ? 35  TRP A CB   1 
ATOM 521  C CG   . TRP A 1 35  ? -9.999  5.508   -7.094  1.00 0.25 ? 35  TRP A CG   1 
ATOM 522  C CD1  . TRP A 1 35  ? -9.785  4.455   -7.915  1.00 0.28 ? 35  TRP A CD1  1 
ATOM 523  C CD2  . TRP A 1 35  ? -11.058 6.295   -7.704  1.00 0.27 ? 35  TRP A CD2  1 
ATOM 524  N NE1  . TRP A 1 35  ? -10.674 4.523   -8.968  1.00 0.33 ? 35  TRP A NE1  1 
ATOM 525  C CE2  . TRP A 1 35  ? -11.471 5.648   -8.892  1.00 0.32 ? 35  TRP A CE2  1 
ATOM 526  C CE3  . TRP A 1 35  ? -11.697 7.491   -7.343  1.00 0.28 ? 35  TRP A CE3  1 
ATOM 527  C CZ2  . TRP A 1 35  ? -12.489 6.168   -9.692  1.00 0.37 ? 35  TRP A CZ2  1 
ATOM 528  C CZ3  . TRP A 1 35  ? -12.715 8.024   -8.150  1.00 0.33 ? 35  TRP A CZ3  1 
ATOM 529  C CH2  . TRP A 1 35  ? -13.111 7.363   -9.322  1.00 0.37 ? 35  TRP A CH2  1 
ATOM 530  H H    . TRP A 1 35  ? -7.225  4.729   -6.895  1.00 0.20 ? 35  TRP A H    1 
ATOM 531  H HA   . TRP A 1 35  ? -8.238  7.425   -6.617  1.00 0.19 ? 35  TRP A HA   1 
ATOM 532  H HB2  . TRP A 1 35  ? -9.036  4.811   -5.347  1.00 0.24 ? 35  TRP A HB2  1 
ATOM 533  H HB3  . TRP A 1 35  ? -9.925  6.317   -5.142  1.00 0.25 ? 35  TRP A HB3  1 
ATOM 534  H HD1  . TRP A 1 35  ? -9.061  3.670   -7.756  1.00 0.29 ? 35  TRP A HD1  1 
ATOM 535  H HE1  . TRP A 1 35  ? -10.737 3.870   -9.694  1.00 0.37 ? 35  TRP A HE1  1 
ATOM 536  H HE3  . TRP A 1 35  ? -11.399 8.007   -6.442  1.00 0.26 ? 35  TRP A HE3  1 
ATOM 537  H HZ2  . TRP A 1 35  ? -12.788 5.654   -10.594 1.00 0.42 ? 35  TRP A HZ2  1 
ATOM 538  H HZ3  . TRP A 1 35  ? -13.189 8.952   -7.870  1.00 0.35 ? 35  TRP A HZ3  1 
ATOM 539  H HH2  . TRP A 1 35  ? -13.895 7.778   -9.939  1.00 0.42 ? 35  TRP A HH2  1 
ATOM 540  N N    . SER A 1 36  ? -7.520  8.189   -4.339  1.00 0.20 ? 36  SER A N    1 
ATOM 541  C CA   . SER A 1 36  ? -6.971  8.627   -3.026  1.00 0.21 ? 36  SER A CA   1 
ATOM 542  C C    . SER A 1 36  ? -7.835  8.032   -1.913  1.00 0.23 ? 36  SER A C    1 
ATOM 543  O O    . SER A 1 36  ? -9.015  7.805   -2.094  1.00 0.28 ? 36  SER A O    1 
ATOM 544  C CB   . SER A 1 36  ? -6.999  10.153  -2.940  1.00 0.26 ? 36  SER A CB   1 
ATOM 545  O OG   . SER A 1 36  ? -8.304  10.579  -2.580  1.00 0.97 ? 36  SER A OG   1 
ATOM 546  H H    . SER A 1 36  ? -7.977  8.832   -4.921  1.00 0.22 ? 36  SER A H    1 
ATOM 547  H HA   . SER A 1 36  ? -5.956  8.275   -2.924  1.00 0.21 ? 36  SER A HA   1 
ATOM 548  H HB2  . SER A 1 36  ? -6.297  10.487  -2.193  1.00 0.77 ? 36  SER A HB2  1 
ATOM 549  H HB3  . SER A 1 36  ? -6.725  10.572  -3.899  1.00 0.77 ? 36  SER A HB3  1 
ATOM 550  H HG   . SER A 1 36  ? -8.452  10.338  -1.662  1.00 1.48 ? 36  SER A HG   1 
ATOM 551  N N    . ILE A 1 37  ? -7.254  7.778   -0.768  1.00 0.21 ? 37  ILE A N    1 
ATOM 552  C CA   . ILE A 1 37  ? -8.028  7.190   0.371   1.00 0.24 ? 37  ILE A CA   1 
ATOM 553  C C    . ILE A 1 37  ? -7.712  7.951   1.659   1.00 0.25 ? 37  ILE A C    1 
ATOM 554  O O    . ILE A 1 37  ? -6.813  8.765   1.707   1.00 0.25 ? 37  ILE A O    1 
ATOM 555  C CB   . ILE A 1 37  ? -7.643  5.719   0.554   1.00 0.24 ? 37  ILE A CB   1 
ATOM 556  C CG1  . ILE A 1 37  ? -6.107  5.593   0.604   1.00 0.22 ? 37  ILE A CG1  1 
ATOM 557  C CG2  . ILE A 1 37  ? -8.204  4.913   -0.628  1.00 0.28 ? 37  ILE A CG2  1 
ATOM 558  C CD1  . ILE A 1 37  ? -5.705  4.280   1.284   1.00 0.27 ? 37  ILE A CD1  1 
ATOM 559  H H    . ILE A 1 37  ? -6.299  7.970   -0.658  1.00 0.21 ? 37  ILE A H    1 
ATOM 560  H HA   . ILE A 1 37  ? -9.086  7.260   0.171   1.00 0.28 ? 37  ILE A HA   1 
ATOM 561  H HB   . ILE A 1 37  ? -8.069  5.348   1.475   1.00 0.28 ? 37  ILE A HB   1 
ATOM 562  H HG12 . ILE A 1 37  ? -5.715  5.608   -0.399  1.00 0.23 ? 37  ILE A HG12 1 
ATOM 563  H HG13 . ILE A 1 37  ? -5.690  6.418   1.158   1.00 0.23 ? 37  ILE A HG13 1 
ATOM 564  H HG21 . ILE A 1 37  ? -8.036  3.860   -0.469  1.00 1.01 ? 37  ILE A HG21 1 
ATOM 565  H HG22 . ILE A 1 37  ? -7.718  5.221   -1.541  1.00 1.07 ? 37  ILE A HG22 1 
ATOM 566  H HG23 . ILE A 1 37  ? -9.266  5.094   -0.711  1.00 1.07 ? 37  ILE A HG23 1 
ATOM 567  H HD11 . ILE A 1 37  ? -6.094  3.444   0.731   1.00 1.04 ? 37  ILE A HD11 1 
ATOM 568  H HD12 . ILE A 1 37  ? -6.101  4.262   2.288   1.00 1.04 ? 37  ILE A HD12 1 
ATOM 569  H HD13 . ILE A 1 37  ? -4.627  4.214   1.325   1.00 1.06 ? 37  ILE A HD13 1 
ATOM 570  N N    . ASN A 1 38  ? -8.435  7.675   2.708   1.00 0.27 ? 38  ASN A N    1 
ATOM 571  C CA   . ASN A 1 38  ? -8.162  8.363   3.998   1.00 0.30 ? 38  ASN A CA   1 
ATOM 572  C C    . ASN A 1 38  ? -7.163  7.528   4.797   1.00 0.28 ? 38  ASN A C    1 
ATOM 573  O O    . ASN A 1 38  ? -7.405  6.376   5.097   1.00 0.28 ? 38  ASN A O    1 
ATOM 574  C CB   . ASN A 1 38  ? -9.462  8.501   4.792   1.00 0.35 ? 38  ASN A CB   1 
ATOM 575  C CG   . ASN A 1 38  ? -10.101 9.856   4.487   1.00 1.36 ? 38  ASN A CG   1 
ATOM 576  O OD1  . ASN A 1 38  ? -11.219 9.923   4.018   1.00 2.23 ? 38  ASN A OD1  1 
ATOM 577  N ND2  . ASN A 1 38  ? -9.429  10.946  4.737   1.00 2.07 ? 38  ASN A ND2  1 
ATOM 578  H H    . ASN A 1 38  ? -9.147  7.003   2.651   1.00 0.29 ? 38  ASN A H    1 
ATOM 579  H HA   . ASN A 1 38  ? -7.747  9.341   3.807   1.00 0.31 ? 38  ASN A HA   1 
ATOM 580  H HB2  . ASN A 1 38  ? -10.142 7.710   4.509   1.00 0.94 ? 38  ASN A HB2  1 
ATOM 581  H HB3  . ASN A 1 38  ? -9.249  8.435   5.848   1.00 0.95 ? 38  ASN A HB3  1 
ATOM 582  H HD21 . ASN A 1 38  ? -8.527  10.890  5.116   1.00 2.30 ? 38  ASN A HD21 1 
ATOM 583  H HD22 . ASN A 1 38  ? -9.827  11.821  4.546   1.00 2.78 ? 38  ASN A HD22 1 
ATOM 584  N N    . LEU A 1 39  ? -6.036  8.091   5.133   1.00 0.28 ? 39  LEU A N    1 
ATOM 585  C CA   . LEU A 1 39  ? -5.028  7.313   5.898   1.00 0.29 ? 39  LEU A CA   1 
ATOM 586  C C    . LEU A 1 39  ? -5.410  7.312   7.381   1.00 0.31 ? 39  LEU A C    1 
ATOM 587  O O    . LEU A 1 39  ? -5.252  8.301   8.070   1.00 0.34 ? 39  LEU A O    1 
ATOM 588  C CB   . LEU A 1 39  ? -3.639  7.947   5.732   1.00 0.31 ? 39  LEU A CB   1 
ATOM 589  C CG   . LEU A 1 39  ? -3.111  7.775   4.296   1.00 0.32 ? 39  LEU A CG   1 
ATOM 590  C CD1  . LEU A 1 39  ? -2.930  6.281   3.957   1.00 0.36 ? 39  LEU A CD1  1 
ATOM 591  C CD2  . LEU A 1 39  ? -4.062  8.465   3.297   1.00 0.31 ? 39  LEU A CD2  1 
ATOM 592  H H    . LEU A 1 39  ? -5.851  9.018   4.875   1.00 0.31 ? 39  LEU A H    1 
ATOM 593  H HA   . LEU A 1 39  ? -5.009  6.300   5.537   1.00 0.28 ? 39  LEU A HA   1 
ATOM 594  H HB2  . LEU A 1 39  ? -3.702  9.000   5.962   1.00 0.34 ? 39  LEU A HB2  1 
ATOM 595  H HB3  . LEU A 1 39  ? -2.952  7.477   6.420   1.00 0.33 ? 39  LEU A HB3  1 
ATOM 596  H HG   . LEU A 1 39  ? -2.142  8.252   4.233   1.00 0.37 ? 39  LEU A HG   1 
ATOM 597  H HD11 . LEU A 1 39  ? -3.844  5.860   3.570   1.00 1.03 ? 39  LEU A HD11 1 
ATOM 598  H HD12 . LEU A 1 39  ? -2.646  5.747   4.850   1.00 1.09 ? 39  LEU A HD12 1 
ATOM 599  H HD13 . LEU A 1 39  ? -2.149  6.178   3.220   1.00 1.11 ? 39  LEU A HD13 1 
ATOM 600  H HD21 . LEU A 1 39  ? -3.514  8.709   2.397   1.00 1.00 ? 39  LEU A HD21 1 
ATOM 601  H HD22 . LEU A 1 39  ? -4.440  9.375   3.738   1.00 1.09 ? 39  LEU A HD22 1 
ATOM 602  H HD23 . LEU A 1 39  ? -4.890  7.823   3.048   1.00 1.10 ? 39  LEU A HD23 1 
ATOM 603  N N    . THR A 1 40  ? -5.915  6.207   7.872   1.00 0.33 ? 40  THR A N    1 
ATOM 604  C CA   . THR A 1 40  ? -6.315  6.124   9.308   1.00 0.38 ? 40  THR A CA   1 
ATOM 605  C C    . THR A 1 40  ? -5.881  4.772   9.887   1.00 0.45 ? 40  THR A C    1 
ATOM 606  O O    . THR A 1 40  ? -4.734  4.587   10.239  1.00 0.69 ? 40  THR A O    1 
ATOM 607  C CB   . THR A 1 40  ? -7.835  6.263   9.416   1.00 0.40 ? 40  THR A CB   1 
ATOM 608  O OG1  . THR A 1 40  ? -8.456  5.239   8.653   1.00 0.44 ? 40  THR A OG1  1 
ATOM 609  C CG2  . THR A 1 40  ? -8.263  7.631   8.884   1.00 0.46 ? 40  THR A CG2  1 
ATOM 610  H H    . THR A 1 40  ? -6.035  5.430   7.292   1.00 0.34 ? 40  THR A H    1 
ATOM 611  H HA   . THR A 1 40  ? -5.841  6.918   9.865   1.00 0.41 ? 40  THR A HA   1 
ATOM 612  H HB   . THR A 1 40  ? -8.133  6.173   10.450  1.00 0.45 ? 40  THR A HB   1 
ATOM 613  H HG1  . THR A 1 40  ? -8.396  5.483   7.726   1.00 1.05 ? 40  THR A HG1  1 
ATOM 614  H HG21 . THR A 1 40  ? -7.595  8.390   9.264   1.00 1.16 ? 40  THR A HG21 1 
ATOM 615  H HG22 . THR A 1 40  ? -9.271  7.844   9.208   1.00 1.05 ? 40  THR A HG22 1 
ATOM 616  H HG23 . THR A 1 40  ? -8.225  7.625   7.805   1.00 1.04 ? 40  THR A HG23 1 
ATOM 617  N N    . ALA A 1 41  ? -6.795  3.834   9.989   1.00 0.43 ? 41  ALA A N    1 
ATOM 618  C CA   . ALA A 1 41  ? -6.452  2.487   10.552  1.00 0.50 ? 41  ALA A CA   1 
ATOM 619  C C    . ALA A 1 41  ? -6.484  1.429   9.446   1.00 0.41 ? 41  ALA A C    1 
ATOM 620  O O    . ALA A 1 41  ? -5.476  0.838   9.111   1.00 0.51 ? 41  ALA A O    1 
ATOM 621  C CB   . ALA A 1 41  ? -7.474  2.116   11.628  1.00 0.64 ? 41  ALA A CB   1 
ATOM 622  H H    . ALA A 1 41  ? -7.713  4.017   9.699   1.00 0.54 ? 41  ALA A H    1 
ATOM 623  H HA   . ALA A 1 41  ? -5.468  2.511   10.992  1.00 0.57 ? 41  ALA A HA   1 
ATOM 624  H HB1  . ALA A 1 41  ? -8.056  2.988   11.888  1.00 1.19 ? 41  ALA A HB1  1 
ATOM 625  H HB2  . ALA A 1 41  ? -6.958  1.753   12.504  1.00 1.13 ? 41  ALA A HB2  1 
ATOM 626  H HB3  . ALA A 1 41  ? -8.129  1.345   11.251  1.00 1.32 ? 41  ALA A HB3  1 
ATOM 627  N N    . GLY A 1 42  ? -7.633  1.180   8.877   1.00 0.37 ? 42  GLY A N    1 
ATOM 628  C CA   . GLY A 1 42  ? -7.728  0.153   7.795   1.00 0.35 ? 42  GLY A CA   1 
ATOM 629  C C    . GLY A 1 42  ? -6.975  0.635   6.552   1.00 0.25 ? 42  GLY A C    1 
ATOM 630  O O    . GLY A 1 42  ? -7.411  0.433   5.436   1.00 0.26 ? 42  GLY A O    1 
ATOM 631  H H    . GLY A 1 42  ? -8.436  1.664   9.163   1.00 0.47 ? 42  GLY A H    1 
ATOM 632  H HA2  . GLY A 1 42  ? -7.294  -0.774  8.142   1.00 0.40 ? 42  GLY A HA2  1 
ATOM 633  H HA3  . GLY A 1 42  ? -8.765  -0.006  7.543   1.00 0.44 ? 42  GLY A HA3  1 
ATOM 634  N N    . MET A 1 43  ? -5.854  1.277   6.732   1.00 0.21 ? 43  MET A N    1 
ATOM 635  C CA   . MET A 1 43  ? -5.083  1.776   5.563   1.00 0.20 ? 43  MET A CA   1 
ATOM 636  C C    . MET A 1 43  ? -4.671  0.605   4.677   1.00 0.19 ? 43  MET A C    1 
ATOM 637  O O    . MET A 1 43  ? -4.795  0.659   3.474   1.00 0.21 ? 43  MET A O    1 
ATOM 638  C CB   . MET A 1 43  ? -3.823  2.483   6.055   1.00 0.28 ? 43  MET A CB   1 
ATOM 639  C CG   . MET A 1 43  ? -4.218  3.616   6.994   1.00 0.33 ? 43  MET A CG   1 
ATOM 640  S SD   . MET A 1 43  ? -2.783  4.671   7.313   1.00 0.72 ? 43  MET A SD   1 
ATOM 641  C CE   . MET A 1 43  ? -1.775  3.430   8.157   1.00 0.36 ? 43  MET A CE   1 
ATOM 642  H H    . MET A 1 43  ? -5.519  1.434   7.636   1.00 0.25 ? 43  MET A H    1 
ATOM 643  H HA   . MET A 1 43  ? -5.689  2.467   4.995   1.00 0.23 ? 43  MET A HA   1 
ATOM 644  H HB2  . MET A 1 43  ? -3.195  1.778   6.579   1.00 0.32 ? 43  MET A HB2  1 
ATOM 645  H HB3  . MET A 1 43  ? -3.285  2.888   5.211   1.00 0.35 ? 43  MET A HB3  1 
ATOM 646  H HG2  . MET A 1 43  ? -5.000  4.194   6.538   1.00 0.46 ? 43  MET A HG2  1 
ATOM 647  H HG3  . MET A 1 43  ? -4.574  3.201   7.925   1.00 0.36 ? 43  MET A HG3  1 
ATOM 648  H HE1  . MET A 1 43  ? -1.259  2.826   7.422   1.00 1.06 ? 43  MET A HE1  1 
ATOM 649  H HE2  . MET A 1 43  ? -2.408  2.799   8.758   1.00 1.16 ? 43  MET A HE2  1 
ATOM 650  H HE3  . MET A 1 43  ? -1.055  3.924   8.794   1.00 1.07 ? 43  MET A HE3  1 
ATOM 651  N N    . TYR A 1 44  ? -4.175  -0.447  5.268   1.00 0.18 ? 44  TYR A N    1 
ATOM 652  C CA   . TYR A 1 44  ? -3.729  -1.622  4.466   1.00 0.20 ? 44  TYR A CA   1 
ATOM 653  C C    . TYR A 1 44  ? -4.885  -2.137  3.612   1.00 0.20 ? 44  TYR A C    1 
ATOM 654  O O    . TYR A 1 44  ? -4.733  -2.391  2.433   1.00 0.24 ? 44  TYR A O    1 
ATOM 655  C CB   . TYR A 1 44  ? -3.282  -2.734  5.420   1.00 0.21 ? 44  TYR A CB   1 
ATOM 656  C CG   . TYR A 1 44  ? -2.045  -2.298  6.169   1.00 0.22 ? 44  TYR A CG   1 
ATOM 657  C CD1  . TYR A 1 44  ? -2.168  -1.601  7.376   1.00 0.25 ? 44  TYR A CD1  1 
ATOM 658  C CD2  . TYR A 1 44  ? -0.775  -2.583  5.652   1.00 0.23 ? 44  TYR A CD2  1 
ATOM 659  C CE1  . TYR A 1 44  ? -1.023  -1.193  8.069   1.00 0.29 ? 44  TYR A CE1  1 
ATOM 660  C CE2  . TYR A 1 44  ? 0.371   -2.173  6.344   1.00 0.27 ? 44  TYR A CE2  1 
ATOM 661  C CZ   . TYR A 1 44  ? 0.247   -1.478  7.553   1.00 0.30 ? 44  TYR A CZ   1 
ATOM 662  O OH   . TYR A 1 44  ? 1.376   -1.075  8.235   1.00 0.35 ? 44  TYR A OH   1 
ATOM 663  H H    . TYR A 1 44  ? -4.081  -0.459  6.243   1.00 0.18 ? 44  TYR A H    1 
ATOM 664  H HA   . TYR A 1 44  ? -2.904  -1.337  3.831   1.00 0.22 ? 44  TYR A HA   1 
ATOM 665  H HB2  . TYR A 1 44  ? -4.074  -2.942  6.123   1.00 0.22 ? 44  TYR A HB2  1 
ATOM 666  H HB3  . TYR A 1 44  ? -3.062  -3.626  4.852   1.00 0.22 ? 44  TYR A HB3  1 
ATOM 667  H HD1  . TYR A 1 44  ? -3.148  -1.382  7.775   1.00 0.27 ? 44  TYR A HD1  1 
ATOM 668  H HD2  . TYR A 1 44  ? -0.680  -3.123  4.725   1.00 0.24 ? 44  TYR A HD2  1 
ATOM 669  H HE1  . TYR A 1 44  ? -1.118  -0.658  9.002   1.00 0.33 ? 44  TYR A HE1  1 
ATOM 670  H HE2  . TYR A 1 44  ? 1.349   -2.393  5.944   1.00 0.31 ? 44  TYR A HE2  1 
ATOM 671  H HH   . TYR A 1 44  ? 1.100   -0.501  8.953   1.00 0.97 ? 44  TYR A HH   1 
ATOM 672  N N    . CYS A 1 45  ? -6.039  -2.296  4.193   1.00 0.20 ? 45  CYS A N    1 
ATOM 673  C CA   . CYS A 1 45  ? -7.198  -2.801  3.410   1.00 0.23 ? 45  CYS A CA   1 
ATOM 674  C C    . CYS A 1 45  ? -7.636  -1.746  2.397   1.00 0.18 ? 45  CYS A C    1 
ATOM 675  O O    . CYS A 1 45  ? -7.782  -2.026  1.224   1.00 0.18 ? 45  CYS A O    1 
ATOM 676  C CB   . CYS A 1 45  ? -8.353  -3.124  4.358   1.00 0.28 ? 45  CYS A CB   1 
ATOM 677  S SG   . CYS A 1 45  ? -7.874  -4.497  5.437   1.00 0.58 ? 45  CYS A SG   1 
ATOM 678  H H    . CYS A 1 45  ? -6.141  -2.090  5.145   1.00 0.20 ? 45  CYS A H    1 
ATOM 679  H HA   . CYS A 1 45  ? -6.907  -3.693  2.880   1.00 0.28 ? 45  CYS A HA   1 
ATOM 680  H HB2  . CYS A 1 45  ? -8.579  -2.255  4.959   1.00 0.36 ? 45  CYS A HB2  1 
ATOM 681  H HB3  . CYS A 1 45  ? -9.223  -3.403  3.785   1.00 0.34 ? 45  CYS A HB3  1 
ATOM 682  N N    . ALA A 1 46  ? -7.844  -0.536  2.830   1.00 0.18 ? 46  ALA A N    1 
ATOM 683  C CA   . ALA A 1 46  ? -8.265  0.517   1.870   1.00 0.16 ? 46  ALA A CA   1 
ATOM 684  C C    . ALA A 1 46  ? -7.185  0.662   0.799   1.00 0.15 ? 46  ALA A C    1 
ATOM 685  O O    . ALA A 1 46  ? -7.468  0.765   -0.381  1.00 0.15 ? 46  ALA A O    1 
ATOM 686  C CB   . ALA A 1 46  ? -8.441  1.844   2.608   1.00 0.19 ? 46  ALA A CB   1 
ATOM 687  H H    . ALA A 1 46  ? -7.719  -0.320  3.777   1.00 0.19 ? 46  ALA A H    1 
ATOM 688  H HA   . ALA A 1 46  ? -9.197  0.232   1.409   1.00 0.16 ? 46  ALA A HA   1 
ATOM 689  H HB1  . ALA A 1 46  ? -7.534  2.424   2.525   1.00 1.05 ? 46  ALA A HB1  1 
ATOM 690  H HB2  . ALA A 1 46  ? -8.651  1.653   3.650   1.00 1.05 ? 46  ALA A HB2  1 
ATOM 691  H HB3  . ALA A 1 46  ? -9.260  2.395   2.170   1.00 1.00 ? 46  ALA A HB3  1 
ATOM 692  N N    . ALA A 1 47  ? -5.947  0.662   1.203   1.00 0.17 ? 47  ALA A N    1 
ATOM 693  C CA   . ALA A 1 47  ? -4.844  0.793   0.215   1.00 0.18 ? 47  ALA A CA   1 
ATOM 694  C C    . ALA A 1 47  ? -4.841  -0.412  -0.721  1.00 0.17 ? 47  ALA A C    1 
ATOM 695  O O    . ALA A 1 47  ? -4.578  -0.291  -1.901  1.00 0.18 ? 47  ALA A O    1 
ATOM 696  C CB   . ALA A 1 47  ? -3.495  0.865   0.942   1.00 0.21 ? 47  ALA A CB   1 
ATOM 697  H H    . ALA A 1 47  ? -5.742  0.571   2.157   1.00 0.19 ? 47  ALA A H    1 
ATOM 698  H HA   . ALA A 1 47  ? -4.996  1.688   -0.360  1.00 0.18 ? 47  ALA A HA   1 
ATOM 699  H HB1  . ALA A 1 47  ? -3.440  0.078   1.676   1.00 1.06 ? 47  ALA A HB1  1 
ATOM 700  H HB2  . ALA A 1 47  ? -3.397  1.824   1.431   1.00 1.03 ? 47  ALA A HB2  1 
ATOM 701  H HB3  . ALA A 1 47  ? -2.694  0.738   0.230   1.00 0.99 ? 47  ALA A HB3  1 
ATOM 702  N N    . LEU A 1 48  ? -5.098  -1.577  -0.202  1.00 0.17 ? 48  LEU A N    1 
ATOM 703  C CA   . LEU A 1 48  ? -5.072  -2.788  -1.063  1.00 0.18 ? 48  LEU A CA   1 
ATOM 704  C C    . LEU A 1 48  ? -6.106  -2.675  -2.185  1.00 0.17 ? 48  LEU A C    1 
ATOM 705  O O    . LEU A 1 48  ? -5.779  -2.812  -3.342  1.00 0.19 ? 48  LEU A O    1 
ATOM 706  C CB   . LEU A 1 48  ? -5.366  -4.022  -0.200  1.00 0.19 ? 48  LEU A CB   1 
ATOM 707  C CG   . LEU A 1 48  ? -5.362  -5.311  -1.049  1.00 0.21 ? 48  LEU A CG   1 
ATOM 708  C CD1  . LEU A 1 48  ? -3.979  -5.488  -1.716  1.00 0.25 ? 48  LEU A CD1  1 
ATOM 709  C CD2  . LEU A 1 48  ? -5.702  -6.498  -0.118  1.00 0.24 ? 48  LEU A CD2  1 
ATOM 710  H H    . LEU A 1 48  ? -5.286  -1.659  0.756   1.00 0.18 ? 48  LEU A H    1 
ATOM 711  H HA   . LEU A 1 48  ? -4.090  -2.880  -1.493  1.00 0.20 ? 48  LEU A HA   1 
ATOM 712  H HB2  . LEU A 1 48  ? -4.611  -4.099  0.568   1.00 0.22 ? 48  LEU A HB2  1 
ATOM 713  H HB3  . LEU A 1 48  ? -6.335  -3.907  0.264   1.00 0.19 ? 48  LEU A HB3  1 
ATOM 714  H HG   . LEU A 1 48  ? -6.118  -5.239  -1.818  1.00 0.22 ? 48  LEU A HG   1 
ATOM 715  H HD11 . LEU A 1 48  ? -3.941  -4.895  -2.618  1.00 1.00 ? 48  LEU A HD11 1 
ATOM 716  H HD12 . LEU A 1 48  ? -3.809  -6.519  -1.978  1.00 1.05 ? 48  LEU A HD12 1 
ATOM 717  H HD13 . LEU A 1 48  ? -3.208  -5.156  -1.039  1.00 1.09 ? 48  LEU A HD13 1 
ATOM 718  H HD21 . LEU A 1 48  ? -6.774  -6.629  -0.093  1.00 0.98 ? 48  LEU A HD21 1 
ATOM 719  H HD22 . LEU A 1 48  ? -5.349  -6.289  0.879   1.00 0.99 ? 48  LEU A HD22 1 
ATOM 720  H HD23 . LEU A 1 48  ? -5.246  -7.410  -0.470  1.00 1.14 ? 48  LEU A HD23 1 
ATOM 721  N N    . GLU A 1 49  ? -7.347  -2.433  -1.864  1.00 0.16 ? 49  GLU A N    1 
ATOM 722  C CA   . GLU A 1 49  ? -8.375  -2.345  -2.940  1.00 0.17 ? 49  GLU A CA   1 
ATOM 723  C C    . GLU A 1 49  ? -7.970  -1.288  -3.961  1.00 0.17 ? 49  GLU A C    1 
ATOM 724  O O    . GLU A 1 49  ? -8.234  -1.423  -5.140  1.00 0.20 ? 49  GLU A O    1 
ATOM 725  C CB   . GLU A 1 49  ? -9.742  -1.994  -2.343  1.00 0.17 ? 49  GLU A CB   1 
ATOM 726  C CG   . GLU A 1 49  ? -9.619  -0.782  -1.423  1.00 0.16 ? 49  GLU A CG   1 
ATOM 727  C CD   . GLU A 1 49  ? -11.019 -0.334  -0.996  1.00 0.42 ? 49  GLU A CD   1 
ATOM 728  O OE1  . GLU A 1 49  ? -11.933 -0.485  -1.788  1.00 1.20 ? 49  GLU A OE1  1 
ATOM 729  O OE2  . GLU A 1 49  ? -11.154 0.159   0.111   1.00 1.23 ? 49  GLU A OE2  1 
ATOM 730  H H    . GLU A 1 49  ? -7.604  -2.326  -0.924  1.00 0.15 ? 49  GLU A H    1 
ATOM 731  H HA   . GLU A 1 49  ? -8.445  -3.302  -3.436  1.00 0.19 ? 49  GLU A HA   1 
ATOM 732  H HB2  . GLU A 1 49  ? -10.433 -1.769  -3.143  1.00 0.19 ? 49  GLU A HB2  1 
ATOM 733  H HB3  . GLU A 1 49  ? -10.113 -2.836  -1.778  1.00 0.19 ? 49  GLU A HB3  1 
ATOM 734  H HG2  . GLU A 1 49  ? -9.042  -1.050  -0.549  1.00 0.31 ? 49  GLU A HG2  1 
ATOM 735  H HG3  . GLU A 1 49  ? -9.128  0.023   -1.947  1.00 0.34 ? 49  GLU A HG3  1 
ATOM 736  N N    . SER A 1 50  ? -7.334  -0.238  -3.536  1.00 0.17 ? 50  SER A N    1 
ATOM 737  C CA   . SER A 1 50  ? -6.925  0.808   -4.511  1.00 0.19 ? 50  SER A CA   1 
ATOM 738  C C    . SER A 1 50  ? -5.867  0.233   -5.464  1.00 0.19 ? 50  SER A C    1 
ATOM 739  O O    . SER A 1 50  ? -5.883  0.488   -6.651  1.00 0.21 ? 50  SER A O    1 
ATOM 740  C CB   . SER A 1 50  ? -6.336  2.001   -3.760  1.00 0.21 ? 50  SER A CB   1 
ATOM 741  O OG   . SER A 1 50  ? -7.248  2.421   -2.756  1.00 1.36 ? 50  SER A OG   1 
ATOM 742  H H    . SER A 1 50  ? -7.124  -0.135  -2.581  1.00 0.17 ? 50  SER A H    1 
ATOM 743  H HA   . SER A 1 50  ? -7.793  1.123   -5.078  1.00 0.20 ? 50  SER A HA   1 
ATOM 744  H HB2  . SER A 1 50  ? -5.405  1.715   -3.299  1.00 1.01 ? 50  SER A HB2  1 
ATOM 745  H HB3  . SER A 1 50  ? -6.154  2.808   -4.457  1.00 0.98 ? 50  SER A HB3  1 
ATOM 746  H HG   . SER A 1 50  ? -7.186  3.375   -2.678  1.00 1.92 ? 50  SER A HG   1 
ATOM 747  N N    . LEU A 1 51  ? -4.945  -0.538  -4.947  1.00 0.19 ? 51  LEU A N    1 
ATOM 748  C CA   . LEU A 1 51  ? -3.880  -1.130  -5.814  1.00 0.21 ? 51  LEU A CA   1 
ATOM 749  C C    . LEU A 1 51  ? -4.492  -2.193  -6.728  1.00 0.22 ? 51  LEU A C    1 
ATOM 750  O O    . LEU A 1 51  ? -4.071  -2.378  -7.854  1.00 0.25 ? 51  LEU A O    1 
ATOM 751  C CB   . LEU A 1 51  ? -2.809  -1.773  -4.929  1.00 0.23 ? 51  LEU A CB   1 
ATOM 752  C CG   . LEU A 1 51  ? -2.059  -0.682  -4.152  1.00 0.26 ? 51  LEU A CG   1 
ATOM 753  C CD1  . LEU A 1 51  ? -1.115  -1.333  -3.142  1.00 0.30 ? 51  LEU A CD1  1 
ATOM 754  C CD2  . LEU A 1 51  ? -1.244  0.203   -5.108  1.00 0.29 ? 51  LEU A CD2  1 
ATOM 755  H H    . LEU A 1 51  ? -4.951  -0.728  -3.985  1.00 0.19 ? 51  LEU A H    1 
ATOM 756  H HA   . LEU A 1 51  ? -3.434  -0.354  -6.416  1.00 0.23 ? 51  LEU A HA   1 
ATOM 757  H HB2  . LEU A 1 51  ? -3.284  -2.448  -4.232  1.00 0.25 ? 51  LEU A HB2  1 
ATOM 758  H HB3  . LEU A 1 51  ? -2.115  -2.326  -5.543  1.00 0.25 ? 51  LEU A HB3  1 
ATOM 759  H HG   . LEU A 1 51  ? -2.775  -0.070  -3.621  1.00 0.26 ? 51  LEU A HG   1 
ATOM 760  H HD11 . LEU A 1 51  ? -0.282  -1.782  -3.663  1.00 1.09 ? 51  LEU A HD11 1 
ATOM 761  H HD12 . LEU A 1 51  ? -1.647  -2.094  -2.591  1.00 0.97 ? 51  LEU A HD12 1 
ATOM 762  H HD13 . LEU A 1 51  ? -0.748  -0.583  -2.456  1.00 1.03 ? 51  LEU A HD13 1 
ATOM 763  H HD21 . LEU A 1 51  ? -1.844  1.046   -5.416  1.00 1.01 ? 51  LEU A HD21 1 
ATOM 764  H HD22 . LEU A 1 51  ? -0.949  -0.365  -5.977  1.00 1.06 ? 51  LEU A HD22 1 
ATOM 765  H HD23 . LEU A 1 51  ? -0.362  0.562   -4.598  1.00 1.03 ? 51  LEU A HD23 1 
ATOM 766  N N    . ILE A 1 52  ? -5.483  -2.893  -6.251  1.00 0.22 ? 52  ILE A N    1 
ATOM 767  C CA   . ILE A 1 52  ? -6.130  -3.945  -7.083  1.00 0.25 ? 52  ILE A CA   1 
ATOM 768  C C    . ILE A 1 52  ? -6.597  -3.318  -8.406  1.00 0.25 ? 52  ILE A C    1 
ATOM 769  O O    . ILE A 1 52  ? -6.861  -4.004  -9.374  1.00 0.28 ? 52  ILE A O    1 
ATOM 770  C CB   . ILE A 1 52  ? -7.323  -4.524  -6.299  1.00 0.26 ? 52  ILE A CB   1 
ATOM 771  C CG1  . ILE A 1 52  ? -6.827  -5.393  -5.120  1.00 0.29 ? 52  ILE A CG1  1 
ATOM 772  C CG2  . ILE A 1 52  ? -8.239  -5.345  -7.212  1.00 0.28 ? 52  ILE A CG2  1 
ATOM 773  C CD1  . ILE A 1 52  ? -5.981  -6.590  -5.590  1.00 0.36 ? 52  ILE A CD1  1 
ATOM 774  H H    . ILE A 1 52  ? -5.803  -2.725  -5.341  1.00 0.22 ? 52  ILE A H    1 
ATOM 775  H HA   . ILE A 1 52  ? -5.416  -4.724  -7.296  1.00 0.28 ? 52  ILE A HA   1 
ATOM 776  H HB   . ILE A 1 52  ? -7.897  -3.699  -5.900  1.00 0.27 ? 52  ILE A HB   1 
ATOM 777  H HG12 . ILE A 1 52  ? -6.226  -4.788  -4.471  1.00 0.32 ? 52  ILE A HG12 1 
ATOM 778  H HG13 . ILE A 1 52  ? -7.679  -5.758  -4.568  1.00 0.34 ? 52  ILE A HG13 1 
ATOM 779  H HG21 . ILE A 1 52  ? -7.677  -5.738  -8.043  1.00 1.04 ? 52  ILE A HG21 1 
ATOM 780  H HG22 . ILE A 1 52  ? -9.025  -4.709  -7.582  1.00 1.03 ? 52  ILE A HG22 1 
ATOM 781  H HG23 . ILE A 1 52  ? -8.671  -6.161  -6.650  1.00 1.09 ? 52  ILE A HG23 1 
ATOM 782  H HD11 . ILE A 1 52  ? -6.198  -6.826  -6.616  1.00 1.11 ? 52  ILE A HD11 1 
ATOM 783  H HD12 . ILE A 1 52  ? -6.205  -7.447  -4.973  1.00 1.12 ? 52  ILE A HD12 1 
ATOM 784  H HD13 . ILE A 1 52  ? -4.933  -6.345  -5.493  1.00 1.03 ? 52  ILE A HD13 1 
ATOM 785  N N    . ASN A 1 53  ? -6.684  -2.017  -8.466  1.00 0.25 ? 53  ASN A N    1 
ATOM 786  C CA   . ASN A 1 53  ? -7.118  -1.362  -9.734  1.00 0.27 ? 53  ASN A CA   1 
ATOM 787  C C    . ASN A 1 53  ? -5.910  -1.207  -10.667 1.00 0.26 ? 53  ASN A C    1 
ATOM 788  O O    . ASN A 1 53  ? -6.057  -0.987  -11.854 1.00 0.31 ? 53  ASN A O    1 
ATOM 789  C CB   . ASN A 1 53  ? -7.704  0.018   -9.423  1.00 0.31 ? 53  ASN A CB   1 
ATOM 790  C CG   . ASN A 1 53  ? -8.933  -0.139  -8.527  1.00 0.36 ? 53  ASN A CG   1 
ATOM 791  O OD1  . ASN A 1 53  ? -8.815  -0.497  -7.372  1.00 1.09 ? 53  ASN A OD1  1 
ATOM 792  N ND2  . ASN A 1 53  ? -10.117 0.118   -9.013  1.00 1.20 ? 53  ASN A ND2  1 
ATOM 793  H H    . ASN A 1 53  ? -6.455  -1.472  -7.684  1.00 0.25 ? 53  ASN A H    1 
ATOM 794  H HA   . ASN A 1 53  ? -7.868  -1.972  -10.215 1.00 0.30 ? 53  ASN A HA   1 
ATOM 795  H HB2  . ASN A 1 53  ? -6.962  0.620   -8.917  1.00 0.30 ? 53  ASN A HB2  1 
ATOM 796  H HB3  . ASN A 1 53  ? -7.992  0.502   -10.344 1.00 0.33 ? 53  ASN A HB3  1 
ATOM 797  H HD21 . ASN A 1 53  ? -10.213 0.410   -9.943  1.00 1.99 ? 53  ASN A HD21 1 
ATOM 798  H HD22 . ASN A 1 53  ? -10.910 0.020   -8.446  1.00 1.23 ? 53  ASN A HD22 1 
ATOM 799  N N    . VAL A 1 54  ? -4.719  -1.327  -10.143 1.00 0.23 ? 54  VAL A N    1 
ATOM 800  C CA   . VAL A 1 54  ? -3.504  -1.192  -11.003 1.00 0.24 ? 54  VAL A CA   1 
ATOM 801  C C    . VAL A 1 54  ? -3.106  -2.572  -11.530 1.00 0.29 ? 54  VAL A C    1 
ATOM 802  O O    . VAL A 1 54  ? -2.864  -3.483  -10.763 1.00 0.33 ? 54  VAL A O    1 
ATOM 803  C CB   . VAL A 1 54  ? -2.353  -0.609  -10.178 1.00 0.23 ? 54  VAL A CB   1 
ATOM 804  C CG1  . VAL A 1 54  ? -1.136  -0.350  -11.072 1.00 0.28 ? 54  VAL A CG1  1 
ATOM 805  C CG2  . VAL A 1 54  ? -2.807  0.703   -9.542  1.00 0.26 ? 54  VAL A CG2  1 
ATOM 806  H H    . VAL A 1 54  ? -4.621  -1.508  -9.186  1.00 0.22 ? 54  VAL A H    1 
ATOM 807  H HA   . VAL A 1 54  ? -3.726  -0.538  -11.833 1.00 0.28 ? 54  VAL A HA   1 
ATOM 808  H HB   . VAL A 1 54  ? -2.082  -1.308  -9.400  1.00 0.27 ? 54  VAL A HB   1 
ATOM 809  H HG11 . VAL A 1 54  ? -0.516  0.411   -10.622 1.00 1.04 ? 54  VAL A HG11 1 
ATOM 810  H HG12 . VAL A 1 54  ? -1.462  -0.016  -12.046 1.00 1.06 ? 54  VAL A HG12 1 
ATOM 811  H HG13 . VAL A 1 54  ? -0.565  -1.261  -11.176 1.00 1.06 ? 54  VAL A HG13 1 
ATOM 812  H HG21 . VAL A 1 54  ? -2.031  1.076   -8.888  1.00 1.06 ? 54  VAL A HG21 1 
ATOM 813  H HG22 . VAL A 1 54  ? -3.706  0.528   -8.973  1.00 1.02 ? 54  VAL A HG22 1 
ATOM 814  H HG23 . VAL A 1 54  ? -3.005  1.430   -10.317 1.00 1.06 ? 54  VAL A HG23 1 
ATOM 815  N N    . SER A 1 55  ? -3.044  -2.725  -12.830 1.00 0.36 ? 55  SER A N    1 
ATOM 816  C CA   . SER A 1 55  ? -2.669  -4.043  -13.430 1.00 0.44 ? 55  SER A CA   1 
ATOM 817  C C    . SER A 1 55  ? -1.531  -3.847  -14.435 1.00 0.45 ? 55  SER A C    1 
ATOM 818  O O    . SER A 1 55  ? -1.461  -2.846  -15.120 1.00 0.45 ? 55  SER A O    1 
ATOM 819  C CB   . SER A 1 55  ? -3.883  -4.632  -14.149 1.00 0.56 ? 55  SER A CB   1 
ATOM 820  O OG   . SER A 1 55  ? -4.852  -5.027  -13.187 1.00 0.59 ? 55  SER A OG   1 
ATOM 821  H H    . SER A 1 55  ? -3.251  -1.967  -13.416 1.00 0.38 ? 55  SER A H    1 
ATOM 822  H HA   . SER A 1 55  ? -2.346  -4.725  -12.658 1.00 0.45 ? 55  SER A HA   1 
ATOM 823  H HB2  . SER A 1 55  ? -4.313  -3.890  -14.801 1.00 0.59 ? 55  SER A HB2  1 
ATOM 824  H HB3  . SER A 1 55  ? -3.573  -5.487  -14.736 1.00 0.65 ? 55  SER A HB3  1 
ATOM 825  H HG   . SER A 1 55  ? -5.004  -4.285  -12.597 1.00 1.01 ? 55  SER A HG   1 
ATOM 826  N N    . GLY A 1 56  ? -0.641  -4.801  -14.525 1.00 0.48 ? 56  GLY A N    1 
ATOM 827  C CA   . GLY A 1 56  ? 0.496   -4.685  -15.485 1.00 0.50 ? 56  GLY A CA   1 
ATOM 828  C C    . GLY A 1 56  ? 1.742   -4.175  -14.757 1.00 0.46 ? 56  GLY A C    1 
ATOM 829  O O    . GLY A 1 56  ? 2.780   -3.983  -15.360 1.00 0.77 ? 56  GLY A O    1 
ATOM 830  H H    . GLY A 1 56  ? -0.722  -5.598  -13.962 1.00 0.51 ? 56  GLY A H    1 
ATOM 831  H HA2  . GLY A 1 56  ? 0.702   -5.655  -15.913 1.00 0.54 ? 56  GLY A HA2  1 
ATOM 832  H HA3  . GLY A 1 56  ? 0.236   -3.993  -16.273 1.00 0.51 ? 56  GLY A HA3  1 
ATOM 833  N N    . CYS A 1 57  ? 1.642   -3.958  -13.468 1.00 0.35 ? 57  CYS A N    1 
ATOM 834  C CA   . CYS A 1 57  ? 2.813   -3.461  -12.680 1.00 0.32 ? 57  CYS A CA   1 
ATOM 835  C C    . CYS A 1 57  ? 3.312   -4.564  -11.739 1.00 0.34 ? 57  CYS A C    1 
ATOM 836  O O    . CYS A 1 57  ? 2.815   -4.729  -10.645 1.00 0.37 ? 57  CYS A O    1 
ATOM 837  C CB   . CYS A 1 57  ? 2.387   -2.249  -11.851 1.00 0.32 ? 57  CYS A CB   1 
ATOM 838  S SG   . CYS A 1 57  ? 1.794   -0.939  -12.949 1.00 0.37 ? 57  CYS A SG   1 
ATOM 839  H H    . CYS A 1 57  ? 0.790   -4.125  -13.013 1.00 0.56 ? 57  CYS A H    1 
ATOM 840  H HA   . CYS A 1 57  ? 3.612   -3.173  -13.345 1.00 0.33 ? 57  CYS A HA   1 
ATOM 841  H HB2  . CYS A 1 57  ? 1.597   -2.535  -11.174 1.00 0.38 ? 57  CYS A HB2  1 
ATOM 842  H HB3  . CYS A 1 57  ? 3.233   -1.885  -11.287 1.00 0.32 ? 57  CYS A HB3  1 
ATOM 843  N N    . SER A 1 58  ? 4.292   -5.317  -12.156 1.00 0.37 ? 58  SER A N    1 
ATOM 844  C CA   . SER A 1 58  ? 4.825   -6.399  -11.279 1.00 0.43 ? 58  SER A CA   1 
ATOM 845  C C    . SER A 1 58  ? 5.650   -5.780  -10.147 1.00 0.43 ? 58  SER A C    1 
ATOM 846  O O    . SER A 1 58  ? 5.742   -6.320  -9.063  1.00 0.49 ? 58  SER A O    1 
ATOM 847  C CB   . SER A 1 58  ? 5.708   -7.338  -12.099 1.00 0.53 ? 58  SER A CB   1 
ATOM 848  O OG   . SER A 1 58  ? 6.287   -8.308  -11.236 1.00 0.61 ? 58  SER A OG   1 
ATOM 849  H H    . SER A 1 58  ? 4.682   -5.167  -13.042 1.00 0.37 ? 58  SER A H    1 
ATOM 850  H HA   . SER A 1 58  ? 4.001   -6.957  -10.857 1.00 0.44 ? 58  SER A HA   1 
ATOM 851  H HB2  . SER A 1 58  ? 5.112   -7.837  -12.845 1.00 0.57 ? 58  SER A HB2  1 
ATOM 852  H HB3  . SER A 1 58  ? 6.485   -6.765  -12.587 1.00 0.55 ? 58  SER A HB3  1 
ATOM 853  H HG   . SER A 1 58  ? 5.671   -8.474  -10.518 1.00 1.20 ? 58  SER A HG   1 
ATOM 854  N N    . ALA A 1 59  ? 6.264   -4.658  -10.398 1.00 0.43 ? 59  ALA A N    1 
ATOM 855  C CA   . ALA A 1 59  ? 7.100   -4.012  -9.348  1.00 0.50 ? 59  ALA A CA   1 
ATOM 856  C C    . ALA A 1 59  ? 6.299   -3.866  -8.049  1.00 0.47 ? 59  ALA A C    1 
ATOM 857  O O    . ALA A 1 59  ? 6.869   -3.793  -6.977  1.00 0.61 ? 59  ALA A O    1 
ATOM 858  C CB   . ALA A 1 59  ? 7.540   -2.628  -9.832  1.00 0.51 ? 59  ALA A CB   1 
ATOM 859  H H    . ALA A 1 59  ? 6.187   -4.245  -11.283 1.00 0.43 ? 59  ALA A H    1 
ATOM 860  H HA   . ALA A 1 59  ? 7.974   -4.618  -9.162  1.00 0.59 ? 59  ALA A HA   1 
ATOM 861  H HB1  . ALA A 1 59  ? 7.196   -1.876  -9.138  1.00 1.13 ? 59  ALA A HB1  1 
ATOM 862  H HB2  . ALA A 1 59  ? 7.117   -2.436  -10.808 1.00 1.19 ? 59  ALA A HB2  1 
ATOM 863  H HB3  . ALA A 1 59  ? 8.617   -2.593  -9.894  1.00 1.08 ? 59  ALA A HB3  1 
ATOM 864  N N    . ILE A 1 60  ? 4.988   -3.819  -8.139  1.00 0.36 ? 60  ILE A N    1 
ATOM 865  C CA   . ILE A 1 60  ? 4.139   -3.672  -6.910  1.00 0.38 ? 60  ILE A CA   1 
ATOM 866  C C    . ILE A 1 60  ? 3.385   -4.976  -6.617  1.00 0.37 ? 60  ILE A C    1 
ATOM 867  O O    . ILE A 1 60  ? 2.643   -5.062  -5.660  1.00 0.32 ? 60  ILE A O    1 
ATOM 868  C CB   . ILE A 1 60  ? 3.137   -2.526  -7.111  1.00 0.41 ? 60  ILE A CB   1 
ATOM 869  C CG1  . ILE A 1 60  ? 2.229   -2.817  -8.313  1.00 0.41 ? 60  ILE A CG1  1 
ATOM 870  C CG2  . ILE A 1 60  ? 3.895   -1.216  -7.352  1.00 0.46 ? 60  ILE A CG2  1 
ATOM 871  C CD1  . ILE A 1 60  ? 1.199   -1.696  -8.456  1.00 0.50 ? 60  ILE A CD1  1 
ATOM 872  H H    . ILE A 1 60  ? 4.561   -3.876  -9.019  1.00 0.36 ? 60  ILE A H    1 
ATOM 873  H HA   . ILE A 1 60  ? 4.767   -3.439  -6.063  1.00 0.44 ? 60  ILE A HA   1 
ATOM 874  H HB   . ILE A 1 60  ? 2.531   -2.426  -6.220  1.00 0.45 ? 60  ILE A HB   1 
ATOM 875  H HG12 . ILE A 1 60  ? 2.826   -2.874  -9.207  1.00 0.41 ? 60  ILE A HG12 1 
ATOM 876  H HG13 . ILE A 1 60  ? 1.713   -3.753  -8.167  1.00 0.39 ? 60  ILE A HG13 1 
ATOM 877  H HG21 . ILE A 1 60  ? 4.787   -1.197  -6.744  1.00 1.18 ? 60  ILE A HG21 1 
ATOM 878  H HG22 . ILE A 1 60  ? 3.264   -0.381  -7.087  1.00 1.05 ? 60  ILE A HG22 1 
ATOM 879  H HG23 . ILE A 1 60  ? 4.169   -1.141  -8.394  1.00 1.04 ? 60  ILE A HG23 1 
ATOM 880  H HD11 . ILE A 1 60  ? 0.455   -1.982  -9.184  1.00 1.16 ? 60  ILE A HD11 1 
ATOM 881  H HD12 . ILE A 1 60  ? 1.692   -0.792  -8.781  1.00 1.12 ? 60  ILE A HD12 1 
ATOM 882  H HD13 . ILE A 1 60  ? 0.721   -1.523  -7.502  1.00 1.14 ? 60  ILE A HD13 1 
ATOM 883  N N    . GLU A 1 61  ? 3.556   -5.989  -7.423  1.00 0.43 ? 61  GLU A N    1 
ATOM 884  C CA   . GLU A 1 61  ? 2.827   -7.267  -7.156  1.00 0.44 ? 61  GLU A CA   1 
ATOM 885  C C    . GLU A 1 61  ? 3.174   -7.760  -5.753  1.00 0.37 ? 61  GLU A C    1 
ATOM 886  O O    . GLU A 1 61  ? 2.311   -8.086  -4.964  1.00 0.35 ? 61  GLU A O    1 
ATOM 887  C CB   . GLU A 1 61  ? 3.245   -8.329  -8.179  1.00 0.56 ? 61  GLU A CB   1 
ATOM 888  C CG   . GLU A 1 61  ? 2.100   -8.576  -9.163  1.00 1.38 ? 61  GLU A CG   1 
ATOM 889  C CD   . GLU A 1 61  ? 2.516   -9.658  -10.163 1.00 1.74 ? 61  GLU A CD   1 
ATOM 890  O OE1  . GLU A 1 61  ? 3.359   -10.467 -9.813  1.00 2.26 ? 61  GLU A OE1  1 
ATOM 891  O OE2  . GLU A 1 61  ? 1.979   -9.662  -11.259 1.00 2.22 ? 61  GLU A OE2  1 
ATOM 892  H H    . GLU A 1 61  ? 4.155   -5.913  -8.195  1.00 0.48 ? 61  GLU A H    1 
ATOM 893  H HA   . GLU A 1 61  ? 1.763   -7.096  -7.226  1.00 0.47 ? 61  GLU A HA   1 
ATOM 894  H HB2  . GLU A 1 61  ? 4.114   -7.985  -8.718  1.00 0.92 ? 61  GLU A HB2  1 
ATOM 895  H HB3  . GLU A 1 61  ? 3.481   -9.249  -7.667  1.00 1.22 ? 61  GLU A HB3  1 
ATOM 896  H HG2  . GLU A 1 61  ? 1.225   -8.905  -8.621  1.00 2.08 ? 61  GLU A HG2  1 
ATOM 897  H HG3  . GLU A 1 61  ? 1.875   -7.664  -9.694  1.00 1.87 ? 61  GLU A HG3  1 
ATOM 898  N N    . LYS A 1 62  ? 4.435   -7.810  -5.438  1.00 0.35 ? 62  LYS A N    1 
ATOM 899  C CA   . LYS A 1 62  ? 4.859   -8.269  -4.088  1.00 0.33 ? 62  LYS A CA   1 
ATOM 900  C C    . LYS A 1 62  ? 4.253   -7.346  -3.029  1.00 0.27 ? 62  LYS A C    1 
ATOM 901  O O    . LYS A 1 62  ? 3.842   -7.781  -1.971  1.00 0.27 ? 62  LYS A O    1 
ATOM 902  C CB   . LYS A 1 62  ? 6.383   -8.222  -4.011  1.00 0.36 ? 62  LYS A CB   1 
ATOM 903  C CG   . LYS A 1 62  ? 6.962   -9.229  -5.007  1.00 0.43 ? 62  LYS A CG   1 
ATOM 904  C CD   . LYS A 1 62  ? 8.489   -9.183  -4.958  1.00 0.60 ? 62  LYS A CD   1 
ATOM 905  C CE   . LYS A 1 62  ? 9.059   -10.149 -5.997  1.00 1.13 ? 62  LYS A CE   1 
ATOM 906  N NZ   . LYS A 1 62  ? 10.545  -10.047 -6.006  1.00 1.84 ? 62  LYS A NZ   1 
ATOM 907  H H    . LYS A 1 62  ? 5.111   -7.536  -6.092  1.00 0.38 ? 62  LYS A H    1 
ATOM 908  H HA   . LYS A 1 62  ? 4.518   -9.282  -3.926  1.00 0.37 ? 62  LYS A HA   1 
ATOM 909  H HB2  . LYS A 1 62  ? 6.727   -7.228  -4.259  1.00 0.34 ? 62  LYS A HB2  1 
ATOM 910  H HB3  . LYS A 1 62  ? 6.703   -8.479  -3.013  1.00 0.37 ? 62  LYS A HB3  1 
ATOM 911  H HG2  . LYS A 1 62  ? 6.626   -10.222 -4.745  1.00 0.49 ? 62  LYS A HG2  1 
ATOM 912  H HG3  . LYS A 1 62  ? 6.626   -8.987  -6.003  1.00 0.58 ? 62  LYS A HG3  1 
ATOM 913  H HD2  . LYS A 1 62  ? 8.824   -8.179  -5.176  1.00 1.04 ? 62  LYS A HD2  1 
ATOM 914  H HD3  . LYS A 1 62  ? 8.828   -9.471  -3.975  1.00 0.99 ? 62  LYS A HD3  1 
ATOM 915  H HE2  . LYS A 1 62  ? 8.767   -11.159 -5.750  1.00 1.68 ? 62  LYS A HE2  1 
ATOM 916  H HE3  . LYS A 1 62  ? 8.675   -9.893  -6.973  1.00 1.74 ? 62  LYS A HE3  1 
ATOM 917  H HZ1  . LYS A 1 62  ? 10.874  -9.859  -6.974  1.00 2.27 ? 62  LYS A HZ1  1 
ATOM 918  H HZ2  . LYS A 1 62  ? 10.955  -10.942 -5.669  1.00 2.23 ? 62  LYS A HZ2  1 
ATOM 919  H HZ3  . LYS A 1 62  ? 10.844  -9.271  -5.384  1.00 2.42 ? 62  LYS A HZ3  1 
ATOM 920  N N    . THR A 1 63  ? 4.203   -6.070  -3.304  1.00 0.24 ? 63  THR A N    1 
ATOM 921  C CA   . THR A 1 63  ? 3.636   -5.109  -2.315  1.00 0.21 ? 63  THR A CA   1 
ATOM 922  C C    . THR A 1 63  ? 2.201   -5.518  -1.987  1.00 0.21 ? 63  THR A C    1 
ATOM 923  O O    . THR A 1 63  ? 1.789   -5.490  -0.847  1.00 0.19 ? 63  THR A O    1 
ATOM 924  C CB   . THR A 1 63  ? 3.633   -3.702  -2.931  1.00 0.22 ? 63  THR A CB   1 
ATOM 925  O OG1  . THR A 1 63  ? 4.948   -3.379  -3.360  1.00 0.25 ? 63  THR A OG1  1 
ATOM 926  C CG2  . THR A 1 63  ? 3.177   -2.658  -1.901  1.00 0.24 ? 63  THR A CG2  1 
ATOM 927  H H    . THR A 1 63  ? 4.546   -5.742  -4.162  1.00 0.26 ? 63  THR A H    1 
ATOM 928  H HA   . THR A 1 63  ? 4.234   -5.113  -1.417  1.00 0.21 ? 63  THR A HA   1 
ATOM 929  H HB   . THR A 1 63  ? 2.963   -3.681  -3.777  1.00 0.24 ? 63  THR A HB   1 
ATOM 930  H HG1  . THR A 1 63  ? 5.483   -3.217  -2.580  1.00 0.93 ? 63  THR A HG1  1 
ATOM 931  H HG21 . THR A 1 63  ? 2.352   -3.038  -1.320  1.00 1.00 ? 63  THR A HG21 1 
ATOM 932  H HG22 . THR A 1 63  ? 2.863   -1.762  -2.416  1.00 1.06 ? 63  THR A HG22 1 
ATOM 933  H HG23 . THR A 1 63  ? 3.999   -2.424  -1.243  1.00 1.06 ? 63  THR A HG23 1 
ATOM 934  N N    . GLN A 1 64  ? 1.433   -5.889  -2.966  1.00 0.25 ? 64  GLN A N    1 
ATOM 935  C CA   . GLN A 1 64  ? 0.030   -6.277  -2.681  1.00 0.28 ? 64  GLN A CA   1 
ATOM 936  C C    . GLN A 1 64  ? 0.031   -7.463  -1.717  1.00 0.28 ? 64  GLN A C    1 
ATOM 937  O O    . GLN A 1 64  ? -0.770  -7.533  -0.805  1.00 0.29 ? 64  GLN A O    1 
ATOM 938  C CB   . GLN A 1 64  ? -0.670  -6.662  -3.985  1.00 0.35 ? 64  GLN A CB   1 
ATOM 939  C CG   . GLN A 1 64  ? -0.761  -5.432  -4.892  1.00 0.38 ? 64  GLN A CG   1 
ATOM 940  C CD   . GLN A 1 64  ? -1.551  -5.780  -6.154  1.00 0.86 ? 64  GLN A CD   1 
ATOM 941  O OE1  . GLN A 1 64  ? -1.503  -6.897  -6.628  1.00 1.52 ? 64  GLN A OE1  1 
ATOM 942  N NE2  . GLN A 1 64  ? -2.284  -4.860  -6.722  1.00 1.47 ? 64  GLN A NE2  1 
ATOM 943  H H    . GLN A 1 64  ? 1.775   -5.902  -3.885  1.00 0.27 ? 64  GLN A H    1 
ATOM 944  H HA   . GLN A 1 64  ? -0.489  -5.447  -2.227  1.00 0.27 ? 64  GLN A HA   1 
ATOM 945  H HB2  . GLN A 1 64  ? -0.103  -7.435  -4.480  1.00 0.38 ? 64  GLN A HB2  1 
ATOM 946  H HB3  . GLN A 1 64  ? -1.665  -7.022  -3.769  1.00 0.38 ? 64  GLN A HB3  1 
ATOM 947  H HG2  . GLN A 1 64  ? -1.255  -4.629  -4.365  1.00 0.87 ? 64  GLN A HG2  1 
ATOM 948  H HG3  . GLN A 1 64  ? 0.236   -5.119  -5.171  1.00 0.82 ? 64  GLN A HG3  1 
ATOM 949  H HE21 . GLN A 1 64  ? -2.322  -3.959  -6.338  1.00 1.77 ? 64  GLN A HE21 1 
ATOM 950  H HE22 . GLN A 1 64  ? -2.797  -5.071  -7.528  1.00 1.97 ? 64  GLN A HE22 1 
ATOM 951  N N    . ARG A 1 65  ? 0.930   -8.389  -1.900  1.00 0.31 ? 65  ARG A N    1 
ATOM 952  C CA   . ARG A 1 65  ? 0.985   -9.560  -0.981  1.00 0.35 ? 65  ARG A CA   1 
ATOM 953  C C    . ARG A 1 65  ? 1.326   -9.111  0.443   1.00 0.30 ? 65  ARG A C    1 
ATOM 954  O O    . ARG A 1 65  ? 0.670   -9.491  1.392   1.00 0.30 ? 65  ARG A O    1 
ATOM 955  C CB   . ARG A 1 65  ? 2.058   -10.540 -1.461  1.00 0.43 ? 65  ARG A CB   1 
ATOM 956  C CG   . ARG A 1 65  ? 1.415   -11.670 -2.267  1.00 1.34 ? 65  ARG A CG   1 
ATOM 957  C CD   . ARG A 1 65  ? 2.495   -12.658 -2.705  1.00 1.54 ? 65  ARG A CD   1 
ATOM 958  N NE   . ARG A 1 65  ? 2.609   -13.745 -1.691  1.00 2.29 ? 65  ARG A NE   1 
ATOM 959  C CZ   . ARG A 1 65  ? 3.245   -14.845 -1.983  1.00 2.82 ? 65  ARG A CZ   1 
ATOM 960  N NH1  . ARG A 1 65  ? 3.794   -14.987 -3.157  1.00 2.91 ? 65  ARG A NH1  1 
ATOM 961  N NH2  . ARG A 1 65  ? 3.335   -15.801 -1.099  1.00 3.77 ? 65  ARG A NH2  1 
ATOM 962  H H    . ARG A 1 65  ? 1.572   -8.310  -2.635  1.00 0.33 ? 65  ARG A H    1 
ATOM 963  H HA   . ARG A 1 65  ? 0.026   -10.053 -0.977  1.00 0.38 ? 65  ARG A HA   1 
ATOM 964  H HB2  . ARG A 1 65  ? 2.767   -10.013 -2.084  1.00 0.97 ? 65  ARG A HB2  1 
ATOM 965  H HB3  . ARG A 1 65  ? 2.572   -10.956 -0.607  1.00 1.03 ? 65  ARG A HB3  1 
ATOM 966  H HG2  . ARG A 1 65  ? 0.689   -12.185 -1.652  1.00 1.99 ? 65  ARG A HG2  1 
ATOM 967  H HG3  . ARG A 1 65  ? 0.926   -11.262 -3.138  1.00 2.01 ? 65  ARG A HG3  1 
ATOM 968  H HD2  . ARG A 1 65  ? 2.230   -13.083 -3.661  1.00 1.84 ? 65  ARG A HD2  1 
ATOM 969  H HD3  . ARG A 1 65  ? 3.442   -12.144 -2.789  1.00 1.90 ? 65  ARG A HD3  1 
ATOM 970  H HE   . ARG A 1 65  ? 2.200   -13.635 -0.807  1.00 2.82 ? 65  ARG A HE   1 
ATOM 971  H HH11 . ARG A 1 65  ? 3.726   -14.253 -3.833  1.00 2.65 ? 65  ARG A HH11 1 
ATOM 972  H HH12 . ARG A 1 65  ? 4.283   -15.830 -3.382  1.00 3.59 ? 65  ARG A HH12 1 
ATOM 973  H HH21 . ARG A 1 65  ? 2.916   -15.690 -0.198  1.00 4.19 ? 65  ARG A HH21 1 
ATOM 974  H HH22 . ARG A 1 65  ? 3.825   -16.644 -1.323  1.00 4.29 ? 65  ARG A HH22 1 
ATOM 975  N N    . MET A 1 66  ? 2.355   -8.323  0.609   1.00 0.28 ? 66  MET A N    1 
ATOM 976  C CA   . MET A 1 66  ? 2.729   -7.884  1.985   1.00 0.27 ? 66  MET A CA   1 
ATOM 977  C C    . MET A 1 66  ? 1.568   -7.104  2.610   1.00 0.23 ? 66  MET A C    1 
ATOM 978  O O    . MET A 1 66  ? 1.264   -7.259  3.776   1.00 0.24 ? 66  MET A O    1 
ATOM 979  C CB   . MET A 1 66  ? 3.984   -7.003  1.931   1.00 0.29 ? 66  MET A CB   1 
ATOM 980  C CG   . MET A 1 66  ? 5.202   -7.859  1.551   1.00 0.36 ? 66  MET A CG   1 
ATOM 981  S SD   . MET A 1 66  ? 6.730   -6.921  1.818   1.00 0.66 ? 66  MET A SD   1 
ATOM 982  C CE   . MET A 1 66  ? 6.679   -5.917  0.313   1.00 0.39 ? 66  MET A CE   1 
ATOM 983  H H    . MET A 1 66  ? 2.887   -8.035  -0.162  1.00 0.29 ? 66  MET A H    1 
ATOM 984  H HA   . MET A 1 66  ? 2.929   -8.756  2.590   1.00 0.30 ? 66  MET A HA   1 
ATOM 985  H HB2  . MET A 1 66  ? 3.843   -6.225  1.195   1.00 0.28 ? 66  MET A HB2  1 
ATOM 986  H HB3  . MET A 1 66  ? 4.151   -6.555  2.900   1.00 0.31 ? 66  MET A HB3  1 
ATOM 987  H HG2  . MET A 1 66  ? 5.223   -8.752  2.158   1.00 0.41 ? 66  MET A HG2  1 
ATOM 988  H HG3  . MET A 1 66  ? 5.132   -8.136  0.509   1.00 0.41 ? 66  MET A HG3  1 
ATOM 989  H HE1  . MET A 1 66  ? 7.561   -5.293  0.270   1.00 1.16 ? 66  MET A HE1  1 
ATOM 990  H HE2  . MET A 1 66  ? 5.802   -5.293  0.321   1.00 1.13 ? 66  MET A HE2  1 
ATOM 991  H HE3  . MET A 1 66  ? 6.650   -6.567  -0.551  1.00 1.04 ? 66  MET A HE3  1 
ATOM 992  N N    . LEU A 1 67  ? 0.908   -6.277  1.845   1.00 0.20 ? 67  LEU A N    1 
ATOM 993  C CA   . LEU A 1 67  ? -0.241  -5.504  2.401   1.00 0.20 ? 67  LEU A CA   1 
ATOM 994  C C    . LEU A 1 67  ? -1.323  -6.483  2.866   1.00 0.22 ? 67  LEU A C    1 
ATOM 995  O O    . LEU A 1 67  ? -1.944  -6.295  3.892   1.00 0.24 ? 67  LEU A O    1 
ATOM 996  C CB   . LEU A 1 67  ? -0.817  -4.572  1.327   1.00 0.21 ? 67  LEU A CB   1 
ATOM 997  C CG   . LEU A 1 67  ? 0.191   -3.462  0.970   1.00 0.20 ? 67  LEU A CG   1 
ATOM 998  C CD1  . LEU A 1 67  ? -0.309  -2.716  -0.267  1.00 0.23 ? 67  LEU A CD1  1 
ATOM 999  C CD2  . LEU A 1 67  ? 0.336   -2.451  2.116   1.00 0.22 ? 67  LEU A CD2  1 
ATOM 1000 H H    . LEU A 1 67  ? 1.160   -6.172  0.903   1.00 0.21 ? 67  LEU A H    1 
ATOM 1001 H HA   . LEU A 1 67  ? 0.092   -4.927  3.246   1.00 0.21 ? 67  LEU A HA   1 
ATOM 1002 H HB2  . LEU A 1 67  ? -1.037  -5.150  0.443   1.00 0.23 ? 67  LEU A HB2  1 
ATOM 1003 H HB3  . LEU A 1 67  ? -1.729  -4.125  1.694   1.00 0.23 ? 67  LEU A HB3  1 
ATOM 1004 H HG   . LEU A 1 67  ? 1.150   -3.905  0.756   1.00 0.19 ? 67  LEU A HG   1 
ATOM 1005 H HD11 . LEU A 1 67  ? 0.412   -1.966  -0.554  1.00 1.05 ? 67  LEU A HD11 1 
ATOM 1006 H HD12 . LEU A 1 67  ? -1.253  -2.241  -0.043  1.00 1.02 ? 67  LEU A HD12 1 
ATOM 1007 H HD13 . LEU A 1 67  ? -0.443  -3.414  -1.076  1.00 1.05 ? 67  LEU A HD13 1 
ATOM 1008 H HD21 . LEU A 1 67  ? 0.737   -1.527  1.726   1.00 1.03 ? 67  LEU A HD21 1 
ATOM 1009 H HD22 . LEU A 1 67  ? 1.011   -2.837  2.865   1.00 1.04 ? 67  LEU A HD22 1 
ATOM 1010 H HD23 . LEU A 1 67  ? -0.627  -2.260  2.558   1.00 1.03 ? 67  LEU A HD23 1 
ATOM 1011 N N    . SER A 1 68  ? -1.555  -7.526  2.116   1.00 0.25 ? 68  SER A N    1 
ATOM 1012 C CA   . SER A 1 68  ? -2.595  -8.514  2.517   1.00 0.29 ? 68  SER A CA   1 
ATOM 1013 C C    . SER A 1 68  ? -2.251  -9.078  3.896   1.00 0.28 ? 68  SER A C    1 
ATOM 1014 O O    . SER A 1 68  ? -3.120  -9.325  4.709   1.00 0.31 ? 68  SER A O    1 
ATOM 1015 C CB   . SER A 1 68  ? -2.658  -9.648  1.491   1.00 0.35 ? 68  SER A CB   1 
ATOM 1016 O OG   . SER A 1 68  ? -3.249  -9.161  0.293   1.00 0.39 ? 68  SER A OG   1 
ATOM 1017 H H    . SER A 1 68  ? -1.043  -7.661  1.290   1.00 0.26 ? 68  SER A H    1 
ATOM 1018 H HA   . SER A 1 68  ? -3.554  -8.021  2.562   1.00 0.31 ? 68  SER A HA   1 
ATOM 1019 H HB2  . SER A 1 68  ? -1.662  -9.997  1.278   1.00 0.34 ? 68  SER A HB2  1 
ATOM 1020 H HB3  . SER A 1 68  ? -3.245  -10.463 1.892   1.00 0.38 ? 68  SER A HB3  1 
ATOM 1021 H HG   . SER A 1 68  ? -2.704  -9.445  -0.444  1.00 0.95 ? 68  SER A HG   1 
ATOM 1022 N N    . GLY A 1 69  ? -0.993  -9.282  4.169   1.00 0.27 ? 69  GLY A N    1 
ATOM 1023 C CA   . GLY A 1 69  ? -0.601  -9.825  5.502   1.00 0.29 ? 69  GLY A CA   1 
ATOM 1024 C C    . GLY A 1 69  ? -1.265  -8.995  6.605   1.00 0.29 ? 69  GLY A C    1 
ATOM 1025 O O    . GLY A 1 69  ? -1.570  -9.493  7.671   1.00 0.32 ? 69  GLY A O    1 
ATOM 1026 H H    . GLY A 1 69  ? -0.306  -9.073  3.501   1.00 0.27 ? 69  GLY A H    1 
ATOM 1027 H HA2  . GLY A 1 69  ? -0.922  -10.855 5.579   1.00 0.31 ? 69  GLY A HA2  1 
ATOM 1028 H HA3  . GLY A 1 69  ? 0.471   -9.771  5.612   1.00 0.31 ? 69  GLY A HA3  1 
ATOM 1029 N N    . PHE A 1 70  ? -1.494  -7.733  6.356   1.00 0.27 ? 70  PHE A N    1 
ATOM 1030 C CA   . PHE A 1 70  ? -2.144  -6.866  7.382   1.00 0.31 ? 70  PHE A CA   1 
ATOM 1031 C C    . PHE A 1 70  ? -3.644  -6.786  7.097   1.00 0.35 ? 70  PHE A C    1 
ATOM 1032 O O    . PHE A 1 70  ? -4.399  -6.196  7.846   1.00 0.48 ? 70  PHE A O    1 
ATOM 1033 C CB   . PHE A 1 70  ? -1.562  -5.453  7.295   1.00 0.31 ? 70  PHE A CB   1 
ATOM 1034 C CG   . PHE A 1 70  ? -0.107  -5.467  7.690   1.00 0.29 ? 70  PHE A CG   1 
ATOM 1035 C CD1  . PHE A 1 70  ? 0.877   -5.682  6.719   1.00 0.30 ? 70  PHE A CD1  1 
ATOM 1036 C CD2  . PHE A 1 70  ? 0.257   -5.256  9.024   1.00 0.31 ? 70  PHE A CD2  1 
ATOM 1037 C CE1  . PHE A 1 70  ? 2.228   -5.688  7.082   1.00 0.31 ? 70  PHE A CE1  1 
ATOM 1038 C CE2  . PHE A 1 70  ? 1.608   -5.258  9.388   1.00 0.32 ? 70  PHE A CE2  1 
ATOM 1039 C CZ   . PHE A 1 70  ? 2.594   -5.475  8.417   1.00 0.32 ? 70  PHE A CZ   1 
ATOM 1040 H H    . PHE A 1 70  ? -1.243  -7.355  5.487   1.00 0.26 ? 70  PHE A H    1 
ATOM 1041 H HA   . PHE A 1 70  ? -1.977  -7.271  8.369   1.00 0.34 ? 70  PHE A HA   1 
ATOM 1042 H HB2  . PHE A 1 70  ? -1.655  -5.091  6.282   1.00 0.32 ? 70  PHE A HB2  1 
ATOM 1043 H HB3  . PHE A 1 70  ? -2.107  -4.801  7.960   1.00 0.32 ? 70  PHE A HB3  1 
ATOM 1044 H HD1  . PHE A 1 70  ? 0.594   -5.846  5.690   1.00 0.32 ? 70  PHE A HD1  1 
ATOM 1045 H HD2  . PHE A 1 70  ? -0.503  -5.089  9.772   1.00 0.33 ? 70  PHE A HD2  1 
ATOM 1046 H HE1  . PHE A 1 70  ? 2.988   -5.854  6.334   1.00 0.33 ? 70  PHE A HE1  1 
ATOM 1047 H HE2  . PHE A 1 70  ? 1.889   -5.095  10.418  1.00 0.35 ? 70  PHE A HE2  1 
ATOM 1048 H HZ   . PHE A 1 70  ? 3.636   -5.475  8.696   1.00 0.34 ? 70  PHE A HZ   1 
ATOM 1049 N N    . CYS A 1 71  ? -4.067  -7.354  6.001   1.00 0.32 ? 71  CYS A N    1 
ATOM 1050 C CA   . CYS A 1 71  ? -5.508  -7.305  5.614   1.00 0.41 ? 71  CYS A CA   1 
ATOM 1051 C C    . CYS A 1 71  ? -5.953  -8.703  5.127   1.00 0.41 ? 71  CYS A C    1 
ATOM 1052 O O    . CYS A 1 71  ? -5.875  -8.991  3.950   1.00 0.53 ? 71  CYS A O    1 
ATOM 1053 C CB   . CYS A 1 71  ? -5.650  -6.301  4.471   1.00 0.65 ? 71  CYS A CB   1 
ATOM 1054 S SG   . CYS A 1 71  ? -7.397  -5.990  4.162   1.00 1.28 ? 71  CYS A SG   1 
ATOM 1055 H H    . CYS A 1 71  ? -3.425  -7.802  5.411   1.00 0.32 ? 71  CYS A H    1 
ATOM 1056 H HA   . CYS A 1 71  ? -6.108  -6.974  6.445   1.00 0.48 ? 71  CYS A HA   1 
ATOM 1057 H HB2  . CYS A 1 71  ? -5.162  -5.376  4.744   1.00 0.91 ? 71  CYS A HB2  1 
ATOM 1058 H HB3  . CYS A 1 71  ? -5.191  -6.700  3.581   1.00 0.87 ? 71  CYS A HB3  1 
ATOM 1059 N N    . PRO A 1 72  ? -6.381  -9.583  6.016   1.00 0.46 ? 72  PRO A N    1 
ATOM 1060 C CA   . PRO A 1 72  ? -6.784  -10.966 5.606   1.00 0.67 ? 72  PRO A CA   1 
ATOM 1061 C C    . PRO A 1 72  ? -7.965  -11.050 4.621   1.00 0.74 ? 72  PRO A C    1 
ATOM 1062 O O    . PRO A 1 72  ? -8.177  -12.086 4.023   1.00 1.04 ? 72  PRO A O    1 
ATOM 1063 C CB   . PRO A 1 72  ? -7.166  -11.614 6.936   1.00 0.84 ? 72  PRO A CB   1 
ATOM 1064 C CG   . PRO A 1 72  ? -6.832  -10.647 8.075   1.00 0.73 ? 72  PRO A CG   1 
ATOM 1065 C CD   . PRO A 1 72  ? -6.487  -9.285  7.473   1.00 0.51 ? 72  PRO A CD   1 
ATOM 1066 H HA   . PRO A 1 72  ? -5.935  -11.488 5.200   1.00 0.76 ? 72  PRO A HA   1 
ATOM 1067 H HB2  . PRO A 1 72  ? -8.226  -11.828 6.942   1.00 0.95 ? 72  PRO A HB2  1 
ATOM 1068 H HB3  . PRO A 1 72  ? -6.608  -12.527 7.066   1.00 1.03 ? 72  PRO A HB3  1 
ATOM 1069 H HG2  . PRO A 1 72  ? -7.686  -10.550 8.730   1.00 0.84 ? 72  PRO A HG2  1 
ATOM 1070 H HG3  . PRO A 1 72  ? -5.986  -11.019 8.632   1.00 0.79 ? 72  PRO A HG3  1 
ATOM 1071 H HD2  . PRO A 1 72  ? -7.282  -8.577  7.668   1.00 0.53 ? 72  PRO A HD2  1 
ATOM 1072 H HD3  . PRO A 1 72  ? -5.544  -8.924  7.852   1.00 0.50 ? 72  PRO A HD3  1 
ATOM 1073 N N    . HIS A 1 73  ? -8.733  -10.001 4.433   1.00 0.76 ? 73  HIS A N    1 
ATOM 1074 C CA   . HIS A 1 73  ? -9.879  -10.098 3.469   1.00 0.95 ? 73  HIS A CA   1 
ATOM 1075 C C    . HIS A 1 73  ? -9.407  -9.674  2.077   1.00 0.64 ? 73  HIS A C    1 
ATOM 1076 O O    . HIS A 1 73  ? -8.951  -8.569  1.865   1.00 0.86 ? 73  HIS A O    1 
ATOM 1077 C CB   . HIS A 1 73  ? -11.056 -9.228  3.931   1.00 1.53 ? 73  HIS A CB   1 
ATOM 1078 C CG   . HIS A 1 73  ? -10.840 -7.795  3.547   1.00 0.85 ? 73  HIS A CG   1 
ATOM 1079 N ND1  . HIS A 1 73  ? -11.310 -7.261  2.356   1.00 0.78 ? 73  HIS A ND1  1 
ATOM 1080 C CD2  . HIS A 1 73  ? -10.227 -6.765  4.204   1.00 1.00 ? 73  HIS A CD2  1 
ATOM 1081 C CE1  . HIS A 1 73  ? -10.973 -5.958  2.338   1.00 1.09 ? 73  HIS A CE1  1 
ATOM 1082 N NE2  . HIS A 1 73  ? -10.311 -5.604  3.441   1.00 1.46 ? 73  HIS A NE2  1 
ATOM 1083 H H    . HIS A 1 73  ? -8.558  -9.165  4.914   1.00 0.86 ? 73  HIS A H    1 
ATOM 1084 H HA   . HIS A 1 73  ? -10.211 -11.126 3.419   1.00 1.18 ? 73  HIS A HA   1 
ATOM 1085 H HB2  . HIS A 1 73  ? -11.964 -9.585  3.470   1.00 2.15 ? 73  HIS A HB2  1 
ATOM 1086 H HB3  . HIS A 1 73  ? -11.151 -9.299  5.005   1.00 2.36 ? 73  HIS A HB3  1 
ATOM 1087 H HD1  . HIS A 1 73  ? -11.802 -7.743  1.659   1.00 1.01 ? 73  HIS A HD1  1 
ATOM 1088 H HD2  . HIS A 1 73  ? -9.742  -6.847  5.167   1.00 1.15 ? 73  HIS A HD2  1 
ATOM 1089 H HE1  . HIS A 1 73  ? -11.214 -5.280  1.532   1.00 1.38 ? 73  HIS A HE1  1 
ATOM 1090 N N    . LYS A 1 74  ? -9.493  -10.578 1.137   1.00 0.59 ? 74  LYS A N    1 
ATOM 1091 C CA   . LYS A 1 74  ? -9.035  -10.292 -0.252  1.00 0.72 ? 74  LYS A CA   1 
ATOM 1092 C C    . LYS A 1 74  ? -10.043 -9.384  -0.954  1.00 0.55 ? 74  LYS A C    1 
ATOM 1093 O O    . LYS A 1 74  ? -11.195 -9.318  -0.571  1.00 0.62 ? 74  LYS A O    1 
ATOM 1094 C CB   . LYS A 1 74  ? -8.939  -11.615 -1.013  1.00 1.15 ? 74  LYS A CB   1 
ATOM 1095 C CG   . LYS A 1 74  ? -8.026  -12.579 -0.250  1.00 1.42 ? 74  LYS A CG   1 
ATOM 1096 C CD   . LYS A 1 74  ? -8.065  -13.952 -0.922  1.00 2.06 ? 74  LYS A CD   1 
ATOM 1097 C CE   . LYS A 1 74  ? -7.182  -14.925 -0.139  1.00 2.49 ? 74  LYS A CE   1 
ATOM 1098 N NZ   . LYS A 1 74  ? -7.386  -16.306 -0.659  1.00 3.26 ? 74  LYS A NZ   1 
ATOM 1099 H H    . LYS A 1 74  ? -9.848  -11.464 1.354   1.00 0.83 ? 74  LYS A H    1 
ATOM 1100 H HA   . LYS A 1 74  ? -8.066  -9.815  -0.227  1.00 0.91 ? 74  LYS A HA   1 
ATOM 1101 H HB2  . LYS A 1 74  ? -9.924  -12.047 -1.111  1.00 1.22 ? 74  LYS A HB2  1 
ATOM 1102 H HB3  . LYS A 1 74  ? -8.525  -11.433 -1.994  1.00 1.36 ? 74  LYS A HB3  1 
ATOM 1103 H HG2  . LYS A 1 74  ? -7.014  -12.201 -0.259  1.00 1.61 ? 74  LYS A HG2  1 
ATOM 1104 H HG3  . LYS A 1 74  ? -8.368  -12.671 0.769   1.00 1.37 ? 74  LYS A HG3  1 
ATOM 1105 H HD2  . LYS A 1 74  ? -9.082  -14.317 -0.933  1.00 2.40 ? 74  LYS A HD2  1 
ATOM 1106 H HD3  . LYS A 1 74  ? -7.700  -13.870 -1.933  1.00 2.46 ? 74  LYS A HD3  1 
ATOM 1107 H HE2  . LYS A 1 74  ? -6.146  -14.645 -0.255  1.00 2.71 ? 74  LYS A HE2  1 
ATOM 1108 H HE3  . LYS A 1 74  ? -7.449  -14.891 0.907   1.00 2.75 ? 74  LYS A HE3  1 
ATOM 1109 H HZ1  . LYS A 1 74  ? -6.631  -16.927 -0.302  1.00 3.58 ? 74  LYS A HZ1  1 
ATOM 1110 H HZ2  . LYS A 1 74  ? -7.361  -16.292 -1.699  1.00 3.72 ? 74  LYS A HZ2  1 
ATOM 1111 H HZ3  . LYS A 1 74  ? -8.307  -16.666 -0.337  1.00 3.58 ? 74  LYS A HZ3  1 
ATOM 1112 N N    . VAL A 1 75  ? -9.610  -8.683  -1.974  1.00 0.50 ? 75  VAL A N    1 
ATOM 1113 C CA   . VAL A 1 75  ? -10.527 -7.768  -2.717  1.00 0.38 ? 75  VAL A CA   1 
ATOM 1114 C C    . VAL A 1 75  ? -10.402 -8.021  -4.224  1.00 0.40 ? 75  VAL A C    1 
ATOM 1115 O O    . VAL A 1 75  ? -9.317  -8.047  -4.770  1.00 0.54 ? 75  VAL A O    1 
ATOM 1116 C CB   . VAL A 1 75  ? -10.147 -6.322  -2.401  1.00 0.51 ? 75  VAL A CB   1 
ATOM 1117 C CG1  . VAL A 1 75  ? -11.160 -5.379  -3.049  1.00 1.20 ? 75  VAL A CG1  1 
ATOM 1118 C CG2  . VAL A 1 75  ? -10.150 -6.123  -0.884  1.00 1.18 ? 75  VAL A CG2  1 
ATOM 1119 H H    . VAL A 1 75  ? -8.673  -8.760  -2.252  1.00 0.64 ? 75  VAL A H    1 
ATOM 1120 H HA   . VAL A 1 75  ? -11.547 -7.944  -2.414  1.00 0.36 ? 75  VAL A HA   1 
ATOM 1121 H HB   . VAL A 1 75  ? -9.162  -6.117  -2.791  1.00 1.15 ? 75  VAL A HB   1 
ATOM 1122 H HG11 . VAL A 1 75  ? -10.645 -4.688  -3.700  1.00 1.80 ? 75  VAL A HG11 1 
ATOM 1123 H HG12 . VAL A 1 75  ? -11.687 -4.829  -2.283  1.00 1.78 ? 75  VAL A HG12 1 
ATOM 1124 H HG13 . VAL A 1 75  ? -11.864 -5.957  -3.624  1.00 1.72 ? 75  VAL A HG13 1 
ATOM 1125 H HG21 . VAL A 1 75  ? -9.335  -6.684  -0.447  1.00 1.79 ? 75  VAL A HG21 1 
ATOM 1126 H HG22 . VAL A 1 75  ? -11.085 -6.476  -0.477  1.00 1.70 ? 75  VAL A HG22 1 
ATOM 1127 H HG23 . VAL A 1 75  ? -10.027 -5.075  -0.654  1.00 1.71 ? 75  VAL A HG23 1 
ATOM 1128 N N    . SER A 1 76  ? -11.509 -8.198  -4.901  1.00 0.36 ? 76  SER A N    1 
ATOM 1129 C CA   . SER A 1 76  ? -11.461 -8.443  -6.373  1.00 0.43 ? 76  SER A CA   1 
ATOM 1130 C C    . SER A 1 76  ? -11.681 -7.125  -7.121  1.00 0.39 ? 76  SER A C    1 
ATOM 1131 O O    . SER A 1 76  ? -12.131 -6.146  -6.560  1.00 0.38 ? 76  SER A O    1 
ATOM 1132 C CB   . SER A 1 76  ? -12.559 -9.430  -6.770  1.00 0.53 ? 76  SER A CB   1 
ATOM 1133 O OG   . SER A 1 76  ? -13.827 -8.802  -6.634  1.00 1.38 ? 76  SER A OG   1 
ATOM 1134 H H    . SER A 1 76  ? -12.373 -8.168  -4.439  1.00 0.37 ? 76  SER A H    1 
ATOM 1135 H HA   . SER A 1 76  ? -10.498 -8.851  -6.641  1.00 0.51 ? 76  SER A HA   1 
ATOM 1136 H HB2  . SER A 1 76  ? -12.421 -9.732  -7.794  1.00 1.20 ? 76  SER A HB2  1 
ATOM 1137 H HB3  . SER A 1 76  ? -12.506 -10.300 -6.131  1.00 1.15 ? 76  SER A HB3  1 
ATOM 1138 H HG   . SER A 1 76  ? -14.504 -9.469  -6.766  1.00 1.78 ? 76  SER A HG   1 
ATOM 1139 N N    . ALA A 1 77  ? -11.367 -7.098  -8.387  1.00 0.42 ? 77  ALA A N    1 
ATOM 1140 C CA   . ALA A 1 77  ? -11.554 -5.853  -9.184  1.00 0.44 ? 77  ALA A CA   1 
ATOM 1141 C C    . ALA A 1 77  ? -13.042 -5.509  -9.263  1.00 0.44 ? 77  ALA A C    1 
ATOM 1142 O O    . ALA A 1 77  ? -13.423 -4.527  -9.869  1.00 0.53 ? 77  ALA A O    1 
ATOM 1143 C CB   . ALA A 1 77  ? -10.997 -6.068  -10.590 1.00 0.51 ? 77  ALA A CB   1 
ATOM 1144 H H    . ALA A 1 77  ? -11.007 -7.902  -8.817  1.00 0.46 ? 77  ALA A H    1 
ATOM 1145 H HA   . ALA A 1 77  ? -11.030 -5.040  -8.711  1.00 0.45 ? 77  ALA A HA   1 
ATOM 1146 H HB1  . ALA A 1 77  ? -10.868 -5.112  -11.075 1.00 1.11 ? 77  ALA A HB1  1 
ATOM 1147 H HB2  . ALA A 1 77  ? -11.685 -6.673  -11.161 1.00 1.22 ? 77  ALA A HB2  1 
ATOM 1148 H HB3  . ALA A 1 77  ? -10.043 -6.570  -10.525 1.00 1.09 ? 77  ALA A HB3  1 
ATOM 1149 N N    . GLY A 1 78  ? -13.878 -6.311  -8.652  1.00 0.44 ? 78  GLY A N    1 
ATOM 1150 C CA   . GLY A 1 78  ? -15.350 -6.047  -8.673  1.00 0.49 ? 78  GLY A CA   1 
ATOM 1151 C C    . GLY A 1 78  ? -15.817 -5.645  -7.272  1.00 0.47 ? 78  GLY A C    1 
ATOM 1152 O O    . GLY A 1 78  ? -16.763 -4.899  -7.114  1.00 0.51 ? 78  GLY A O    1 
ATOM 1153 H H    . GLY A 1 78  ? -13.533 -7.092  -8.170  1.00 0.49 ? 78  GLY A H    1 
ATOM 1154 H HA2  . GLY A 1 78  ? -15.575 -5.252  -9.370  1.00 0.50 ? 78  GLY A HA2  1 
ATOM 1155 H HA3  . GLY A 1 78  ? -15.869 -6.943  -8.974  1.00 0.55 ? 78  GLY A HA3  1 
ATOM 1156 N N    . GLN A 1 79  ? -15.165 -6.138  -6.253  1.00 0.45 ? 79  GLN A N    1 
ATOM 1157 C CA   . GLN A 1 79  ? -15.580 -5.787  -4.864  1.00 0.45 ? 79  GLN A CA   1 
ATOM 1158 C C    . GLN A 1 79  ? -14.776 -4.586  -4.374  1.00 0.40 ? 79  GLN A C    1 
ATOM 1159 O O    . GLN A 1 79  ? -13.566 -4.585  -4.428  1.00 0.40 ? 79  GLN A O    1 
ATOM 1160 C CB   . GLN A 1 79  ? -15.310 -6.964  -3.935  1.00 0.50 ? 79  GLN A CB   1 
ATOM 1161 C CG   . GLN A 1 79  ? -16.034 -8.210  -4.456  1.00 0.57 ? 79  GLN A CG   1 
ATOM 1162 C CD   . GLN A 1 79  ? -16.872 -8.847  -3.341  1.00 1.52 ? 79  GLN A CD   1 
ATOM 1163 O OE1  . GLN A 1 79  ? -16.548 -8.741  -2.174  1.00 2.14 ? 79  GLN A OE1  1 
ATOM 1164 N NE2  . GLN A 1 79  ? -17.944 -9.518  -3.658  1.00 2.15 ? 79  GLN A NE2  1 
ATOM 1165 H H    . GLN A 1 79  ? -14.406 -6.741  -6.401  1.00 0.45 ? 79  GLN A H    1 
ATOM 1166 H HA   . GLN A 1 79  ? -16.632 -5.548  -4.849  1.00 0.49 ? 79  GLN A HA   1 
ATOM 1167 H HB2  . GLN A 1 79  ? -14.247 -7.150  -3.898  1.00 0.49 ? 79  GLN A HB2  1 
ATOM 1168 H HB3  . GLN A 1 79  ? -15.667 -6.720  -2.948  1.00 0.54 ? 79  GLN A HB3  1 
ATOM 1169 H HG2  . GLN A 1 79  ? -16.679 -7.931  -5.275  1.00 1.10 ? 79  GLN A HG2  1 
ATOM 1170 H HG3  . GLN A 1 79  ? -15.305 -8.926  -4.804  1.00 0.90 ? 79  GLN A HG3  1 
ATOM 1171 H HE21 . GLN A 1 79  ? -18.203 -9.610  -4.600  1.00 2.12 ? 79  GLN A HE21 1 
ATOM 1172 H HE22 . GLN A 1 79  ? -18.490 -9.930  -2.957  1.00 2.89 ? 79  GLN A HE22 1 
ATOM 1173 N N    . PHE A 1 80  ? -15.446 -3.567  -3.905  1.00 0.37 ? 80  PHE A N    1 
ATOM 1174 C CA   . PHE A 1 80  ? -14.735 -2.356  -3.402  1.00 0.34 ? 80  PHE A CA   1 
ATOM 1175 C C    . PHE A 1 80  ? -15.272 -1.963  -2.023  1.00 0.35 ? 80  PHE A C    1 
ATOM 1176 O O    . PHE A 1 80  ? -16.420 -2.216  -1.714  1.00 0.41 ? 80  PHE A O    1 
ATOM 1177 C CB   . PHE A 1 80  ? -14.952 -1.224  -4.383  1.00 0.36 ? 80  PHE A CB   1 
ATOM 1178 C CG   . PHE A 1 80  ? -14.306 -1.583  -5.699  1.00 0.37 ? 80  PHE A CG   1 
ATOM 1179 C CD1  . PHE A 1 80  ? -12.911 -1.619  -5.803  1.00 0.38 ? 80  PHE A CD1  1 
ATOM 1180 C CD2  . PHE A 1 80  ? -15.099 -1.869  -6.815  1.00 0.42 ? 80  PHE A CD2  1 
ATOM 1181 C CE1  . PHE A 1 80  ? -12.307 -1.936  -7.025  1.00 0.42 ? 80  PHE A CE1  1 
ATOM 1182 C CE2  . PHE A 1 80  ? -14.496 -2.183  -8.040  1.00 0.45 ? 80  PHE A CE2  1 
ATOM 1183 C CZ   . PHE A 1 80  ? -13.100 -2.215  -8.145  1.00 0.45 ? 80  PHE A CZ   1 
ATOM 1184 H H    . PHE A 1 80  ? -16.425 -3.600  -3.882  1.00 0.40 ? 80  PHE A H    1 
ATOM 1185 H HA   . PHE A 1 80  ? -13.678 -2.554  -3.320  1.00 0.34 ? 80  PHE A HA   1 
ATOM 1186 H HB2  . PHE A 1 80  ? -16.011 -1.065  -4.526  1.00 0.39 ? 80  PHE A HB2  1 
ATOM 1187 H HB3  . PHE A 1 80  ? -14.502 -0.333  -3.994  1.00 0.37 ? 80  PHE A HB3  1 
ATOM 1188 H HD1  . PHE A 1 80  ? -12.298 -1.409  -4.937  1.00 0.38 ? 80  PHE A HD1  1 
ATOM 1189 H HD2  . PHE A 1 80  ? -16.174 -1.849  -6.730  1.00 0.45 ? 80  PHE A HD2  1 
ATOM 1190 H HE1  . PHE A 1 80  ? -11.230 -1.960  -7.107  1.00 0.45 ? 80  PHE A HE1  1 
ATOM 1191 H HE2  . PHE A 1 80  ? -15.109 -2.402  -8.902  1.00 0.50 ? 80  PHE A HE2  1 
ATOM 1192 H HZ   . PHE A 1 80  ? -12.635 -2.455  -9.089  1.00 0.49 ? 80  PHE A HZ   1 
ATOM 1193 N N    . SER A 1 81  ? -14.443 -1.357  -1.195  1.00 0.34 ? 81  SER A N    1 
ATOM 1194 C CA   . SER A 1 81  ? -14.892 -0.937  0.175   1.00 0.39 ? 81  SER A CA   1 
ATOM 1195 C C    . SER A 1 81  ? -14.700 0.577   0.394   1.00 0.38 ? 81  SER A C    1 
ATOM 1196 O O    . SER A 1 81  ? -15.590 1.254   0.868   1.00 0.47 ? 81  SER A O    1 
ATOM 1197 C CB   . SER A 1 81  ? -14.084 -1.700  1.225   1.00 0.45 ? 81  SER A CB   1 
ATOM 1198 O OG   . SER A 1 81  ? -14.177 -3.094  0.963   1.00 0.53 ? 81  SER A OG   1 
ATOM 1199 H H    . SER A 1 81  ? -13.522 -1.177  -1.478  1.00 0.33 ? 81  SER A H    1 
ATOM 1200 H HA   . SER A 1 81  ? -15.936 -1.174  0.302   1.00 0.43 ? 81  SER A HA   1 
ATOM 1201 H HB2  . SER A 1 81  ? -13.053 -1.397  1.182   1.00 0.50 ? 81  SER A HB2  1 
ATOM 1202 H HB3  . SER A 1 81  ? -14.482 -1.481  2.208   1.00 0.50 ? 81  SER A HB3  1 
ATOM 1203 H HG   . SER A 1 81  ? -14.981 -3.249  0.462   1.00 0.98 ? 81  SER A HG   1 
ATOM 1204 N N    . SER A 1 82  ? -13.533 1.104   0.106   1.00 0.34 ? 82  SER A N    1 
ATOM 1205 C CA   . SER A 1 82  ? -13.279 2.562   0.361   1.00 0.35 ? 82  SER A CA   1 
ATOM 1206 C C    . SER A 1 82  ? -13.517 3.426   -0.885  1.00 0.34 ? 82  SER A C    1 
ATOM 1207 O O    . SER A 1 82  ? -13.416 4.636   -0.827  1.00 0.37 ? 82  SER A O    1 
ATOM 1208 C CB   . SER A 1 82  ? -11.828 2.743   0.813   1.00 0.38 ? 82  SER A CB   1 
ATOM 1209 O OG   . SER A 1 82  ? -11.677 4.026   1.404   1.00 0.44 ? 82  SER A OG   1 
ATOM 1210 H H    . SER A 1 82  ? -12.813 0.535   -0.239  1.00 0.36 ? 82  SER A H    1 
ATOM 1211 H HA   . SER A 1 82  ? -13.931 2.900   1.149   1.00 0.40 ? 82  SER A HA   1 
ATOM 1212 H HB2  . SER A 1 82  ? -11.578 1.986   1.537   1.00 0.42 ? 82  SER A HB2  1 
ATOM 1213 H HB3  . SER A 1 82  ? -11.173 2.649   -0.044  1.00 0.39 ? 82  SER A HB3  1 
ATOM 1214 H HG   . SER A 1 82  ? -11.419 4.642   0.714   1.00 1.02 ? 82  SER A HG   1 
ATOM 1215 N N    . LEU A 1 83  ? -13.811 2.843   -2.008  1.00 0.33 ? 83  LEU A N    1 
ATOM 1216 C CA   . LEU A 1 83  ? -14.024 3.675   -3.230  1.00 0.35 ? 83  LEU A CA   1 
ATOM 1217 C C    . LEU A 1 83  ? -15.474 4.154   -3.309  1.00 0.39 ? 83  LEU A C    1 
ATOM 1218 O O    . LEU A 1 83  ? -16.000 4.397   -4.377  1.00 0.42 ? 83  LEU A O    1 
ATOM 1219 C CB   . LEU A 1 83  ? -13.678 2.850   -4.466  1.00 0.37 ? 83  LEU A CB   1 
ATOM 1220 C CG   . LEU A 1 83  ? -12.153 2.641   -4.534  1.00 0.54 ? 83  LEU A CG   1 
ATOM 1221 C CD1  . LEU A 1 83  ? -11.784 1.167   -4.553  1.00 1.30 ? 83  LEU A CD1  1 
ATOM 1222 C CD2  . LEU A 1 83  ? -11.646 3.276   -5.809  1.00 1.22 ? 83  LEU A CD2  1 
ATOM 1223 H H    . LEU A 1 83  ? -13.878 1.866   -2.055  1.00 0.33 ? 83  LEU A H    1 
ATOM 1224 H HA   . LEU A 1 83  ? -13.381 4.539   -3.192  1.00 0.37 ? 83  LEU A HA   1 
ATOM 1225 H HB2  . LEU A 1 83  ? -14.187 1.910   -4.420  1.00 0.44 ? 83  LEU A HB2  1 
ATOM 1226 H HB3  . LEU A 1 83  ? -13.999 3.379   -5.348  1.00 0.38 ? 83  LEU A HB3  1 
ATOM 1227 H HG   . LEU A 1 83  ? -11.669 3.109   -3.694  1.00 1.48 ? 83  LEU A HG   1 
ATOM 1228 H HD11 . LEU A 1 83  ? -12.368 0.627   -3.825  1.00 1.94 ? 83  LEU A HD11 1 
ATOM 1229 H HD12 . LEU A 1 83  ? -10.733 1.060   -4.317  1.00 1.80 ? 83  LEU A HD12 1 
ATOM 1230 H HD13 . LEU A 1 83  ? -11.967 0.780   -5.538  1.00 1.89 ? 83  LEU A HD13 1 
ATOM 1231 H HD21 . LEU A 1 83  ? -11.873 4.327   -5.787  1.00 1.90 ? 83  LEU A HD21 1 
ATOM 1232 H HD22 . LEU A 1 83  ? -12.129 2.819   -6.661  1.00 1.80 ? 83  LEU A HD22 1 
ATOM 1233 H HD23 . LEU A 1 83  ? -10.583 3.129   -5.867  1.00 1.77 ? 83  LEU A HD23 1 
ATOM 1234 N N    . HIS A 1 84  ? -16.122 4.309   -2.187  1.00 0.44 ? 84  HIS A N    1 
ATOM 1235 C CA   . HIS A 1 84  ? -17.532 4.792   -2.203  1.00 0.50 ? 84  HIS A CA   1 
ATOM 1236 C C    . HIS A 1 84  ? -17.544 6.314   -2.383  1.00 0.45 ? 84  HIS A C    1 
ATOM 1237 O O    . HIS A 1 84  ? -18.426 6.870   -3.006  1.00 0.46 ? 84  HIS A O    1 
ATOM 1238 C CB   . HIS A 1 84  ? -18.206 4.427   -0.880  1.00 0.60 ? 84  HIS A CB   1 
ATOM 1239 C CG   . HIS A 1 84  ? -18.005 2.962   -0.626  1.00 0.60 ? 84  HIS A CG   1 
ATOM 1240 N ND1  . HIS A 1 84  ? -17.466 2.124   -1.585  1.00 0.53 ? 84  HIS A ND1  1 
ATOM 1241 C CD2  . HIS A 1 84  ? -18.258 2.172   0.467   1.00 0.90 ? 84  HIS A CD2  1 
ATOM 1242 C CE1  . HIS A 1 84  ? -17.410 0.892   -1.060  1.00 0.52 ? 84  HIS A CE1  1 
ATOM 1243 N NE2  . HIS A 1 84  ? -17.881 0.861   0.190   1.00 0.80 ? 84  HIS A NE2  1 
ATOM 1244 H H    . HIS A 1 84  ? -15.677 4.120   -1.336  1.00 0.46 ? 84  HIS A H    1 
ATOM 1245 H HA   . HIS A 1 84  ? -18.063 4.328   -3.019  1.00 0.54 ? 84  HIS A HA   1 
ATOM 1246 H HB2  . HIS A 1 84  ? -17.764 4.999   -0.077  1.00 0.62 ? 84  HIS A HB2  1 
ATOM 1247 H HB3  . HIS A 1 84  ? -19.263 4.640   -0.941  1.00 0.73 ? 84  HIS A HB3  1 
ATOM 1248 H HD1  . HIS A 1 84  ? -17.177 2.384   -2.485  1.00 0.71 ? 84  HIS A HD1  1 
ATOM 1249 H HD2  . HIS A 1 84  ? -18.682 2.515   1.398   1.00 1.24 ? 84  HIS A HD2  1 
ATOM 1250 H HE1  . HIS A 1 84  ? -17.028 0.033   -1.582  1.00 0.53 ? 84  HIS A HE1  1 
ATOM 1251 N N    . VAL A 1 85  ? -16.566 6.986   -1.840  1.00 0.47 ? 85  VAL A N    1 
ATOM 1252 C CA   . VAL A 1 85  ? -16.503 8.473   -1.969  1.00 0.48 ? 85  VAL A CA   1 
ATOM 1253 C C    . VAL A 1 85  ? -15.975 8.839   -3.357  1.00 0.39 ? 85  VAL A C    1 
ATOM 1254 O O    . VAL A 1 85  ? -15.245 8.089   -3.973  1.00 0.37 ? 85  VAL A O    1 
ATOM 1255 C CB   . VAL A 1 85  ? -15.560 9.047   -0.895  1.00 0.59 ? 85  VAL A CB   1 
ATOM 1256 C CG1  . VAL A 1 85  ? -16.348 9.665   0.271   1.00 1.29 ? 85  VAL A CG1  1 
ATOM 1257 C CG2  . VAL A 1 85  ? -14.669 7.927   -0.352  1.00 1.54 ? 85  VAL A CG2  1 
ATOM 1258 H H    . VAL A 1 85  ? -15.868 6.511   -1.345  1.00 0.53 ? 85  VAL A H    1 
ATOM 1259 H HA   . VAL A 1 85  ? -17.492 8.888   -1.855  1.00 0.52 ? 85  VAL A HA   1 
ATOM 1260 H HB   . VAL A 1 85  ? -14.938 9.808   -1.343  1.00 1.12 ? 85  VAL A HB   1 
ATOM 1261 H HG11 . VAL A 1 85  ? -17.279 9.137   0.419   1.00 1.88 ? 85  VAL A HG11 1 
ATOM 1262 H HG12 . VAL A 1 85  ? -16.553 10.703  0.057   1.00 1.85 ? 85  VAL A HG12 1 
ATOM 1263 H HG13 . VAL A 1 85  ? -15.757 9.598   1.173   1.00 1.84 ? 85  VAL A HG13 1 
ATOM 1264 H HG21 . VAL A 1 85  ? -15.274 7.223   0.200   1.00 1.98 ? 85  VAL A HG21 1 
ATOM 1265 H HG22 . VAL A 1 85  ? -13.922 8.350   0.303   1.00 2.19 ? 85  VAL A HG22 1 
ATOM 1266 H HG23 . VAL A 1 85  ? -14.185 7.422   -1.173  1.00 2.09 ? 85  VAL A HG23 1 
ATOM 1267 N N    . ARG A 1 86  ? -16.350 9.986   -3.858  1.00 0.41 ? 86  ARG A N    1 
ATOM 1268 C CA   . ARG A 1 86  ? -15.880 10.395  -5.211  1.00 0.41 ? 86  ARG A CA   1 
ATOM 1269 C C    . ARG A 1 86  ? -14.608 11.237  -5.094  1.00 0.41 ? 86  ARG A C    1 
ATOM 1270 O O    . ARG A 1 86  ? -14.597 12.410  -5.411  1.00 0.50 ? 86  ARG A O    1 
ATOM 1271 C CB   . ARG A 1 86  ? -16.966 11.222  -5.898  1.00 0.54 ? 86  ARG A CB   1 
ATOM 1272 C CG   . ARG A 1 86  ? -18.207 10.359  -6.124  1.00 0.60 ? 86  ARG A CG   1 
ATOM 1273 C CD   . ARG A 1 86  ? -19.163 11.086  -7.068  1.00 0.89 ? 86  ARG A CD   1 
ATOM 1274 N NE   . ARG A 1 86  ? -20.552 10.593  -6.850  1.00 1.58 ? 86  ARG A NE   1 
ATOM 1275 C CZ   . ARG A 1 86  ? -21.561 11.262  -7.336  1.00 2.14 ? 86  ARG A CZ   1 
ATOM 1276 N NH1  . ARG A 1 86  ? -21.349 12.344  -8.034  1.00 2.34 ? 86  ARG A NH1  1 
ATOM 1277 N NH2  . ARG A 1 86  ? -22.780 10.848  -7.127  1.00 3.16 ? 86  ARG A NH2  1 
ATOM 1278 H H    . ARG A 1 86  ? -16.946 10.572  -3.349  1.00 0.47 ? 86  ARG A H    1 
ATOM 1279 H HA   . ARG A 1 86  ? -15.675 9.515   -5.802  1.00 0.41 ? 86  ARG A HA   1 
ATOM 1280 H HB2  . ARG A 1 86  ? -17.223 12.065  -5.271  1.00 0.58 ? 86  ARG A HB2  1 
ATOM 1281 H HB3  . ARG A 1 86  ? -16.601 11.580  -6.848  1.00 0.61 ? 86  ARG A HB3  1 
ATOM 1282 H HG2  . ARG A 1 86  ? -17.914 9.415   -6.561  1.00 0.68 ? 86  ARG A HG2  1 
ATOM 1283 H HG3  . ARG A 1 86  ? -18.700 10.182  -5.179  1.00 0.64 ? 86  ARG A HG3  1 
ATOM 1284 H HD2  . ARG A 1 86  ? -19.124 12.147  -6.874  1.00 1.47 ? 86  ARG A HD2  1 
ATOM 1285 H HD3  . ARG A 1 86  ? -18.869 10.897  -8.091  1.00 1.38 ? 86  ARG A HD3  1 
ATOM 1286 H HE   . ARG A 1 86  ? -20.708 9.775   -6.334  1.00 2.26 ? 86  ARG A HE   1 
ATOM 1287 H HH11 . ARG A 1 86  ? -20.413 12.660  -8.196  1.00 2.15 ? 86  ARG A HH11 1 
ATOM 1288 H HH12 . ARG A 1 86  ? -22.121 12.858  -8.408  1.00 3.14 ? 86  ARG A HH12 1 
ATOM 1289 H HH21 . ARG A 1 86  ? -22.943 10.018  -6.594  1.00 3.60 ? 86  ARG A HH21 1 
ATOM 1290 H HH22 . ARG A 1 86  ? -23.553 11.362  -7.501  1.00 3.74 ? 86  ARG A HH22 1 
ATOM 1291 N N    . ASP A 1 87  ? -13.531 10.646  -4.658  1.00 0.36 ? 87  ASP A N    1 
ATOM 1292 C CA   . ASP A 1 87  ? -12.258 11.409  -4.541  1.00 0.40 ? 87  ASP A CA   1 
ATOM 1293 C C    . ASP A 1 87  ? -11.577 11.452  -5.910  1.00 0.34 ? 87  ASP A C    1 
ATOM 1294 O O    . ASP A 1 87  ? -11.987 10.786  -6.838  1.00 0.31 ? 87  ASP A O    1 
ATOM 1295 C CB   . ASP A 1 87  ? -11.329 10.722  -3.537  1.00 0.43 ? 87  ASP A CB   1 
ATOM 1296 C CG   . ASP A 1 87  ? -11.806 11.006  -2.111  1.00 0.56 ? 87  ASP A CG   1 
ATOM 1297 O OD1  . ASP A 1 87  ? -12.642 10.263  -1.627  1.00 1.34 ? 87  ASP A OD1  1 
ATOM 1298 O OD2  . ASP A 1 87  ? -11.327 11.965  -1.528  1.00 1.13 ? 87  ASP A OD2  1 
ATOM 1299 H H    . ASP A 1 87  ? -13.556 9.695   -4.418  1.00 0.34 ? 87  ASP A H    1 
ATOM 1300 H HA   . ASP A 1 87  ? -12.468 12.416  -4.209  1.00 0.50 ? 87  ASP A HA   1 
ATOM 1301 H HB2  . ASP A 1 87  ? -11.335 9.656   -3.713  1.00 0.38 ? 87  ASP A HB2  1 
ATOM 1302 H HB3  . ASP A 1 87  ? -10.327 11.102  -3.661  1.00 0.47 ? 87  ASP A HB3  1 
ATOM 1303 N N    . THR A 1 88  ? -10.537 12.227  -6.042  1.00 0.40 ? 88  THR A N    1 
ATOM 1304 C CA   . THR A 1 88  ? -9.826  12.306  -7.350  1.00 0.41 ? 88  THR A CA   1 
ATOM 1305 C C    . THR A 1 88  ? -8.688  11.289  -7.361  1.00 0.33 ? 88  THR A C    1 
ATOM 1306 O O    . THR A 1 88  ? -8.182  10.894  -6.329  1.00 0.32 ? 88  THR A O    1 
ATOM 1307 C CB   . THR A 1 88  ? -9.233  13.714  -7.531  1.00 0.54 ? 88  THR A CB   1 
ATOM 1308 O OG1  . THR A 1 88  ? -8.913  14.247  -6.255  1.00 1.16 ? 88  THR A OG1  1 
ATOM 1309 C CG2  . THR A 1 88  ? -10.213 14.663  -8.244  1.00 1.28 ? 88  THR A CG2  1 
ATOM 1310 H H    . THR A 1 88  ? -10.218 12.753  -5.279  1.00 0.47 ? 88  THR A H    1 
ATOM 1311 H HA   . THR A 1 88  ? -10.507 12.077  -8.155  1.00 0.42 ? 88  THR A HA   1 
ATOM 1312 H HB   . THR A 1 88  ? -8.328  13.640  -8.116  1.00 1.27 ? 88  THR A HB   1 
ATOM 1313 H HG1  . THR A 1 88  ? -8.724  15.182  -6.363  1.00 1.59 ? 88  THR A HG1  1 
ATOM 1314 H HG21 . THR A 1 88  ? -9.887  14.812  -9.264  1.00 1.85 ? 88  THR A HG21 1 
ATOM 1315 H HG22 . THR A 1 88  ? -10.221 15.613  -7.732  1.00 1.78 ? 88  THR A HG22 1 
ATOM 1316 H HG23 . THR A 1 88  ? -11.211 14.253  -8.241  1.00 1.93 ? 88  THR A HG23 1 
ATOM 1317 N N    . LYS A 1 89  ? -8.289  10.855  -8.522  1.00 0.30 ? 89  LYS A N    1 
ATOM 1318 C CA   . LYS A 1 89  ? -7.190  9.856   -8.602  1.00 0.24 ? 89  LYS A CA   1 
ATOM 1319 C C    . LYS A 1 89  ? -5.837  10.573  -8.532  1.00 0.24 ? 89  LYS A C    1 
ATOM 1320 O O    . LYS A 1 89  ? -5.714  11.717  -8.922  1.00 0.28 ? 89  LYS A O    1 
ATOM 1321 C CB   . LYS A 1 89  ? -7.278  9.098   -9.924  1.00 0.28 ? 89  LYS A CB   1 
ATOM 1322 C CG   . LYS A 1 89  ? -8.616  8.377   -10.037 1.00 0.33 ? 89  LYS A CG   1 
ATOM 1323 C CD   . LYS A 1 89  ? -8.663  7.631   -11.375 1.00 0.41 ? 89  LYS A CD   1 
ATOM 1324 C CE   . LYS A 1 89  ? -9.997  6.905   -11.501 1.00 0.75 ? 89  LYS A CE   1 
ATOM 1325 N NZ   . LYS A 1 89  ? -10.292 6.624   -12.933 1.00 1.49 ? 89  LYS A NZ   1 
ATOM 1326 H H    . LYS A 1 89  ? -8.723  11.176  -9.338  1.00 0.34 ? 89  LYS A H    1 
ATOM 1327 H HA   . LYS A 1 89  ? -7.267  9.167   -7.783  1.00 0.22 ? 89  LYS A HA   1 
ATOM 1328 H HB2  . LYS A 1 89  ? -7.166  9.785   -10.747 1.00 0.34 ? 89  LYS A HB2  1 
ATOM 1329 H HB3  . LYS A 1 89  ? -6.494  8.367   -9.954  1.00 0.27 ? 89  LYS A HB3  1 
ATOM 1330 H HG2  . LYS A 1 89  ? -8.719  7.674   -9.223  1.00 0.32 ? 89  LYS A HG2  1 
ATOM 1331 H HG3  . LYS A 1 89  ? -9.419  9.097   -9.999  1.00 0.37 ? 89  LYS A HG3  1 
ATOM 1332 H HD2  . LYS A 1 89  ? -8.558  8.339   -12.185 1.00 0.72 ? 89  LYS A HD2  1 
ATOM 1333 H HD3  . LYS A 1 89  ? -7.857  6.914   -11.415 1.00 0.57 ? 89  LYS A HD3  1 
ATOM 1334 H HE2  . LYS A 1 89  ? -9.945  5.974   -10.961 1.00 1.31 ? 89  LYS A HE2  1 
ATOM 1335 H HE3  . LYS A 1 89  ? -10.776 7.524   -11.089 1.00 1.23 ? 89  LYS A HE3  1 
ATOM 1336 H HZ1  . LYS A 1 89  ? -11.306 6.419   -13.042 1.00 1.86 ? 89  LYS A HZ1  1 
ATOM 1337 H HZ2  . LYS A 1 89  ? -9.735  5.803   -13.246 1.00 2.05 ? 89  LYS A HZ2  1 
ATOM 1338 H HZ3  . LYS A 1 89  ? -10.044 7.452   -13.508 1.00 2.04 ? 89  LYS A HZ3  1 
ATOM 1339 N N    . ILE A 1 90  ? -4.827  9.898   -8.035  1.00 0.20 ? 90  ILE A N    1 
ATOM 1340 C CA   . ILE A 1 90  ? -3.467  10.511  -7.926  1.00 0.21 ? 90  ILE A CA   1 
ATOM 1341 C C    . ILE A 1 90  ? -2.426  9.560   -8.531  1.00 0.19 ? 90  ILE A C    1 
ATOM 1342 O O    . ILE A 1 90  ? -2.666  8.378   -8.678  1.00 0.18 ? 90  ILE A O    1 
ATOM 1343 C CB   . ILE A 1 90  ? -3.152  10.779  -6.445  1.00 0.22 ? 90  ILE A CB   1 
ATOM 1344 C CG1  . ILE A 1 90  ? -3.244  9.468   -5.644  1.00 0.20 ? 90  ILE A CG1  1 
ATOM 1345 C CG2  . ILE A 1 90  ? -4.164  11.793  -5.897  1.00 0.27 ? 90  ILE A CG2  1 
ATOM 1346 C CD1  . ILE A 1 90  ? -2.823  9.698   -4.188  1.00 0.23 ? 90  ILE A CD1  1 
ATOM 1347 H H    . ILE A 1 90  ? -4.966  8.976   -7.731  1.00 0.18 ? 90  ILE A H    1 
ATOM 1348 H HA   . ILE A 1 90  ? -3.443  11.445  -8.469  1.00 0.23 ? 90  ILE A HA   1 
ATOM 1349 H HB   . ILE A 1 90  ? -2.154  11.188  -6.359  1.00 0.23 ? 90  ILE A HB   1 
ATOM 1350 H HG12 . ILE A 1 90  ? -4.259  9.104   -5.667  1.00 0.23 ? 90  ILE A HG12 1 
ATOM 1351 H HG13 . ILE A 1 90  ? -2.591  8.729   -6.082  1.00 0.22 ? 90  ILE A HG13 1 
ATOM 1352 H HG21 . ILE A 1 90  ? -4.751  11.331  -5.117  1.00 1.04 ? 90  ILE A HG21 1 
ATOM 1353 H HG22 . ILE A 1 90  ? -4.816  12.119  -6.693  1.00 0.99 ? 90  ILE A HG22 1 
ATOM 1354 H HG23 . ILE A 1 90  ? -3.636  12.644  -5.492  1.00 1.07 ? 90  ILE A HG23 1 
ATOM 1355 H HD11 . ILE A 1 90  ? -1.862  9.235   -4.017  1.00 1.05 ? 90  ILE A HD11 1 
ATOM 1356 H HD12 . ILE A 1 90  ? -3.555  9.256   -3.529  1.00 1.06 ? 90  ILE A HD12 1 
ATOM 1357 H HD13 . ILE A 1 90  ? -2.751  10.756  -3.987  1.00 1.03 ? 90  ILE A HD13 1 
ATOM 1358 N N    . GLU A 1 91  ? -1.277  10.066  -8.887  1.00 0.21 ? 91  GLU A N    1 
ATOM 1359 C CA   . GLU A 1 91  ? -0.228  9.190   -9.488  1.00 0.21 ? 91  GLU A CA   1 
ATOM 1360 C C    . GLU A 1 91  ? 0.229   8.157   -8.455  1.00 0.19 ? 91  GLU A C    1 
ATOM 1361 O O    . GLU A 1 91  ? 0.317   8.447   -7.278  1.00 0.18 ? 91  GLU A O    1 
ATOM 1362 C CB   . GLU A 1 91  ? 0.963   10.049  -9.923  1.00 0.24 ? 91  GLU A CB   1 
ATOM 1363 C CG   . GLU A 1 91  ? 0.528   10.975  -11.061 1.00 0.28 ? 91  GLU A CG   1 
ATOM 1364 C CD   . GLU A 1 91  ? 1.748   11.710  -11.621 1.00 1.14 ? 91  GLU A CD   1 
ATOM 1365 O OE1  . GLU A 1 91  ? 2.499   12.258  -10.832 1.00 1.88 ? 91  GLU A OE1  1 
ATOM 1366 O OE2  . GLU A 1 91  ? 1.909   11.710  -12.830 1.00 1.86 ? 91  GLU A OE2  1 
ATOM 1367 H H    . GLU A 1 91  ? -1.103  11.022  -8.764  1.00 0.23 ? 91  GLU A H    1 
ATOM 1368 H HA   . GLU A 1 91  ? -0.635  8.679   -10.348 1.00 0.21 ? 91  GLU A HA   1 
ATOM 1369 H HB2  . GLU A 1 91  ? 1.304   10.642  -9.086  1.00 0.26 ? 91  GLU A HB2  1 
ATOM 1370 H HB3  . GLU A 1 91  ? 1.764   9.412   -10.264 1.00 0.25 ? 91  GLU A HB3  1 
ATOM 1371 H HG2  . GLU A 1 91  ? 0.068   10.390  -11.844 1.00 0.83 ? 91  GLU A HG2  1 
ATOM 1372 H HG3  . GLU A 1 91  ? -0.182  11.696  -10.686 1.00 0.80 ? 91  GLU A HG3  1 
ATOM 1373 N N    . VAL A 1 92  ? 0.513   6.951   -8.876  1.00 0.19 ? 92  VAL A N    1 
ATOM 1374 C CA   . VAL A 1 92  ? 0.946   5.917   -7.892  1.00 0.19 ? 92  VAL A CA   1 
ATOM 1375 C C    . VAL A 1 92  ? 2.174   6.427   -7.133  1.00 0.20 ? 92  VAL A C    1 
ATOM 1376 O O    . VAL A 1 92  ? 2.288   6.258   -5.934  1.00 0.19 ? 92  VAL A O    1 
ATOM 1377 C CB   . VAL A 1 92  ? 1.314   4.613   -8.611  1.00 0.22 ? 92  VAL A CB   1 
ATOM 1378 C CG1  . VAL A 1 92  ? 1.970   3.659   -7.593  1.00 0.24 ? 92  VAL A CG1  1 
ATOM 1379 C CG2  . VAL A 1 92  ? 0.043   3.991   -9.225  1.00 0.24 ? 92  VAL A CG2  1 
ATOM 1380 H H    . VAL A 1 92  ? 0.428   6.725   -9.828  1.00 0.20 ? 92  VAL A H    1 
ATOM 1381 H HA   . VAL A 1 92  ? 0.146   5.732   -7.195  1.00 0.18 ? 92  VAL A HA   1 
ATOM 1382 H HB   . VAL A 1 92  ? 2.025   4.832   -9.397  1.00 0.24 ? 92  VAL A HB   1 
ATOM 1383 H HG11 . VAL A 1 92  ? 1.649   3.926   -6.596  1.00 1.06 ? 92  VAL A HG11 1 
ATOM 1384 H HG12 . VAL A 1 92  ? 3.043   3.754   -7.657  1.00 1.00 ? 92  VAL A HG12 1 
ATOM 1385 H HG13 . VAL A 1 92  ? 1.694   2.637   -7.794  1.00 1.07 ? 92  VAL A HG13 1 
ATOM 1386 H HG21 . VAL A 1 92  ? 0.224   2.967   -9.514  1.00 1.05 ? 92  VAL A HG21 1 
ATOM 1387 H HG22 . VAL A 1 92  ? -0.234  4.553   -10.100 1.00 0.98 ? 92  VAL A HG22 1 
ATOM 1388 H HG23 . VAL A 1 92  ? -0.764  4.027   -8.510  1.00 1.08 ? 92  VAL A HG23 1 
ATOM 1389 N N    . ALA A 1 93  ? 3.092   7.049   -7.817  1.00 0.22 ? 93  ALA A N    1 
ATOM 1390 C CA   . ALA A 1 93  ? 4.308   7.565   -7.129  1.00 0.25 ? 93  ALA A CA   1 
ATOM 1391 C C    . ALA A 1 93  ? 3.897   8.354   -5.880  1.00 0.22 ? 93  ALA A C    1 
ATOM 1392 O O    . ALA A 1 93  ? 4.507   8.238   -4.838  1.00 0.24 ? 93  ALA A O    1 
ATOM 1393 C CB   . ALA A 1 93  ? 5.083   8.476   -8.084  1.00 0.31 ? 93  ALA A CB   1 
ATOM 1394 H H    . ALA A 1 93  ? 2.983   7.176   -8.782  1.00 0.23 ? 93  ALA A H    1 
ATOM 1395 H HA   . ALA A 1 93  ? 4.935   6.734   -6.838  1.00 0.28 ? 93  ALA A HA   1 
ATOM 1396 H HB1  . ALA A 1 93  ? 4.816   9.505   -7.895  1.00 1.05 ? 93  ALA A HB1  1 
ATOM 1397 H HB2  . ALA A 1 93  ? 4.837   8.220   -9.103  1.00 1.02 ? 93  ALA A HB2  1 
ATOM 1398 H HB3  . ALA A 1 93  ? 6.144   8.344   -7.925  1.00 1.10 ? 93  ALA A HB3  1 
ATOM 1399 N N    . GLN A 1 94  ? 2.863   9.148   -5.970  1.00 0.21 ? 94  GLN A N    1 
ATOM 1400 C CA   . GLN A 1 94  ? 2.419   9.929   -4.777  1.00 0.22 ? 94  GLN A CA   1 
ATOM 1401 C C    . GLN A 1 94  ? 1.713   9.006   -3.790  1.00 0.19 ? 94  GLN A C    1 
ATOM 1402 O O    . GLN A 1 94  ? 1.834   9.150   -2.590  1.00 0.19 ? 94  GLN A O    1 
ATOM 1403 C CB   . GLN A 1 94  ? 1.450   11.035  -5.200  1.00 0.28 ? 94  GLN A CB   1 
ATOM 1404 C CG   . GLN A 1 94  ? 2.241   12.257  -5.658  1.00 1.00 ? 94  GLN A CG   1 
ATOM 1405 C CD   . GLN A 1 94  ? 1.274   13.364  -6.079  1.00 1.32 ? 94  GLN A CD   1 
ATOM 1406 O OE1  . GLN A 1 94  ? 0.189   13.093  -6.552  1.00 1.59 ? 94  GLN A OE1  1 
ATOM 1407 N NE2  . GLN A 1 94  ? 1.625   14.610  -5.920  1.00 2.05 ? 94  GLN A NE2  1 
ATOM 1408 H H    . GLN A 1 94  ? 2.376   9.224   -6.818  1.00 0.22 ? 94  GLN A H    1 
ATOM 1409 H HA   . GLN A 1 94  ? 3.280   10.370  -4.298  1.00 0.26 ? 94  GLN A HA   1 
ATOM 1410 H HB2  . GLN A 1 94  ? 0.835   10.679  -6.015  1.00 0.91 ? 94  GLN A HB2  1 
ATOM 1411 H HB3  . GLN A 1 94  ? 0.822   11.304  -4.365  1.00 0.78 ? 94  GLN A HB3  1 
ATOM 1412 H HG2  . GLN A 1 94  ? 2.856   12.609  -4.843  1.00 1.62 ? 94  GLN A HG2  1 
ATOM 1413 H HG3  . GLN A 1 94  ? 2.865   11.989  -6.495  1.00 1.55 ? 94  GLN A HG3  1 
ATOM 1414 H HE21 . GLN A 1 94  ? 2.500   14.828  -5.535  1.00 2.51 ? 94  GLN A HE21 1 
ATOM 1415 H HE22 . GLN A 1 94  ? 1.015   15.330  -6.186  1.00 2.39 ? 94  GLN A HE22 1 
ATOM 1416 N N    . PHE A 1 95  ? 0.973   8.066   -4.288  1.00 0.17 ? 95  PHE A N    1 
ATOM 1417 C CA   . PHE A 1 95  ? 0.251   7.135   -3.389  1.00 0.17 ? 95  PHE A CA   1 
ATOM 1418 C C    . PHE A 1 95  ? 1.252   6.387   -2.511  1.00 0.16 ? 95  PHE A C    1 
ATOM 1419 O O    . PHE A 1 95  ? 1.085   6.280   -1.313  1.00 0.17 ? 95  PHE A O    1 
ATOM 1420 C CB   . PHE A 1 95  ? -0.510  6.130   -4.240  1.00 0.18 ? 95  PHE A CB   1 
ATOM 1421 C CG   . PHE A 1 95  ? -1.219  5.160   -3.344  1.00 0.19 ? 95  PHE A CG   1 
ATOM 1422 C CD1  . PHE A 1 95  ? -0.526  4.054   -2.842  1.00 0.22 ? 95  PHE A CD1  1 
ATOM 1423 C CD2  . PHE A 1 95  ? -2.559  5.363   -3.008  1.00 0.21 ? 95  PHE A CD2  1 
ATOM 1424 C CE1  . PHE A 1 95  ? -1.174  3.149   -2.003  1.00 0.25 ? 95  PHE A CE1  1 
ATOM 1425 C CE2  . PHE A 1 95  ? -3.207  4.457   -2.168  1.00 0.23 ? 95  PHE A CE2  1 
ATOM 1426 C CZ   . PHE A 1 95  ? -2.514  3.353   -1.668  1.00 0.25 ? 95  PHE A CZ   1 
ATOM 1427 H H    . PHE A 1 95  ? 0.887   7.973   -5.260  1.00 0.19 ? 95  PHE A H    1 
ATOM 1428 H HA   . PHE A 1 95  ? -0.442  7.685   -2.769  1.00 0.19 ? 95  PHE A HA   1 
ATOM 1429 H HB2  . PHE A 1 95  ? -1.228  6.650   -4.855  1.00 0.19 ? 95  PHE A HB2  1 
ATOM 1430 H HB3  . PHE A 1 95  ? 0.184   5.595   -4.868  1.00 0.18 ? 95  PHE A HB3  1 
ATOM 1431 H HD1  . PHE A 1 95  ? 0.511   3.900   -3.105  1.00 0.23 ? 95  PHE A HD1  1 
ATOM 1432 H HD2  . PHE A 1 95  ? -3.092  6.217   -3.397  1.00 0.22 ? 95  PHE A HD2  1 
ATOM 1433 H HE1  . PHE A 1 95  ? -0.643  2.294   -1.614  1.00 0.29 ? 95  PHE A HE1  1 
ATOM 1434 H HE2  . PHE A 1 95  ? -4.242  4.607   -1.908  1.00 0.26 ? 95  PHE A HE2  1 
ATOM 1435 H HZ   . PHE A 1 95  ? -3.010  2.663   -1.022  1.00 0.29 ? 95  PHE A HZ   1 
ATOM 1436 N N    . VAL A 1 96  ? 2.289   5.864   -3.100  1.00 0.17 ? 96  VAL A N    1 
ATOM 1437 C CA   . VAL A 1 96  ? 3.299   5.120   -2.302  1.00 0.18 ? 96  VAL A CA   1 
ATOM 1438 C C    . VAL A 1 96  ? 3.945   6.066   -1.290  1.00 0.17 ? 96  VAL A C    1 
ATOM 1439 O O    . VAL A 1 96  ? 4.057   5.760   -0.119  1.00 0.18 ? 96  VAL A O    1 
ATOM 1440 C CB   . VAL A 1 96  ? 4.381   4.572   -3.231  1.00 0.21 ? 96  VAL A CB   1 
ATOM 1441 C CG1  . VAL A 1 96  ? 5.425   3.817   -2.407  1.00 0.25 ? 96  VAL A CG1  1 
ATOM 1442 C CG2  . VAL A 1 96  ? 3.751   3.623   -4.252  1.00 0.24 ? 96  VAL A CG2  1 
ATOM 1443 H H    . VAL A 1 96  ? 2.403   5.959   -4.068  1.00 0.17 ? 96  VAL A H    1 
ATOM 1444 H HA   . VAL A 1 96  ? 2.820   4.303   -1.781  1.00 0.19 ? 96  VAL A HA   1 
ATOM 1445 H HB   . VAL A 1 96  ? 4.858   5.393   -3.747  1.00 0.20 ? 96  VAL A HB   1 
ATOM 1446 H HG11 . VAL A 1 96  ? 6.074   4.525   -1.913  1.00 1.06 ? 96  VAL A HG11 1 
ATOM 1447 H HG12 . VAL A 1 96  ? 6.010   3.187   -3.059  1.00 0.99 ? 96  VAL A HG12 1 
ATOM 1448 H HG13 . VAL A 1 96  ? 4.927   3.208   -1.668  1.00 1.09 ? 96  VAL A HG13 1 
ATOM 1449 H HG21 . VAL A 1 96  ? 4.216   3.774   -5.215  1.00 1.03 ? 96  VAL A HG21 1 
ATOM 1450 H HG22 . VAL A 1 96  ? 2.693   3.827   -4.327  1.00 1.01 ? 96  VAL A HG22 1 
ATOM 1451 H HG23 . VAL A 1 96  ? 3.901   2.602   -3.936  1.00 1.07 ? 96  VAL A HG23 1 
ATOM 1452 N N    . LYS A 1 97  ? 4.382   7.210   -1.738  1.00 0.17 ? 97  LYS A N    1 
ATOM 1453 C CA   . LYS A 1 97  ? 5.034   8.172   -0.811  1.00 0.19 ? 97  LYS A CA   1 
ATOM 1454 C C    . LYS A 1 97  ? 4.061   8.568   0.298   1.00 0.18 ? 97  LYS A C    1 
ATOM 1455 O O    . LYS A 1 97  ? 4.395   8.527   1.454   1.00 0.19 ? 97  LYS A O    1 
ATOM 1456 C CB   . LYS A 1 97  ? 5.453   9.419   -1.589  1.00 0.21 ? 97  LYS A CB   1 
ATOM 1457 C CG   . LYS A 1 97  ? 6.570   9.051   -2.564  1.00 0.25 ? 97  LYS A CG   1 
ATOM 1458 C CD   . LYS A 1 97  ? 6.975   10.289  -3.369  1.00 0.31 ? 97  LYS A CD   1 
ATOM 1459 C CE   . LYS A 1 97  ? 7.943   9.891   -4.491  1.00 0.68 ? 97  LYS A CE   1 
ATOM 1460 N NZ   . LYS A 1 97  ? 9.233   10.614  -4.318  1.00 1.52 ? 97  LYS A NZ   1 
ATOM 1461 H H    . LYS A 1 97  ? 4.288   7.432   -2.689  1.00 0.18 ? 97  LYS A H    1 
ATOM 1462 H HA   . LYS A 1 97  ? 5.908   7.713   -0.374  1.00 0.20 ? 97  LYS A HA   1 
ATOM 1463 H HB2  . LYS A 1 97  ? 4.606   9.806   -2.135  1.00 0.21 ? 97  LYS A HB2  1 
ATOM 1464 H HB3  . LYS A 1 97  ? 5.813   10.169  -0.899  1.00 0.23 ? 97  LYS A HB3  1 
ATOM 1465 H HG2  . LYS A 1 97  ? 7.424   8.687   -2.010  1.00 0.26 ? 97  LYS A HG2  1 
ATOM 1466 H HG3  . LYS A 1 97  ? 6.221   8.281   -3.233  1.00 0.24 ? 97  LYS A HG3  1 
ATOM 1467 H HD2  . LYS A 1 97  ? 6.093   10.740  -3.800  1.00 0.71 ? 97  LYS A HD2  1 
ATOM 1468 H HD3  . LYS A 1 97  ? 7.459   10.999  -2.717  1.00 0.69 ? 97  LYS A HD3  1 
ATOM 1469 H HE2  . LYS A 1 97  ? 8.125   8.828   -4.457  1.00 1.39 ? 97  LYS A HE2  1 
ATOM 1470 H HE3  . LYS A 1 97  ? 7.511   10.152  -5.445  1.00 1.31 ? 97  LYS A HE3  1 
ATOM 1471 H HZ1  . LYS A 1 97  ? 9.452   10.698  -3.305  1.00 1.99 ? 97  LYS A HZ1  1 
ATOM 1472 H HZ2  . LYS A 1 97  ? 9.157   11.564  -4.738  1.00 2.14 ? 97  LYS A HZ2  1 
ATOM 1473 H HZ3  . LYS A 1 97  ? 9.993   10.086  -4.792  1.00 2.02 ? 97  LYS A HZ3  1 
ATOM 1474 N N    . ASP A 1 98  ? 2.858   8.944   -0.037  1.00 0.18 ? 98  ASP A N    1 
ATOM 1475 C CA   . ASP A 1 98  ? 1.898   9.347   1.032   1.00 0.20 ? 98  ASP A CA   1 
ATOM 1476 C C    . ASP A 1 98  ? 1.722   8.188   2.006   1.00 0.19 ? 98  ASP A C    1 
ATOM 1477 O O    . ASP A 1 98  ? 1.672   8.373   3.206   1.00 0.21 ? 98  ASP A O    1 
ATOM 1478 C CB   . ASP A 1 98  ? 0.544   9.682   0.403   1.00 0.21 ? 98  ASP A CB   1 
ATOM 1479 C CG   . ASP A 1 98  ? 0.652   10.980  -0.397  1.00 0.24 ? 98  ASP A CG   1 
ATOM 1480 O OD1  . ASP A 1 98  ? 1.532   11.769  -0.092  1.00 1.02 ? 98  ASP A OD1  1 
ATOM 1481 O OD2  . ASP A 1 98  ? -0.150  11.167  -1.297  1.00 1.07 ? 98  ASP A OD2  1 
ATOM 1482 H H    . ASP A 1 98  ? 2.590   8.971   -0.978  1.00 0.18 ? 98  ASP A H    1 
ATOM 1483 H HA   . ASP A 1 98  ? 2.278   10.211  1.558   1.00 0.21 ? 98  ASP A HA   1 
ATOM 1484 H HB2  . ASP A 1 98  ? 0.248   8.877   -0.255  1.00 0.21 ? 98  ASP A HB2  1 
ATOM 1485 H HB3  . ASP A 1 98  ? -0.195  9.799   1.181   1.00 0.23 ? 98  ASP A HB3  1 
ATOM 1486 N N    . LEU A 1 99  ? 1.643   6.995   1.501   1.00 0.19 ? 99  LEU A N    1 
ATOM 1487 C CA   . LEU A 1 99  ? 1.489   5.821   2.396   1.00 0.20 ? 99  LEU A CA   1 
ATOM 1488 C C    . LEU A 1 99  ? 2.763   5.670   3.251   1.00 0.19 ? 99  LEU A C    1 
ATOM 1489 O O    . LEU A 1 99  ? 2.695   5.365   4.422   1.00 0.20 ? 99  LEU A O    1 
ATOM 1490 C CB   . LEU A 1 99  ? 1.223   4.569   1.530   1.00 0.23 ? 99  LEU A CB   1 
ATOM 1491 C CG   . LEU A 1 99  ? 1.089   3.285   2.380   1.00 0.25 ? 99  LEU A CG   1 
ATOM 1492 C CD1  . LEU A 1 99  ? -0.204  3.282   3.218   1.00 0.29 ? 99  LEU A CD1  1 
ATOM 1493 C CD2  . LEU A 1 99  ? 1.084   2.062   1.447   1.00 0.30 ? 99  LEU A CD2  1 
ATOM 1494 H H    . LEU A 1 99  ? 1.697   6.869   0.531   1.00 0.19 ? 99  LEU A H    1 
ATOM 1495 H HA   . LEU A 1 99  ? 0.650   6.004   3.042   1.00 0.21 ? 99  LEU A HA   1 
ATOM 1496 H HB2  . LEU A 1 99  ? 0.308   4.716   0.974   1.00 0.24 ? 99  LEU A HB2  1 
ATOM 1497 H HB3  . LEU A 1 99  ? 2.041   4.451   0.835   1.00 0.22 ? 99  LEU A HB3  1 
ATOM 1498 H HG   . LEU A 1 99  ? 1.931   3.216   3.030   1.00 0.25 ? 99  LEU A HG   1 
ATOM 1499 H HD11 . LEU A 1 99  ? -0.292  2.337   3.737   1.00 1.07 ? 99  LEU A HD11 1 
ATOM 1500 H HD12 . LEU A 1 99  ? -1.056  3.415   2.571   1.00 1.07 ? 99  LEU A HD12 1 
ATOM 1501 H HD13 . LEU A 1 99  ? -0.177  4.074   3.946   1.00 1.04 ? 99  LEU A HD13 1 
ATOM 1502 H HD21 . LEU A 1 99  ? 0.223   1.445   1.658   1.00 1.07 ? 99  LEU A HD21 1 
ATOM 1503 H HD22 . LEU A 1 99  ? 1.982   1.487   1.607   1.00 0.98 ? 99  LEU A HD22 1 
ATOM 1504 H HD23 . LEU A 1 99  ? 1.044   2.388   0.419   1.00 1.05 ? 99  LEU A HD23 1 
ATOM 1505 N N    . LEU A 1 100 ? 3.922   5.888   2.674   1.00 0.19 ? 100 LEU A N    1 
ATOM 1506 C CA   . LEU A 1 100 ? 5.200   5.749   3.454   1.00 0.20 ? 100 LEU A CA   1 
ATOM 1507 C C    . LEU A 1 100 ? 5.147   6.588   4.736   1.00 0.20 ? 100 LEU A C    1 
ATOM 1508 O O    . LEU A 1 100 ? 5.537   6.128   5.794   1.00 0.21 ? 100 LEU A O    1 
ATOM 1509 C CB   . LEU A 1 100 ? 6.380   6.215   2.580   1.00 0.22 ? 100 LEU A CB   1 
ATOM 1510 C CG   . LEU A 1 100 ? 7.695   6.212   3.378   1.00 0.25 ? 100 LEU A CG   1 
ATOM 1511 C CD1  . LEU A 1 100 ? 7.960   4.812   3.943   1.00 0.30 ? 100 LEU A CD1  1 
ATOM 1512 C CD2  . LEU A 1 100 ? 8.839   6.613   2.442   1.00 0.27 ? 100 LEU A CD2  1 
ATOM 1513 H H    . LEU A 1 100 ? 3.954   6.138   1.728   1.00 0.20 ? 100 LEU A H    1 
ATOM 1514 H HA   . LEU A 1 100 ? 5.344   4.712   3.716   1.00 0.21 ? 100 LEU A HA   1 
ATOM 1515 H HB2  . LEU A 1 100 ? 6.478   5.550   1.735   1.00 0.24 ? 100 LEU A HB2  1 
ATOM 1516 H HB3  . LEU A 1 100 ? 6.185   7.214   2.224   1.00 0.23 ? 100 LEU A HB3  1 
ATOM 1517 H HG   . LEU A 1 100 ? 7.640   6.923   4.190   1.00 0.28 ? 100 LEU A HG   1 
ATOM 1518 H HD11 . LEU A 1 100 ? 9.021   4.668   4.075   1.00 0.99 ? 100 LEU A HD11 1 
ATOM 1519 H HD12 . LEU A 1 100 ? 7.578   4.070   3.258   1.00 1.06 ? 100 LEU A HD12 1 
ATOM 1520 H HD13 . LEU A 1 100 ? 7.463   4.711   4.896   1.00 1.09 ? 100 LEU A HD13 1 
ATOM 1521 H HD21 . LEU A 1 100 ? 9.776   6.589   2.979   1.00 0.96 ? 100 LEU A HD21 1 
ATOM 1522 H HD22 . LEU A 1 100 ? 8.665   7.614   2.073   1.00 0.93 ? 100 LEU A HD22 1 
ATOM 1523 H HD23 . LEU A 1 100 ? 8.881   5.927   1.611   1.00 0.96 ? 100 LEU A HD23 1 
ATOM 1524 N N    . LEU A 1 101 ? 4.684   7.808   4.671   1.00 0.21 ? 101 LEU A N    1 
ATOM 1525 C CA   . LEU A 1 101 ? 4.643   8.631   5.918   1.00 0.23 ? 101 LEU A CA   1 
ATOM 1526 C C    . LEU A 1 101 ? 3.795   7.932   6.982   1.00 0.22 ? 101 LEU A C    1 
ATOM 1527 O O    . LEU A 1 101 ? 4.175   7.861   8.132   1.00 0.23 ? 101 LEU A O    1 
ATOM 1528 C CB   . LEU A 1 101 ? 4.041   10.014  5.634   1.00 0.26 ? 101 LEU A CB   1 
ATOM 1529 C CG   . LEU A 1 101 ? 5.096   10.969  5.050   1.00 0.30 ? 101 LEU A CG   1 
ATOM 1530 C CD1  . LEU A 1 101 ? 6.170   11.309  6.114   1.00 0.43 ? 101 LEU A CD1  1 
ATOM 1531 C CD2  . LEU A 1 101 ? 5.716   10.345  3.791   1.00 0.47 ? 101 LEU A CD2  1 
ATOM 1532 H H    . LEU A 1 101 ? 4.377   8.179   3.816   1.00 0.22 ? 101 LEU A H    1 
ATOM 1533 H HA   . LEU A 1 101 ? 5.647   8.753   6.292   1.00 0.25 ? 101 LEU A HA   1 
ATOM 1534 H HB2  . LEU A 1 101 ? 3.239   9.901   4.917   1.00 0.30 ? 101 LEU A HB2  1 
ATOM 1535 H HB3  . LEU A 1 101 ? 3.639   10.428  6.546   1.00 0.29 ? 101 LEU A HB3  1 
ATOM 1536 H HG   . LEU A 1 101 ? 4.598   11.888  4.771   1.00 0.35 ? 101 LEU A HG   1 
ATOM 1537 H HD11 . LEU A 1 101 ? 7.061   10.720  5.966   1.00 1.19 ? 101 LEU A HD11 1 
ATOM 1538 H HD12 . LEU A 1 101 ? 5.781   11.111  7.100   1.00 1.09 ? 101 LEU A HD12 1 
ATOM 1539 H HD13 . LEU A 1 101 ? 6.420   12.357  6.038   1.00 1.08 ? 101 LEU A HD13 1 
ATOM 1540 H HD21 . LEU A 1 101 ? 6.507   9.656   4.045   1.00 1.17 ? 101 LEU A HD21 1 
ATOM 1541 H HD22 . LEU A 1 101 ? 6.106   11.126  3.156   1.00 1.14 ? 101 LEU A HD22 1 
ATOM 1542 H HD23 . LEU A 1 101 ? 4.947   9.818   3.267   1.00 1.09 ? 101 LEU A HD23 1 
ATOM 1543 N N    . HIS A 1 102 ? 2.655   7.420   6.620   1.00 0.22 ? 102 HIS A N    1 
ATOM 1544 C CA   . HIS A 1 102 ? 1.802   6.739   7.633   1.00 0.22 ? 102 HIS A CA   1 
ATOM 1545 C C    . HIS A 1 102 ? 2.435   5.419   8.086   1.00 0.21 ? 102 HIS A C    1 
ATOM 1546 O O    . HIS A 1 102 ? 2.311   5.032   9.223   1.00 0.22 ? 102 HIS A O    1 
ATOM 1547 C CB   . HIS A 1 102 ? 0.413   6.474   7.053   1.00 0.23 ? 102 HIS A CB   1 
ATOM 1548 C CG   . HIS A 1 102 ? -0.390  7.742   7.111   1.00 0.25 ? 102 HIS A CG   1 
ATOM 1549 N ND1  . HIS A 1 102 ? -1.174  8.076   8.204   1.00 0.26 ? 102 HIS A ND1  1 
ATOM 1550 C CD2  . HIS A 1 102 ? -0.529  8.771   6.221   1.00 0.28 ? 102 HIS A CD2  1 
ATOM 1551 C CE1  . HIS A 1 102 ? -1.744  9.265   7.945   1.00 0.29 ? 102 HIS A CE1  1 
ATOM 1552 N NE2  . HIS A 1 102 ? -1.385  9.736   6.748   1.00 0.30 ? 102 HIS A NE2  1 
ATOM 1553 H H    . HIS A 1 102 ? 2.356   7.487   5.689   1.00 0.22 ? 102 HIS A H    1 
ATOM 1554 H HA   . HIS A 1 102 ? 1.701   7.388   8.492   1.00 0.23 ? 102 HIS A HA   1 
ATOM 1555 H HB2  . HIS A 1 102 ? 0.505   6.150   6.027   1.00 0.24 ? 102 HIS A HB2  1 
ATOM 1556 H HB3  . HIS A 1 102 ? -0.081  5.710   7.632   1.00 0.23 ? 102 HIS A HB3  1 
ATOM 1557 H HD1  . HIS A 1 102 ? -1.291  7.541   9.017   1.00 0.26 ? 102 HIS A HD1  1 
ATOM 1558 H HD2  . HIS A 1 102 ? -0.049  8.821   5.256   1.00 0.30 ? 102 HIS A HD2  1 
ATOM 1559 H HE1  . HIS A 1 102 ? -2.408  9.778   8.626   1.00 0.32 ? 102 HIS A HE1  1 
ATOM 1560 N N    . LEU A 1 103 ? 3.091   4.703   7.219   1.00 0.21 ? 103 LEU A N    1 
ATOM 1561 C CA   . LEU A 1 103 ? 3.680   3.400   7.660   1.00 0.22 ? 103 LEU A CA   1 
ATOM 1562 C C    . LEU A 1 103 ? 4.656   3.612   8.822   1.00 0.23 ? 103 LEU A C    1 
ATOM 1563 O O    . LEU A 1 103 ? 4.505   3.028   9.876   1.00 0.25 ? 103 LEU A O    1 
ATOM 1564 C CB   . LEU A 1 103 ? 4.437   2.745   6.501   1.00 0.22 ? 103 LEU A CB   1 
ATOM 1565 C CG   . LEU A 1 103 ? 3.462   2.293   5.414   1.00 0.23 ? 103 LEU A CG   1 
ATOM 1566 C CD1  . LEU A 1 103 ? 4.255   1.730   4.233   1.00 0.24 ? 103 LEU A CD1  1 
ATOM 1567 C CD2  . LEU A 1 103 ? 2.508   1.211   5.932   1.00 0.24 ? 103 LEU A CD2  1 
ATOM 1568 H H    . LEU A 1 103 ? 3.179   5.004   6.289   1.00 0.21 ? 103 LEU A H    1 
ATOM 1569 H HA   . LEU A 1 103 ? 2.888   2.746   7.988   1.00 0.23 ? 103 LEU A HA   1 
ATOM 1570 H HB2  . LEU A 1 103 ? 5.125   3.463   6.081   1.00 0.23 ? 103 LEU A HB2  1 
ATOM 1571 H HB3  . LEU A 1 103 ? 4.990   1.898   6.860   1.00 0.22 ? 103 LEU A HB3  1 
ATOM 1572 H HG   . LEU A 1 103 ? 2.896   3.144   5.098   1.00 0.25 ? 103 LEU A HG   1 
ATOM 1573 H HD11 . LEU A 1 103 ? 4.657   0.763   4.499   1.00 1.01 ? 103 LEU A HD11 1 
ATOM 1574 H HD12 . LEU A 1 103 ? 5.065   2.400   3.989   1.00 1.04 ? 103 LEU A HD12 1 
ATOM 1575 H HD13 . LEU A 1 103 ? 3.606   1.624   3.377   1.00 1.07 ? 103 LEU A HD13 1 
ATOM 1576 H HD21 . LEU A 1 103 ? 2.232   0.557   5.117   1.00 1.01 ? 103 LEU A HD21 1 
ATOM 1577 H HD22 . LEU A 1 103 ? 1.619   1.676   6.332   1.00 1.04 ? 103 LEU A HD22 1 
ATOM 1578 H HD23 . LEU A 1 103 ? 2.990   0.639   6.701   1.00 1.09 ? 103 LEU A HD23 1 
ATOM 1579 N N    . LYS A 1 104 ? 5.658   4.432   8.652   1.00 0.23 ? 104 LYS A N    1 
ATOM 1580 C CA   . LYS A 1 104 ? 6.623   4.642   9.771   1.00 0.26 ? 104 LYS A CA   1 
ATOM 1581 C C    . LYS A 1 104 ? 5.925   5.354   10.934  1.00 0.24 ? 104 LYS A C    1 
ATOM 1582 O O    . LYS A 1 104 ? 6.380   5.318   12.060  1.00 0.25 ? 104 LYS A O    1 
ATOM 1583 C CB   . LYS A 1 104 ? 7.832   5.461   9.290   1.00 0.32 ? 104 LYS A CB   1 
ATOM 1584 C CG   . LYS A 1 104 ? 7.392   6.830   8.757   1.00 0.34 ? 104 LYS A CG   1 
ATOM 1585 C CD   . LYS A 1 104 ? 8.636   7.679   8.473   1.00 0.46 ? 104 LYS A CD   1 
ATOM 1586 C CE   . LYS A 1 104 ? 8.287   8.788   7.479   1.00 1.06 ? 104 LYS A CE   1 
ATOM 1587 N NZ   . LYS A 1 104 ? 9.392   9.786   7.437   1.00 1.73 ? 104 LYS A NZ   1 
ATOM 1588 H H    . LYS A 1 104 ? 5.779   4.898   7.796   1.00 0.23 ? 104 LYS A H    1 
ATOM 1589 H HA   . LYS A 1 104 ? 6.969   3.677   10.114  1.00 0.29 ? 104 LYS A HA   1 
ATOM 1590 H HB2  . LYS A 1 104 ? 8.515   5.603   10.114  1.00 0.37 ? 104 LYS A HB2  1 
ATOM 1591 H HB3  . LYS A 1 104 ? 8.335   4.919   8.502   1.00 0.36 ? 104 LYS A HB3  1 
ATOM 1592 H HG2  . LYS A 1 104 ? 6.829   6.699   7.845   1.00 0.38 ? 104 LYS A HG2  1 
ATOM 1593 H HG3  . LYS A 1 104 ? 6.781   7.332   9.490   1.00 0.37 ? 104 LYS A HG3  1 
ATOM 1594 H HD2  . LYS A 1 104 ? 8.986   8.120   9.395   1.00 1.30 ? 104 LYS A HD2  1 
ATOM 1595 H HD3  . LYS A 1 104 ? 9.412   7.055   8.057   1.00 1.13 ? 104 LYS A HD3  1 
ATOM 1596 H HE2  . LYS A 1 104 ? 8.152   8.359   6.497   1.00 1.61 ? 104 LYS A HE2  1 
ATOM 1597 H HE3  . LYS A 1 104 ? 7.375   9.273   7.789   1.00 1.68 ? 104 LYS A HE3  1 
ATOM 1598 H HZ1  . LYS A 1 104 ? 10.239  9.351   7.019   1.00 2.10 ? 104 LYS A HZ1  1 
ATOM 1599 H HZ2  . LYS A 1 104 ? 9.606   10.107  8.403   1.00 2.23 ? 104 LYS A HZ2  1 
ATOM 1600 H HZ3  . LYS A 1 104 ? 9.103   10.599  6.857   1.00 2.20 ? 104 LYS A HZ3  1 
ATOM 1601 N N    . LYS A 1 105 ? 4.833   6.014   10.665  1.00 0.24 ? 105 LYS A N    1 
ATOM 1602 C CA   . LYS A 1 105 ? 4.109   6.744   11.747  1.00 0.25 ? 105 LYS A CA   1 
ATOM 1603 C C    . LYS A 1 105 ? 3.618   5.769   12.827  1.00 0.24 ? 105 LYS A C    1 
ATOM 1604 O O    . LYS A 1 105 ? 3.827   5.983   14.004  1.00 0.25 ? 105 LYS A O    1 
ATOM 1605 C CB   . LYS A 1 105 ? 2.914   7.475   11.134  1.00 0.28 ? 105 LYS A CB   1 
ATOM 1606 C CG   . LYS A 1 105 ? 2.284   8.408   12.167  1.00 0.40 ? 105 LYS A CG   1 
ATOM 1607 C CD   . LYS A 1 105 ? 1.095   9.129   11.527  1.00 0.43 ? 105 LYS A CD   1 
ATOM 1608 C CE   . LYS A 1 105 ? 0.359   9.951   12.586  1.00 1.13 ? 105 LYS A CE   1 
ATOM 1609 N NZ   . LYS A 1 105 ? 1.155   11.167  12.917  1.00 1.85 ? 105 LYS A NZ   1 
ATOM 1610 H H    . LYS A 1 105 ? 4.490   6.037   9.747   1.00 0.26 ? 105 LYS A H    1 
ATOM 1611 H HA   . LYS A 1 105 ? 4.774   7.467   12.195  1.00 0.27 ? 105 LYS A HA   1 
ATOM 1612 H HB2  . LYS A 1 105 ? 3.243   8.052   10.284  1.00 0.39 ? 105 LYS A HB2  1 
ATOM 1613 H HB3  . LYS A 1 105 ? 2.179   6.754   10.814  1.00 0.41 ? 105 LYS A HB3  1 
ATOM 1614 H HG2  . LYS A 1 105 ? 1.947   7.829   13.015  1.00 0.54 ? 105 LYS A HG2  1 
ATOM 1615 H HG3  . LYS A 1 105 ? 3.015   9.134   12.489  1.00 0.53 ? 105 LYS A HG3  1 
ATOM 1616 H HD2  . LYS A 1 105 ? 1.453   9.786   10.747  1.00 0.76 ? 105 LYS A HD2  1 
ATOM 1617 H HD3  . LYS A 1 105 ? 0.420   8.402   11.103  1.00 0.83 ? 105 LYS A HD3  1 
ATOM 1618 H HE2  . LYS A 1 105 ? -0.606  10.247  12.203  1.00 1.77 ? 105 LYS A HE2  1 
ATOM 1619 H HE3  . LYS A 1 105 ? 0.224   9.355   13.476  1.00 1.64 ? 105 LYS A HE3  1 
ATOM 1620 H HZ1  . LYS A 1 105 ? 2.012   10.889  13.436  1.00 2.28 ? 105 LYS A HZ1  1 
ATOM 1621 H HZ2  . LYS A 1 105 ? 0.582   11.804  13.507  1.00 2.37 ? 105 LYS A HZ2  1 
ATOM 1622 H HZ3  . LYS A 1 105 ? 1.426   11.654  12.040  1.00 2.31 ? 105 LYS A HZ3  1 
ATOM 1623 N N    . LEU A 1 106 ? 2.960   4.707   12.442  1.00 0.24 ? 106 LEU A N    1 
ATOM 1624 C CA   . LEU A 1 106 ? 2.450   3.732   13.456  1.00 0.25 ? 106 LEU A CA   1 
ATOM 1625 C C    . LEU A 1 106 ? 3.626   3.081   14.193  1.00 0.24 ? 106 LEU A C    1 
ATOM 1626 O O    . LEU A 1 106 ? 3.486   2.624   15.310  1.00 0.27 ? 106 LEU A O    1 
ATOM 1627 C CB   . LEU A 1 106 ? 1.621   2.633   12.771  1.00 0.27 ? 106 LEU A CB   1 
ATOM 1628 C CG   . LEU A 1 106 ? 0.194   3.120   12.432  1.00 0.29 ? 106 LEU A CG   1 
ATOM 1629 C CD1  . LEU A 1 106 ? -0.693  3.117   13.682  1.00 0.34 ? 106 LEU A CD1  1 
ATOM 1630 C CD2  . LEU A 1 106 ? 0.227   4.535   11.842  1.00 0.32 ? 106 LEU A CD2  1 
ATOM 1631 H H    . LEU A 1 106 ? 2.794   4.553   11.489  1.00 0.24 ? 106 LEU A H    1 
ATOM 1632 H HA   . LEU A 1 106 ? 1.838   4.252   14.174  1.00 0.27 ? 106 LEU A HA   1 
ATOM 1633 H HB2  . LEU A 1 106 ? 2.119   2.333   11.860  1.00 0.27 ? 106 LEU A HB2  1 
ATOM 1634 H HB3  . LEU A 1 106 ? 1.556   1.780   13.430  1.00 0.29 ? 106 LEU A HB3  1 
ATOM 1635 H HG   . LEU A 1 106 ? -0.235  2.448   11.702  1.00 0.36 ? 106 LEU A HG   1 
ATOM 1636 H HD11 . LEU A 1 106 ? -1.394  2.298   13.618  1.00 1.11 ? 106 LEU A HD11 1 
ATOM 1637 H HD12 . LEU A 1 106 ? -1.236  4.048   13.739  1.00 1.05 ? 106 LEU A HD12 1 
ATOM 1638 H HD13 . LEU A 1 106 ? -0.085  3.000   14.565  1.00 1.04 ? 106 LEU A HD13 1 
ATOM 1639 H HD21 . LEU A 1 106 ? 0.437   5.254   12.617  1.00 1.08 ? 106 LEU A HD21 1 
ATOM 1640 H HD22 . LEU A 1 106 ? -0.732  4.759   11.400  1.00 1.06 ? 106 LEU A HD22 1 
ATOM 1641 H HD23 . LEU A 1 106 ? 0.986   4.588   11.085  1.00 0.99 ? 106 LEU A HD23 1 
ATOM 1642 N N    . PHE A 1 107 ? 4.778   3.025   13.582  1.00 0.23 ? 107 PHE A N    1 
ATOM 1643 C CA   . PHE A 1 107 ? 5.941   2.388   14.266  1.00 0.24 ? 107 PHE A CA   1 
ATOM 1644 C C    . PHE A 1 107 ? 6.227   3.138   15.564  1.00 0.27 ? 107 PHE A C    1 
ATOM 1645 O O    . PHE A 1 107 ? 6.537   2.548   16.580  1.00 0.30 ? 107 PHE A O    1 
ATOM 1646 C CB   . PHE A 1 107 ? 7.180   2.456   13.366  1.00 0.23 ? 107 PHE A CB   1 
ATOM 1647 C CG   . PHE A 1 107 ? 8.344   1.806   14.074  1.00 0.25 ? 107 PHE A CG   1 
ATOM 1648 C CD1  . PHE A 1 107 ? 8.397   0.415   14.176  1.00 0.24 ? 107 PHE A CD1  1 
ATOM 1649 C CD2  . PHE A 1 107 ? 9.362   2.589   14.634  1.00 0.33 ? 107 PHE A CD2  1 
ATOM 1650 C CE1  . PHE A 1 107 ? 9.460   -0.202  14.835  1.00 0.27 ? 107 PHE A CE1  1 
ATOM 1651 C CE2  . PHE A 1 107 ? 10.434  1.971   15.294  1.00 0.36 ? 107 PHE A CE2  1 
ATOM 1652 C CZ   . PHE A 1 107 ? 10.482  0.574   15.394  1.00 0.32 ? 107 PHE A CZ   1 
ATOM 1653 H H    . PHE A 1 107 ? 4.877   3.390   12.679  1.00 0.22 ? 107 PHE A H    1 
ATOM 1654 H HA   . PHE A 1 107 ? 5.710   1.356   14.487  1.00 0.24 ? 107 PHE A HA   1 
ATOM 1655 H HB2  . PHE A 1 107 ? 6.983   1.933   12.443  1.00 0.22 ? 107 PHE A HB2  1 
ATOM 1656 H HB3  . PHE A 1 107 ? 7.418   3.487   13.154  1.00 0.25 ? 107 PHE A HB3  1 
ATOM 1657 H HD1  . PHE A 1 107 ? 7.617   -0.185  13.742  1.00 0.23 ? 107 PHE A HD1  1 
ATOM 1658 H HD2  . PHE A 1 107 ? 9.323   3.665   14.556  1.00 0.37 ? 107 PHE A HD2  1 
ATOM 1659 H HE1  . PHE A 1 107 ? 9.488   -1.277  14.913  1.00 0.27 ? 107 PHE A HE1  1 
ATOM 1660 H HE2  . PHE A 1 107 ? 11.222  2.572   15.724  1.00 0.43 ? 107 PHE A HE2  1 
ATOM 1661 H HZ   . PHE A 1 107 ? 11.307  0.097   15.903  1.00 0.35 ? 107 PHE A HZ   1 
ATOM 1662 N N    . ARG A 1 108 ? 6.127   4.434   15.537  1.00 0.30 ? 108 ARG A N    1 
ATOM 1663 C CA   . ARG A 1 108 ? 6.393   5.226   16.766  1.00 0.36 ? 108 ARG A CA   1 
ATOM 1664 C C    . ARG A 1 108 ? 5.417   4.814   17.871  1.00 0.38 ? 108 ARG A C    1 
ATOM 1665 O O    . ARG A 1 108 ? 5.777   4.737   19.029  1.00 0.43 ? 108 ARG A O    1 
ATOM 1666 C CB   . ARG A 1 108 ? 6.224   6.715   16.466  1.00 0.42 ? 108 ARG A CB   1 
ATOM 1667 C CG   . ARG A 1 108 ? 7.209   7.134   15.369  1.00 0.49 ? 108 ARG A CG   1 
ATOM 1668 C CD   . ARG A 1 108 ? 7.775   8.521   15.682  1.00 0.83 ? 108 ARG A CD   1 
ATOM 1669 N NE   . ARG A 1 108 ? 8.297   9.139   14.432  1.00 1.48 ? 108 ARG A NE   1 
ATOM 1670 C CZ   . ARG A 1 108 ? 8.580   10.411  14.409  1.00 2.17 ? 108 ARG A CZ   1 
ATOM 1671 N NH1  . ARG A 1 108 ? 8.433   11.128  15.488  1.00 2.50 ? 108 ARG A NH1  1 
ATOM 1672 N NH2  . ARG A 1 108 ? 9.015   10.966  13.311  1.00 3.13 ? 108 ARG A NH2  1 
ATOM 1673 H H    . ARG A 1 108 ? 5.876   4.889   14.707  1.00 0.29 ? 108 ARG A H    1 
ATOM 1674 H HA   . ARG A 1 108 ? 7.403   5.039   17.099  1.00 0.38 ? 108 ARG A HA   1 
ATOM 1675 H HB2  . ARG A 1 108 ? 5.212   6.902   16.134  1.00 0.42 ? 108 ARG A HB2  1 
ATOM 1676 H HB3  . ARG A 1 108 ? 6.419   7.283   17.363  1.00 0.45 ? 108 ARG A HB3  1 
ATOM 1677 H HG2  . ARG A 1 108 ? 8.016   6.420   15.313  1.00 0.97 ? 108 ARG A HG2  1 
ATOM 1678 H HG3  . ARG A 1 108 ? 6.694   7.167   14.420  1.00 0.84 ? 108 ARG A HG3  1 
ATOM 1679 H HD2  . ARG A 1 108 ? 6.999   9.150   16.090  1.00 1.52 ? 108 ARG A HD2  1 
ATOM 1680 H HD3  . ARG A 1 108 ? 8.576   8.426   16.402  1.00 1.48 ? 108 ARG A HD3  1 
ATOM 1681 H HE   . ARG A 1 108 ? 8.417   8.593   13.626  1.00 2.04 ? 108 ARG A HE   1 
ATOM 1682 H HH11 . ARG A 1 108 ? 8.103   10.700  16.331  1.00 2.36 ? 108 ARG A HH11 1 
ATOM 1683 H HH12 . ARG A 1 108 ? 8.650   12.104  15.475  1.00 3.27 ? 108 ARG A HH12 1 
ATOM 1684 H HH21 . ARG A 1 108 ? 9.132   10.414  12.485  1.00 3.49 ? 108 ARG A HH21 1 
ATOM 1685 H HH22 . ARG A 1 108 ? 9.232   11.941  13.296  1.00 3.72 ? 108 ARG A HH22 1 
ATOM 1686 N N    . GLU A 1 109 ? 4.181   4.564   17.533  1.00 0.36 ? 109 GLU A N    1 
ATOM 1687 C CA   . GLU A 1 109 ? 3.195   4.177   18.581  1.00 0.40 ? 109 GLU A CA   1 
ATOM 1688 C C    . GLU A 1 109 ? 3.259   2.665   18.826  1.00 0.39 ? 109 GLU A C    1 
ATOM 1689 O O    . GLU A 1 109 ? 2.590   2.142   19.695  1.00 0.44 ? 109 GLU A O    1 
ATOM 1690 C CB   . GLU A 1 109 ? 1.784   4.564   18.132  1.00 0.43 ? 109 GLU A CB   1 
ATOM 1691 C CG   . GLU A 1 109 ? 1.723   6.074   17.887  1.00 0.48 ? 109 GLU A CG   1 
ATOM 1692 C CD   . GLU A 1 109 ? 0.266   6.508   17.711  1.00 1.19 ? 109 GLU A CD   1 
ATOM 1693 O OE1  . GLU A 1 109 ? -0.277  6.279   16.643  1.00 1.94 ? 109 GLU A OE1  1 
ATOM 1694 O OE2  . GLU A 1 109 ? -0.280  7.068   18.647  1.00 1.91 ? 109 GLU A OE2  1 
ATOM 1695 H H    . GLU A 1 109 ? 3.900   4.640   16.597  1.00 0.34 ? 109 GLU A H    1 
ATOM 1696 H HA   . GLU A 1 109 ? 3.431   4.695   19.500  1.00 0.46 ? 109 GLU A HA   1 
ATOM 1697 H HB2  . GLU A 1 109 ? 1.537   4.040   17.220  1.00 0.41 ? 109 GLU A HB2  1 
ATOM 1698 H HB3  . GLU A 1 109 ? 1.075   4.300   18.902  1.00 0.47 ? 109 GLU A HB3  1 
ATOM 1699 H HG2  . GLU A 1 109 ? 2.157   6.594   18.728  1.00 0.98 ? 109 GLU A HG2  1 
ATOM 1700 H HG3  . GLU A 1 109 ? 2.277   6.314   16.990  1.00 0.96 ? 109 GLU A HG3  1 
ATOM 1701 N N    . GLY A 1 110 ? 4.058   1.955   18.073  1.00 0.35 ? 110 GLY A N    1 
ATOM 1702 C CA   . GLY A 1 110 ? 4.159   0.486   18.273  1.00 0.36 ? 110 GLY A CA   1 
ATOM 1703 C C    . GLY A 1 110 ? 2.775   -0.144  18.127  1.00 0.38 ? 110 GLY A C    1 
ATOM 1704 O O    . GLY A 1 110 ? 2.592   -1.318  18.382  1.00 0.42 ? 110 GLY A O    1 
ATOM 1705 H H    . GLY A 1 110 ? 4.592   2.386   17.377  1.00 0.34 ? 110 GLY A H    1 
ATOM 1706 H HA2  . GLY A 1 110 ? 4.827   0.070   17.532  1.00 0.34 ? 110 GLY A HA2  1 
ATOM 1707 H HA3  . GLY A 1 110 ? 4.545   0.281   19.259  1.00 0.41 ? 110 GLY A HA3  1 
ATOM 1708 N N    . ARG A 1 111 ? 1.801   0.622   17.705  1.00 0.37 ? 111 ARG A N    1 
ATOM 1709 C CA   . ARG A 1 111 ? 0.436   0.051   17.533  1.00 0.41 ? 111 ARG A CA   1 
ATOM 1710 C C    . ARG A 1 111 ? 0.283   -0.410  16.091  1.00 0.39 ? 111 ARG A C    1 
ATOM 1711 O O    . ARG A 1 111 ? -0.065  0.350   15.208  1.00 0.41 ? 111 ARG A O    1 
ATOM 1712 C CB   . ARG A 1 111 ? -0.629  1.106   17.849  1.00 0.45 ? 111 ARG A CB   1 
ATOM 1713 C CG   . ARG A 1 111 ? -0.569  1.478   19.333  1.00 0.53 ? 111 ARG A CG   1 
ATOM 1714 C CD   . ARG A 1 111 ? -1.904  2.091   19.754  1.00 0.59 ? 111 ARG A CD   1 
ATOM 1715 N NE   . ARG A 1 111 ? -1.772  2.658   21.125  1.00 1.37 ? 111 ARG A NE   1 
ATOM 1716 C CZ   . ARG A 1 111 ? -2.708  3.426   21.607  1.00 1.93 ? 111 ARG A CZ   1 
ATOM 1717 N NH1  . ARG A 1 111 ? -3.779  3.669   20.901  1.00 2.21 ? 111 ARG A NH1  1 
ATOM 1718 N NH2  . ARG A 1 111 ? -2.581  3.941   22.799  1.00 2.86 ? 111 ARG A NH2  1 
ATOM 1719 H H    . ARG A 1 111 ? 1.971   1.563   17.495  1.00 0.37 ? 111 ARG A H    1 
ATOM 1720 H HA   . ARG A 1 111 ? 0.311   -0.797  18.188  1.00 0.45 ? 111 ARG A HA   1 
ATOM 1721 H HB2  . ARG A 1 111 ? -0.448  1.988   17.250  1.00 0.45 ? 111 ARG A HB2  1 
ATOM 1722 H HB3  . ARG A 1 111 ? -1.606  0.711   17.618  1.00 0.46 ? 111 ARG A HB3  1 
ATOM 1723 H HG2  . ARG A 1 111 ? -0.377  0.595   19.925  1.00 0.57 ? 111 ARG A HG2  1 
ATOM 1724 H HG3  . ARG A 1 111 ? 0.220   2.197   19.493  1.00 0.57 ? 111 ARG A HG3  1 
ATOM 1725 H HD2  . ARG A 1 111 ? -2.179  2.874   19.068  1.00 1.11 ? 111 ARG A HD2  1 
ATOM 1726 H HD3  . ARG A 1 111 ? -2.668  1.324   19.746  1.00 1.02 ? 111 ARG A HD3  1 
ATOM 1727 H HE   . ARG A 1 111 ? -0.974  2.464   21.661  1.00 2.06 ? 111 ARG A HE   1 
ATOM 1728 H HH11 . ARG A 1 111 ? -3.879  3.268   19.991  1.00 2.07 ? 111 ARG A HH11 1 
ATOM 1729 H HH12 . ARG A 1 111 ? -4.499  4.255   21.271  1.00 2.98 ? 111 ARG A HH12 1 
ATOM 1730 H HH21 . ARG A 1 111 ? -1.764  3.748   23.342  1.00 3.27 ? 111 ARG A HH21 1 
ATOM 1731 H HH22 . ARG A 1 111 ? -3.300  4.528   23.169  1.00 3.40 ? 111 ARG A HH22 1 
ATOM 1732 N N    . PHE A 1 112 ? 0.553   -1.657  15.852  1.00 0.40 ? 112 PHE A N    1 
ATOM 1733 C CA   . PHE A 1 112 ? 0.446   -2.200  14.478  1.00 0.42 ? 112 PHE A CA   1 
ATOM 1734 C C    . PHE A 1 112 ? -0.975  -2.714  14.255  1.00 0.50 ? 112 PHE A C    1 
ATOM 1735 O O    . PHE A 1 112 ? -1.516  -3.438  15.066  1.00 0.58 ? 112 PHE A O    1 
ATOM 1736 C CB   . PHE A 1 112 ? 1.459   -3.334  14.346  1.00 0.42 ? 112 PHE A CB   1 
ATOM 1737 C CG   . PHE A 1 112 ? 2.787   -2.823  14.853  1.00 0.35 ? 112 PHE A CG   1 
ATOM 1738 C CD1  . PHE A 1 112 ? 3.582   -2.030  14.029  1.00 0.29 ? 112 PHE A CD1  1 
ATOM 1739 C CD2  . PHE A 1 112 ? 3.209   -3.121  16.157  1.00 0.38 ? 112 PHE A CD2  1 
ATOM 1740 C CE1  . PHE A 1 112 ? 4.804   -1.536  14.503  1.00 0.25 ? 112 PHE A CE1  1 
ATOM 1741 C CE2  . PHE A 1 112 ? 4.435   -2.623  16.624  1.00 0.35 ? 112 PHE A CE2  1 
ATOM 1742 C CZ   . PHE A 1 112 ? 5.228   -1.831  15.791  1.00 0.28 ? 112 PHE A CZ   1 
ATOM 1743 H H    . PHE A 1 112 ? 0.839   -2.241  16.584  1.00 0.43 ? 112 PHE A H    1 
ATOM 1744 H HA   . PHE A 1 112 ? 0.672   -1.425  13.759  1.00 0.39 ? 112 PHE A HA   1 
ATOM 1745 H HB2  . PHE A 1 112 ? 1.140   -4.180  14.936  1.00 0.48 ? 112 PHE A HB2  1 
ATOM 1746 H HB3  . PHE A 1 112 ? 1.553   -3.622  13.310  1.00 0.44 ? 112 PHE A HB3  1 
ATOM 1747 H HD1  . PHE A 1 112 ? 3.256   -1.801  13.028  1.00 0.32 ? 112 PHE A HD1  1 
ATOM 1748 H HD2  . PHE A 1 112 ? 2.594   -3.733  16.798  1.00 0.44 ? 112 PHE A HD2  1 
ATOM 1749 H HE1  . PHE A 1 112 ? 5.417   -0.919  13.882  1.00 0.25 ? 112 PHE A HE1  1 
ATOM 1750 H HE2  . PHE A 1 112 ? 4.763   -2.842  17.626  1.00 0.40 ? 112 PHE A HE2  1 
ATOM 1751 H HZ   . PHE A 1 112 ? 6.173   -1.449  16.139  1.00 0.29 ? 112 PHE A HZ   1 
ATOM 1752 N N    . ASN A 1 113 ? -1.588  -2.336  13.164  1.00 0.56 ? 113 ASN A N    1 
ATOM 1753 C CA   . ASN A 1 113 ? -2.988  -2.782  12.883  1.00 0.66 ? 113 ASN A CA   1 
ATOM 1754 C C    . ASN A 1 113 ? -3.918  -2.230  13.969  1.00 1.47 ? 113 ASN A C    1 
ATOM 1755 O O    . ASN A 1 113 ? -3.489  -2.147  15.108  1.00 2.22 ? 113 ASN A O    1 
ATOM 1756 C CB   . ASN A 1 113 ? -3.081  -4.326  12.871  1.00 1.53 ? 113 ASN A CB   1 
ATOM 1757 C CG   . ASN A 1 113 ? -3.463  -4.873  11.481  1.00 2.22 ? 113 ASN A CG   1 
ATOM 1758 O OD1  . ASN A 1 113 ? -3.845  -4.146  10.584  1.00 2.71 ? 113 ASN A OD1  1 
ATOM 1759 N ND2  . ASN A 1 113 ? -3.379  -6.157  11.270  1.00 3.05 ? 113 ASN A ND2  1 
ATOM 1760 O OXT  . ASN A 1 113 ? -5.044  -1.895  13.641  1.00 2.04 ? 113 ASN A OXT  1 
ATOM 1761 H H    . ASN A 1 113 ? -1.131  -1.744  12.530  1.00 0.59 ? 113 ASN A H    1 
ATOM 1762 H HA   . ASN A 1 113 ? -3.291  -2.382  11.933  1.00 0.45 ? 113 ASN A HA   1 
ATOM 1763 H HB2  . ASN A 1 113 ? -2.130  -4.747  13.155  1.00 2.15 ? 113 ASN A HB2  1 
ATOM 1764 H HB3  . ASN A 1 113 ? -3.828  -4.636  13.586  1.00 1.93 ? 113 ASN A HB3  1 
ATOM 1765 H HD21 . ASN A 1 113 ? -3.080  -6.754  11.988  1.00 3.25 ? 113 ASN A HD21 1 
ATOM 1766 H HD22 . ASN A 1 113 ? -3.618  -6.527  10.394  1.00 3.76 ? 113 ASN A HD22 1 
# 
